data_6Q2N
#
_entry.id   6Q2N
#
_cell.length_a   1.00
_cell.length_b   1.00
_cell.length_c   1.00
_cell.angle_alpha   90.00
_cell.angle_beta   90.00
_cell.angle_gamma   90.00
#
_symmetry.space_group_name_H-M   'P 1'
#
loop_
_entity.id
_entity.type
_entity.pdbx_description
1 polymer 'Glial cell line-derived neurotrophic factor'
2 polymer 'GDNF family receptor alpha-1'
3 polymer 'Proto-oncogene tyrosine-protein kinase receptor Ret'
4 non-polymer 'CALCIUM ION'
#
loop_
_entity_poly.entity_id
_entity_poly.type
_entity_poly.pdbx_seq_one_letter_code
_entity_poly.pdbx_strand_id
1 'polypeptide(L)'
;SPDKQMAVLPRRERNRQAAAANPENSRGKGRRGQRGKNRGCVLTAIHLNVTDLGLGYETKEELIFRYCSGSCDAAETTYD
KILKNLSRNRRLVSDKVGQACCRPIAFDDDLSFLDDNLVYHILRKHSAKRCGCI
;
A,B
2 'polypeptide(L)'
;DRLDCVKASDQCLKEQSCSTKYRTLRQCVAGKETNFSLASGLEAKDECRSAMEALKQKSLYNCRCKRGMKKEKNCLRIYW
SMYQSLQGNDLLEDSPYEPVNSRLSDIFRVVPFISDVFQQVEHIPKGNNCLDAAKACNLDDICKKYRSAYITPCTTSVSN
DVCNRRKCHKALRQFFDKVPAKHSYGMLFCSCRDIACTERRRQTIVPVCSYEEREKPNCLNLQDSCKTNYICRSRLADFF
TNCQPESRSVSSCLKENYADCLLAYSGLIGTVMTPNYIDSSSLSVAPWCDCSNSGNDLEECLKFLNFFKDNTCLKNAIQA
FGNGSDVTVWQPAFPVQTTTATTTTALRVKNKPLGPAGSENEIPTHVLPPCANLQAQKLKSNVSGNTHLCISNGNYEKEG
LGGTHHHHHHHH
;
C,D
3 'polypeptide(L)'
;LYFSRDAYWEKLYVDQAAGTPLLYVHALRDAPEEVPSFRLGQHLYGTYRTRLHENNWICIQEDTGLLYLNRSLDHSSWEK
LSVRNHGFPLLTVYLKVFLSPTSLREGECQWPGCARVYFSFFNTSFPACSSLKPRELCFPETRPSFRIRENRPPGTFHQF
RLLPVQFLCPNISVAYRLLEGEGLPFRCAPDSLEVSTRWALDREQREKYELVAVCTVHAGAREEVVMVPFPVTVYDEDDS
APTFPAGVDTASAVVEFKRKEDTVVATLRVFDADVVPASGELVRRYTSTLLPGDTWAQQTFRVEHWPNETSVQANGSFVR
ATVHDYRLVLNRNLSISENRTMQLAVLVNDSDFQGPGAGVLLLHFNVSVLPVSLHLPSTYSLSVSRRARRFAQIGKVCVE
NCQAFSGINVQYKLHSSGANCSTLGVVTSAEDTSGILFVNDTKALRRPKCAELHYMVVATDQQTSRQAQAQLLVTVEGSY
VAEEAGCPLSCAVSKRRLECEECGGLGSPTGRCEWRQGDGKGITRNFSTCSPSTKTCPDGHCDVVETQDINICPQDCLRG
SIVGGHEPGEPRGIKAGYGTCNCFPEEEKCFCEPEDIQDPLCDELCRGTHHHHHHHH
;
E,F
#
# COMPACT_ATOMS: atom_id res chain seq x y z
N GLY A 40 1.74 16.06 16.50
CA GLY A 40 1.50 14.70 16.97
C GLY A 40 2.76 13.87 16.88
N CYS A 41 2.68 12.77 16.12
CA CYS A 41 3.83 11.90 15.88
C CYS A 41 4.67 12.57 14.80
N VAL A 42 5.81 13.15 15.21
CA VAL A 42 6.61 13.98 14.33
C VAL A 42 8.05 13.49 14.29
N LEU A 43 8.80 14.03 13.32
CA LEU A 43 10.17 13.62 13.02
C LEU A 43 11.18 14.43 13.81
N THR A 44 12.24 13.76 14.26
CA THR A 44 13.30 14.41 15.04
C THR A 44 14.63 13.73 14.78
N ALA A 45 15.61 14.50 14.33
CA ALA A 45 16.95 13.98 14.06
C ALA A 45 17.77 14.08 15.33
N ILE A 46 18.82 13.26 15.41
CA ILE A 46 19.70 13.21 16.58
C ILE A 46 21.06 12.68 16.14
N HIS A 47 22.07 12.97 16.95
CA HIS A 47 23.41 12.42 16.78
C HIS A 47 23.62 11.38 17.86
N LEU A 48 24.10 10.19 17.48
CA LEU A 48 24.51 9.21 18.49
C LEU A 48 25.71 8.40 18.06
N ASN A 49 26.25 7.67 19.04
CA ASN A 49 27.23 6.63 18.84
C ASN A 49 26.55 5.30 18.60
N VAL A 50 27.23 4.41 17.87
CA VAL A 50 26.75 3.03 17.77
C VAL A 50 26.99 2.32 19.10
N THR A 51 27.98 2.79 19.89
CA THR A 51 28.10 2.35 21.28
C THR A 51 26.87 2.74 22.09
N ASP A 52 26.24 3.85 21.72
CA ASP A 52 25.03 4.24 22.41
C ASP A 52 23.80 3.52 21.85
N LEU A 53 23.94 2.79 20.73
CA LEU A 53 22.90 1.82 20.40
C LEU A 53 22.95 0.65 21.37
N GLY A 54 24.15 0.24 21.79
CA GLY A 54 24.34 -0.78 22.80
C GLY A 54 23.94 -2.19 22.39
N LEU A 55 24.17 -2.56 21.14
CA LEU A 55 23.90 -3.92 20.66
C LEU A 55 25.05 -4.87 20.95
N GLY A 56 26.13 -4.37 21.55
CA GLY A 56 27.26 -5.19 21.86
C GLY A 56 28.36 -5.18 20.84
N TYR A 57 28.25 -4.40 19.77
CA TYR A 57 29.30 -4.29 18.78
C TYR A 57 30.49 -3.53 19.37
N GLU A 58 31.71 -3.99 19.07
CA GLU A 58 32.91 -3.46 19.70
C GLU A 58 33.51 -2.40 18.78
N THR A 59 32.92 -1.21 18.82
CA THR A 59 33.46 -0.09 18.06
C THR A 59 33.30 1.20 18.86
N LYS A 60 33.55 2.33 18.20
CA LYS A 60 33.22 3.65 18.72
C LYS A 60 32.53 4.53 17.69
N GLU A 61 32.26 3.99 16.51
CA GLU A 61 31.78 4.78 15.38
C GLU A 61 30.31 5.16 15.59
N GLU A 62 29.78 6.04 14.73
CA GLU A 62 28.61 6.83 15.07
C GLU A 62 27.52 6.72 14.02
N LEU A 63 26.49 7.55 14.20
CA LEU A 63 25.34 7.59 13.31
C LEU A 63 24.52 8.85 13.55
N ILE A 64 23.65 9.13 12.58
CA ILE A 64 22.64 10.17 12.68
C ILE A 64 21.27 9.53 12.55
N PHE A 65 20.47 9.68 13.61
CA PHE A 65 19.31 8.83 13.85
C PHE A 65 18.04 9.66 13.92
N ARG A 66 17.02 9.26 13.18
CA ARG A 66 15.84 10.09 13.01
C ARG A 66 14.58 9.34 13.40
N TYR A 67 13.96 9.82 14.48
CA TYR A 67 12.91 9.10 15.17
C TYR A 67 11.60 9.85 15.13
N CYS A 68 10.57 9.22 15.67
CA CYS A 68 9.21 9.75 15.67
C CYS A 68 8.71 9.87 17.10
N SER A 69 8.33 11.08 17.52
CA SER A 69 7.91 11.35 18.89
C SER A 69 6.65 12.21 18.94
N GLY A 70 5.91 12.04 20.02
CA GLY A 70 4.71 12.80 20.29
C GLY A 70 3.45 11.97 20.14
N SER A 71 2.59 12.08 21.14
CA SER A 71 1.37 11.29 21.22
C SER A 71 0.29 11.87 20.32
N CYS A 72 -0.78 11.09 20.14
CA CYS A 72 -1.87 11.44 19.24
C CYS A 72 -3.08 11.97 20.03
N ASP A 73 -4.22 12.07 19.35
CA ASP A 73 -5.42 12.70 19.87
C ASP A 73 -6.20 11.83 20.87
N ALA A 74 -5.78 10.58 21.08
CA ALA A 74 -6.21 9.66 22.13
C ALA A 74 -7.66 9.15 22.05
N ALA A 75 -8.49 9.63 21.12
CA ALA A 75 -9.68 8.84 20.81
C ALA A 75 -9.86 8.50 19.33
N GLU A 76 -10.15 9.51 18.50
CA GLU A 76 -10.31 9.48 17.04
C GLU A 76 -11.17 8.39 16.40
N THR A 77 -11.95 7.61 17.18
CA THR A 77 -13.07 6.81 16.67
C THR A 77 -13.97 6.38 17.81
N THR A 78 -15.16 5.90 17.43
CA THR A 78 -16.14 5.38 18.38
C THR A 78 -15.60 4.18 19.14
N TYR A 79 -14.88 3.33 18.43
CA TYR A 79 -14.34 2.11 19.01
C TYR A 79 -13.39 2.41 20.17
N ASP A 80 -12.58 3.45 20.04
CA ASP A 80 -11.70 3.80 21.15
C ASP A 80 -12.46 4.42 22.30
N LYS A 81 -13.56 5.11 22.00
CA LYS A 81 -14.41 5.59 23.08
C LYS A 81 -15.01 4.42 23.84
N ILE A 82 -15.35 3.35 23.14
CA ILE A 82 -15.95 2.22 23.84
C ILE A 82 -14.89 1.39 24.56
N LEU A 83 -13.66 1.38 24.04
CA LEU A 83 -12.56 0.80 24.79
C LEU A 83 -12.30 1.56 26.08
N LYS A 84 -12.41 2.90 26.02
CA LYS A 84 -12.23 3.69 27.23
C LYS A 84 -13.37 3.45 28.20
N ASN A 85 -14.56 3.17 27.66
CA ASN A 85 -15.71 2.83 28.52
C ASN A 85 -15.54 1.47 29.19
N LEU A 86 -14.96 0.48 28.49
CA LEU A 86 -14.99 -0.87 29.03
C LEU A 86 -13.95 -1.08 30.12
N SER A 87 -12.73 -0.60 29.91
CA SER A 87 -11.66 -0.80 30.88
C SER A 87 -11.80 0.13 32.07
N LYS A 96 -4.61 -2.11 32.24
CA LYS A 96 -3.92 -0.83 32.14
C LYS A 96 -3.26 -0.67 30.77
N VAL A 97 -3.86 -1.31 29.77
CA VAL A 97 -3.43 -1.20 28.38
C VAL A 97 -4.41 -0.23 27.71
N GLY A 98 -3.93 0.55 26.74
CA GLY A 98 -4.79 1.59 26.23
C GLY A 98 -4.49 2.19 24.86
N GLN A 99 -4.61 3.51 24.80
CA GLN A 99 -4.86 4.27 23.58
C GLN A 99 -3.64 4.37 22.65
N ALA A 100 -3.75 5.19 21.61
CA ALA A 100 -2.89 5.18 20.43
C ALA A 100 -1.43 5.51 20.73
N CYS A 101 -0.58 5.31 19.72
CA CYS A 101 0.87 5.34 19.90
C CYS A 101 1.48 6.17 18.77
N CYS A 102 2.80 6.39 18.83
CA CYS A 102 3.55 6.99 17.73
C CYS A 102 4.54 5.97 17.15
N ARG A 103 4.46 5.73 15.82
CA ARG A 103 5.18 4.69 15.08
C ARG A 103 5.73 5.28 13.78
N PRO A 104 6.58 4.58 13.03
CA PRO A 104 6.94 5.09 11.69
C PRO A 104 6.07 4.48 10.63
N ILE A 105 6.16 5.00 9.41
CA ILE A 105 5.35 4.49 8.31
C ILE A 105 6.21 3.90 7.20
N ALA A 106 7.53 4.01 7.31
CA ALA A 106 8.46 3.42 6.37
C ALA A 106 9.80 3.29 7.08
N PHE A 107 10.82 2.83 6.35
CA PHE A 107 12.18 2.83 6.87
C PHE A 107 13.19 3.29 5.82
N ASP A 108 14.36 3.68 6.31
CA ASP A 108 15.43 4.31 5.55
C ASP A 108 16.32 3.28 4.88
N ASP A 109 17.46 3.75 4.36
CA ASP A 109 18.48 2.84 3.86
C ASP A 109 19.44 2.47 4.99
N ASP A 110 20.29 1.47 4.72
CA ASP A 110 21.00 0.72 5.76
C ASP A 110 22.02 1.56 6.52
N LEU A 111 22.53 1.03 7.62
CA LEU A 111 23.56 1.71 8.41
C LEU A 111 24.58 0.70 8.89
N SER A 112 25.84 0.89 8.55
CA SER A 112 26.80 -0.14 8.88
C SER A 112 28.19 0.42 9.08
N PHE A 113 29.09 -0.43 9.58
CA PHE A 113 30.32 0.06 10.16
C PHE A 113 31.34 -1.05 10.34
N LEU A 114 32.42 -0.70 11.04
CA LEU A 114 33.50 -1.61 11.40
C LEU A 114 33.62 -1.65 12.92
N ASP A 115 33.99 -2.79 13.44
CA ASP A 115 34.25 -2.85 14.87
C ASP A 115 35.76 -2.76 15.11
N ASP A 116 36.19 -2.99 16.34
CA ASP A 116 37.62 -3.13 16.54
C ASP A 116 38.16 -4.42 15.95
N ASN A 117 37.46 -5.53 16.15
CA ASN A 117 38.05 -6.83 15.89
C ASN A 117 37.83 -7.29 14.45
N LEU A 118 38.42 -6.58 13.48
CA LEU A 118 38.72 -7.12 12.14
C LEU A 118 37.46 -7.41 11.32
N VAL A 119 36.33 -6.91 11.78
CA VAL A 119 35.03 -7.40 11.33
C VAL A 119 34.07 -6.23 11.12
N TYR A 120 33.43 -6.24 9.97
CA TYR A 120 32.33 -5.35 9.65
C TYR A 120 31.00 -5.83 10.22
N HIS A 121 30.12 -4.86 10.49
CA HIS A 121 28.80 -5.16 11.01
C HIS A 121 27.78 -4.29 10.29
N ILE A 122 26.66 -4.91 10.00
CA ILE A 122 25.63 -4.37 9.13
C ILE A 122 24.44 -4.04 10.03
N LEU A 123 23.59 -3.11 9.60
CA LEU A 123 22.27 -2.91 10.20
C LEU A 123 21.26 -2.62 9.11
N ARG A 124 20.16 -3.38 9.12
CA ARG A 124 18.96 -3.08 8.34
C ARG A 124 17.82 -2.75 9.30
N LYS A 125 16.90 -1.87 8.86
CA LYS A 125 15.68 -1.50 9.61
C LYS A 125 15.97 -0.92 11.00
N HIS A 126 16.54 0.29 11.01
CA HIS A 126 17.13 0.89 12.22
C HIS A 126 16.72 2.34 12.48
N SER A 127 16.27 3.10 11.47
CA SER A 127 15.93 4.51 11.64
C SER A 127 14.93 4.93 10.59
N ALA A 128 14.25 6.05 10.83
CA ALA A 128 13.01 6.35 10.11
C ALA A 128 13.08 7.66 9.35
N LYS A 129 12.15 7.80 8.40
CA LYS A 129 11.95 8.99 7.59
C LYS A 129 10.63 9.72 7.90
N ARG A 130 9.53 8.99 8.02
CA ARG A 130 8.20 9.59 8.17
C ARG A 130 7.43 8.90 9.28
N CYS A 131 6.66 9.70 10.02
CA CYS A 131 6.10 9.32 11.29
C CYS A 131 4.58 9.35 11.25
N GLY A 132 3.93 8.43 11.97
CA GLY A 132 2.48 8.39 11.99
C GLY A 132 1.94 7.73 13.25
N CYS A 133 0.66 7.97 13.50
CA CYS A 133 -0.04 7.36 14.62
C CYS A 133 -0.25 5.86 14.38
N LYS B 126 40.64 10.40 25.51
CA LYS B 126 40.47 11.54 24.60
C LYS B 126 40.03 11.05 23.23
N GLY B 127 40.06 9.73 23.04
CA GLY B 127 39.93 9.19 21.72
C GLY B 127 41.24 9.38 20.95
N ASN B 128 41.11 9.41 19.63
CA ASN B 128 42.23 9.70 18.76
C ASN B 128 41.69 10.35 17.50
N ASN B 129 42.55 10.45 16.48
CA ASN B 129 42.09 11.05 15.23
C ASN B 129 41.17 10.13 14.45
N CYS B 130 41.20 8.82 14.73
CA CYS B 130 40.46 7.87 13.91
C CYS B 130 38.98 7.84 14.29
N LEU B 131 38.65 7.90 15.58
CA LEU B 131 37.26 7.91 15.99
C LEU B 131 36.60 9.24 15.63
N ASP B 132 37.38 10.32 15.67
CA ASP B 132 36.84 11.62 15.27
C ASP B 132 36.68 11.72 13.77
N ALA B 133 37.55 11.04 13.02
CA ALA B 133 37.35 10.94 11.58
C ALA B 133 36.17 10.04 11.26
N ALA B 134 35.89 9.06 12.11
CA ALA B 134 34.68 8.25 11.97
C ALA B 134 33.43 9.09 12.21
N LYS B 135 33.47 9.95 13.23
CA LYS B 135 32.43 10.95 13.44
C LYS B 135 32.29 11.86 12.24
N ALA B 136 33.41 12.17 11.59
CA ALA B 136 33.36 12.99 10.39
C ALA B 136 32.67 12.25 9.24
N CYS B 137 32.93 10.96 9.07
CA CYS B 137 32.29 10.24 7.97
C CYS B 137 30.82 9.92 8.24
N ASN B 138 30.53 9.25 9.38
CA ASN B 138 29.19 8.72 9.60
C ASN B 138 28.12 9.77 9.82
N LEU B 139 28.50 11.01 10.13
CA LEU B 139 27.53 12.08 10.23
C LEU B 139 27.00 12.50 8.88
N ASP B 140 27.80 12.50 7.83
CA ASP B 140 27.25 12.63 6.49
C ASP B 140 26.60 11.32 6.11
N ASP B 141 25.36 11.40 5.66
CA ASP B 141 24.61 10.18 5.46
C ASP B 141 24.98 9.54 4.14
N ILE B 142 25.62 10.28 3.24
CA ILE B 142 26.03 9.67 1.98
C ILE B 142 27.27 8.81 2.20
N CYS B 143 28.19 9.28 3.05
CA CYS B 143 29.35 8.49 3.45
C CYS B 143 28.90 7.25 4.21
N LYS B 144 27.86 7.39 5.03
CA LYS B 144 27.35 6.28 5.82
C LYS B 144 26.68 5.24 4.94
N LYS B 145 25.90 5.70 3.98
CA LYS B 145 25.17 4.77 3.11
C LYS B 145 26.12 3.99 2.24
N TYR B 146 27.10 4.66 1.64
CA TYR B 146 28.00 3.83 0.85
C TYR B 146 29.06 3.17 1.72
N ARG B 147 29.13 3.55 3.00
CA ARG B 147 29.90 2.77 3.95
C ARG B 147 29.31 1.39 4.08
N SER B 148 28.00 1.35 4.37
CA SER B 148 27.26 0.10 4.47
C SER B 148 27.31 -0.72 3.18
N ALA B 149 27.36 -0.02 2.04
CA ALA B 149 27.65 -0.67 0.76
C ALA B 149 28.96 -1.45 0.81
N TYR B 150 30.08 -0.85 1.22
CA TYR B 150 31.27 -1.71 1.36
C TYR B 150 31.26 -2.59 2.60
N ILE B 151 30.31 -2.42 3.51
CA ILE B 151 30.31 -3.32 4.66
C ILE B 151 29.75 -4.67 4.28
N THR B 152 28.57 -4.67 3.67
CA THR B 152 27.64 -5.81 3.71
C THR B 152 28.17 -7.16 3.21
N PRO B 153 28.75 -7.31 2.01
CA PRO B 153 29.17 -8.66 1.62
C PRO B 153 30.48 -9.07 2.26
N CYS B 154 31.17 -8.15 2.93
CA CYS B 154 32.44 -8.50 3.57
C CYS B 154 32.24 -9.28 4.85
N THR B 155 31.08 -9.22 5.48
CA THR B 155 30.88 -9.95 6.73
C THR B 155 29.53 -10.64 6.86
N THR B 156 29.00 -11.22 5.79
CA THR B 156 28.03 -12.30 5.91
C THR B 156 28.68 -13.60 5.45
N SER B 157 29.07 -14.41 6.40
CA SER B 157 29.79 -15.65 6.12
C SER B 157 28.87 -16.68 5.50
N VAL B 158 29.36 -17.32 4.44
CA VAL B 158 28.58 -18.22 3.60
C VAL B 158 29.17 -19.62 3.83
N SER B 159 28.61 -20.65 3.21
CA SER B 159 28.98 -22.03 3.47
C SER B 159 30.33 -22.35 2.84
N ASN B 160 31.26 -22.78 3.70
CA ASN B 160 32.64 -23.16 3.39
C ASN B 160 33.45 -21.99 2.82
N ASP B 161 33.16 -20.76 3.26
CA ASP B 161 34.06 -19.64 3.09
C ASP B 161 34.17 -18.92 4.43
N VAL B 162 34.63 -17.68 4.37
CA VAL B 162 34.42 -16.79 5.50
C VAL B 162 33.71 -15.52 5.06
N CYS B 163 33.77 -15.20 3.77
CA CYS B 163 33.03 -14.11 3.16
C CYS B 163 33.03 -14.32 1.66
N ASN B 164 32.61 -13.30 0.91
CA ASN B 164 32.90 -13.25 -0.53
C ASN B 164 33.94 -12.15 -0.72
N ARG B 165 35.06 -12.51 -1.32
CA ARG B 165 36.10 -11.53 -1.56
C ARG B 165 35.72 -10.62 -2.71
N ARG B 166 35.02 -11.15 -3.72
CA ARG B 166 34.78 -10.41 -4.94
C ARG B 166 33.78 -9.27 -4.72
N LYS B 167 32.63 -9.59 -4.12
CA LYS B 167 31.63 -8.56 -3.84
C LYS B 167 32.14 -7.50 -2.87
N CYS B 168 32.88 -7.93 -1.85
CA CYS B 168 33.47 -7.03 -0.88
C CYS B 168 34.43 -6.03 -1.53
N HIS B 169 35.25 -6.50 -2.46
CA HIS B 169 36.21 -5.59 -3.08
C HIS B 169 35.54 -4.65 -4.08
N LYS B 170 34.51 -5.15 -4.78
CA LYS B 170 33.65 -4.30 -5.62
C LYS B 170 33.04 -3.17 -4.81
N ALA B 171 32.59 -3.49 -3.60
CA ALA B 171 31.91 -2.51 -2.80
C ALA B 171 32.87 -1.52 -2.16
N LEU B 172 34.09 -1.95 -1.83
CA LEU B 172 35.13 -0.99 -1.43
C LEU B 172 35.49 -0.03 -2.56
N ARG B 173 35.54 -0.54 -3.80
CA ARG B 173 35.90 0.34 -4.92
C ARG B 173 34.83 1.40 -5.15
N GLN B 174 33.54 1.02 -5.04
CA GLN B 174 32.51 2.04 -5.22
C GLN B 174 32.48 3.03 -4.06
N PHE B 175 32.88 2.60 -2.86
CA PHE B 175 33.05 3.56 -1.77
C PHE B 175 34.16 4.56 -2.05
N PHE B 176 35.35 4.07 -2.46
CA PHE B 176 36.46 5.01 -2.68
C PHE B 176 36.42 5.63 -4.07
N ASP B 177 35.35 5.41 -4.83
CA ASP B 177 35.11 6.29 -5.97
C ASP B 177 34.05 7.34 -5.70
N LYS B 178 32.95 7.01 -5.01
CA LYS B 178 31.83 7.95 -4.96
C LYS B 178 31.95 9.03 -3.89
N VAL B 179 32.33 8.68 -2.67
CA VAL B 179 32.22 9.59 -1.52
C VAL B 179 33.47 10.46 -1.48
N PRO B 180 33.33 11.78 -1.24
CA PRO B 180 34.49 12.68 -1.32
C PRO B 180 35.48 12.53 -0.18
N ALA B 181 36.44 13.45 -0.14
CA ALA B 181 37.76 13.17 0.43
C ALA B 181 37.77 13.20 1.95
N LYS B 182 37.23 14.25 2.56
CA LYS B 182 37.63 14.60 3.91
C LYS B 182 37.02 13.68 4.96
N HIS B 183 36.07 12.82 4.55
CA HIS B 183 35.59 11.80 5.46
C HIS B 183 36.54 10.61 5.47
N SER B 184 36.81 10.06 4.28
CA SER B 184 37.45 8.75 4.15
C SER B 184 38.94 8.83 4.40
N TYR B 185 39.59 9.84 3.81
CA TYR B 185 41.03 9.92 3.98
C TYR B 185 41.39 10.31 5.40
N GLY B 186 40.44 10.89 6.12
CA GLY B 186 40.63 11.07 7.55
C GLY B 186 40.76 9.75 8.28
N MET B 187 39.78 8.86 8.11
CA MET B 187 39.80 7.58 8.79
C MET B 187 40.93 6.70 8.31
N LEU B 188 41.29 6.83 7.04
CA LEU B 188 42.39 6.03 6.51
C LEU B 188 43.73 6.60 6.88
N PHE B 189 43.81 7.92 7.04
CA PHE B 189 45.07 8.56 7.34
C PHE B 189 45.00 9.35 8.63
N CYS B 190 44.25 8.88 9.62
CA CYS B 190 44.29 9.49 10.94
C CYS B 190 45.64 9.28 11.61
N SER B 191 46.31 10.39 11.92
CA SER B 191 47.65 10.39 12.49
C SER B 191 47.63 9.83 13.91
N CYS B 192 48.63 9.04 14.24
CA CYS B 192 48.56 8.22 15.44
C CYS B 192 49.63 8.56 16.45
N ARG B 193 49.24 8.42 17.72
CA ARG B 193 50.04 8.76 18.88
C ARG B 193 50.10 7.64 19.90
N ASP B 194 49.14 6.71 19.86
CA ASP B 194 49.16 5.52 20.71
C ASP B 194 48.90 4.29 19.84
N ILE B 195 48.87 3.12 20.48
CA ILE B 195 49.00 1.85 19.75
C ILE B 195 47.67 1.36 19.16
N ALA B 196 46.54 1.58 19.84
CA ALA B 196 45.26 1.14 19.28
C ALA B 196 44.86 1.98 18.08
N CYS B 197 45.34 3.23 18.03
CA CYS B 197 45.29 4.04 16.81
C CYS B 197 45.98 3.34 15.65
N THR B 198 47.17 2.78 15.90
CA THR B 198 47.94 2.14 14.83
C THR B 198 47.31 0.81 14.43
N GLU B 199 46.73 0.11 15.40
CA GLU B 199 45.86 -1.02 15.14
C GLU B 199 44.78 -0.65 14.15
N ARG B 200 43.94 0.33 14.51
CA ARG B 200 42.82 0.74 13.67
C ARG B 200 43.31 1.35 12.37
N ARG B 201 44.53 1.89 12.38
CA ARG B 201 45.20 2.34 11.16
C ARG B 201 45.40 1.18 10.21
N ARG B 202 45.90 0.06 10.70
CA ARG B 202 46.00 -1.13 9.86
C ARG B 202 44.64 -1.73 9.51
N GLN B 203 43.66 -1.56 10.40
CA GLN B 203 42.33 -2.19 10.30
C GLN B 203 41.45 -1.64 9.19
N THR B 204 41.96 -0.82 8.29
CA THR B 204 41.10 0.16 7.63
C THR B 204 40.30 -0.47 6.50
N ILE B 205 40.62 -1.70 6.15
CA ILE B 205 40.00 -2.37 5.02
C ILE B 205 39.74 -3.84 5.29
N VAL B 206 39.84 -4.26 6.57
CA VAL B 206 39.64 -5.65 7.02
C VAL B 206 40.57 -6.65 6.33
N PRO B 207 41.75 -6.87 6.89
CA PRO B 207 42.62 -7.93 6.36
C PRO B 207 41.98 -9.28 6.32
N VAL B 208 41.26 -9.65 7.38
CA VAL B 208 40.79 -11.01 7.65
C VAL B 208 39.87 -11.52 6.54
N CYS B 209 39.04 -10.64 5.98
CA CYS B 209 38.24 -11.01 4.83
C CYS B 209 38.82 -10.51 3.51
N SER B 210 39.33 -9.28 3.47
CA SER B 210 39.61 -8.65 2.19
C SER B 210 41.08 -8.62 1.82
N TYR B 211 41.99 -8.57 2.78
CA TYR B 211 43.41 -8.51 2.43
C TYR B 211 44.11 -9.83 2.68
N GLU B 212 44.01 -10.38 3.89
CA GLU B 212 44.64 -11.66 4.19
C GLU B 212 43.95 -12.79 3.46
N GLU B 213 44.71 -13.84 3.18
CA GLU B 213 44.16 -15.10 2.72
C GLU B 213 44.88 -16.20 3.47
N ARG B 214 44.77 -17.42 2.95
CA ARG B 214 45.52 -18.52 3.53
C ARG B 214 47.02 -18.37 3.28
N GLU B 215 47.41 -17.86 2.11
CA GLU B 215 48.81 -17.82 1.73
C GLU B 215 49.21 -16.45 1.18
N LYS B 216 50.49 -16.11 1.34
CA LYS B 216 51.07 -15.03 0.54
C LYS B 216 51.70 -15.63 -0.70
N PRO B 217 51.28 -15.24 -1.89
CA PRO B 217 52.01 -15.62 -3.10
C PRO B 217 53.26 -14.78 -3.25
N ASN B 218 53.92 -14.94 -4.39
CA ASN B 218 55.09 -14.12 -4.68
C ASN B 218 54.64 -12.79 -5.22
N CYS B 219 55.48 -11.76 -5.07
CA CYS B 219 55.04 -10.40 -5.37
C CYS B 219 54.91 -10.14 -6.87
N LEU B 220 55.75 -10.75 -7.72
CA LEU B 220 55.49 -10.64 -9.15
C LEU B 220 54.23 -11.36 -9.58
N ASN B 221 53.84 -12.41 -8.85
CA ASN B 221 52.56 -13.04 -9.12
C ASN B 221 51.41 -12.10 -8.80
N LEU B 222 51.54 -11.36 -7.70
CA LEU B 222 50.53 -10.39 -7.32
C LEU B 222 50.50 -9.25 -8.32
N GLN B 223 51.67 -8.92 -8.88
CA GLN B 223 51.78 -7.86 -9.88
C GLN B 223 51.10 -8.24 -11.19
N ASP B 224 51.34 -9.46 -11.69
CA ASP B 224 50.68 -9.87 -12.92
C ASP B 224 49.19 -10.14 -12.70
N SER B 225 48.81 -10.55 -11.49
CA SER B 225 47.38 -10.72 -11.21
C SER B 225 46.67 -9.39 -11.06
N CYS B 226 47.42 -8.35 -10.67
CA CYS B 226 46.90 -7.00 -10.83
C CYS B 226 46.88 -6.60 -12.30
N LYS B 227 47.86 -7.07 -13.09
CA LYS B 227 47.93 -6.74 -14.51
C LYS B 227 46.86 -7.41 -15.35
N THR B 228 46.22 -8.46 -14.82
CA THR B 228 45.01 -8.99 -15.46
C THR B 228 43.74 -8.29 -14.98
N ASN B 229 43.88 -7.17 -14.26
CA ASN B 229 42.76 -6.41 -13.75
C ASN B 229 42.90 -4.97 -14.26
N TYR B 230 41.80 -4.41 -14.76
CA TYR B 230 41.83 -3.10 -15.41
C TYR B 230 42.03 -1.99 -14.39
N ILE B 231 41.12 -1.91 -13.43
CA ILE B 231 41.08 -0.83 -12.46
C ILE B 231 42.30 -0.91 -11.55
N CYS B 232 42.77 -2.12 -11.26
CA CYS B 232 43.98 -2.32 -10.47
C CYS B 232 45.19 -1.69 -11.15
N ARG B 233 45.33 -1.92 -12.45
CA ARG B 233 46.45 -1.39 -13.22
C ARG B 233 46.36 0.11 -13.33
N SER B 234 45.13 0.64 -13.37
CA SER B 234 44.93 2.09 -13.25
C SER B 234 45.53 2.62 -11.97
N ARG B 235 45.19 2.01 -10.83
CA ARG B 235 45.66 2.51 -9.54
C ARG B 235 47.17 2.29 -9.38
N LEU B 236 47.72 1.25 -10.01
CA LEU B 236 49.12 0.92 -9.83
C LEU B 236 50.00 1.84 -10.67
N ALA B 237 49.56 2.15 -11.90
CA ALA B 237 50.26 3.14 -12.71
C ALA B 237 50.17 4.52 -12.08
N ASP B 238 49.03 4.83 -11.43
CA ASP B 238 48.92 6.07 -10.67
C ASP B 238 49.94 6.11 -9.53
N PHE B 239 50.13 4.99 -8.84
CA PHE B 239 51.01 5.04 -7.69
C PHE B 239 52.47 5.07 -8.12
N PHE B 240 52.80 4.38 -9.22
CA PHE B 240 54.08 4.58 -9.91
C PHE B 240 54.30 6.04 -10.28
N THR B 241 53.24 6.74 -10.63
CA THR B 241 53.39 8.11 -11.05
C THR B 241 53.57 9.05 -9.87
N ASN B 242 52.85 8.79 -8.77
CA ASN B 242 52.50 9.90 -7.88
C ASN B 242 53.40 10.08 -6.68
N CYS B 243 53.67 9.06 -5.89
CA CYS B 243 54.30 9.28 -4.60
C CYS B 243 55.80 9.04 -4.66
N GLN B 244 56.42 9.49 -5.75
CA GLN B 244 57.76 9.07 -6.14
C GLN B 244 58.82 9.82 -5.35
N PRO B 245 59.69 9.13 -4.60
CA PRO B 245 60.78 9.82 -3.89
C PRO B 245 62.05 10.04 -4.72
N GLU B 246 62.10 11.13 -5.47
CA GLU B 246 63.23 11.45 -6.34
C GLU B 246 64.28 12.23 -5.57
N SER B 247 65.17 12.89 -6.31
CA SER B 247 66.27 13.72 -5.79
C SER B 247 65.73 14.97 -5.09
N ARG B 248 66.62 15.86 -4.62
CA ARG B 248 66.33 16.79 -3.52
C ARG B 248 65.36 17.91 -3.85
N SER B 249 64.06 17.61 -3.83
CA SER B 249 63.12 18.66 -3.50
C SER B 249 63.01 18.77 -1.98
N VAL B 250 62.00 19.49 -1.52
CA VAL B 250 62.02 19.98 -0.15
C VAL B 250 61.61 18.90 0.85
N SER B 251 60.45 18.28 0.66
CA SER B 251 60.00 17.23 1.57
C SER B 251 59.88 15.91 0.83
N SER B 252 60.83 15.67 -0.09
CA SER B 252 60.92 14.52 -0.99
C SER B 252 59.72 14.40 -1.93
N CYS B 253 58.99 15.49 -2.12
CA CYS B 253 57.76 15.48 -2.92
C CYS B 253 57.67 16.76 -3.72
N LEU B 254 56.48 17.06 -4.23
CA LEU B 254 56.19 18.40 -4.71
C LEU B 254 55.21 19.15 -3.84
N LYS B 255 54.68 18.52 -2.78
CA LYS B 255 53.84 19.08 -1.72
C LYS B 255 52.47 19.55 -2.16
N GLU B 256 52.22 19.61 -3.46
CA GLU B 256 50.92 19.93 -4.01
C GLU B 256 50.48 18.87 -4.98
N ASN B 257 51.30 17.86 -5.17
CA ASN B 257 50.89 16.59 -5.73
C ASN B 257 50.66 15.56 -4.64
N TYR B 258 50.47 16.02 -3.39
CA TYR B 258 50.07 15.18 -2.27
C TYR B 258 48.76 14.48 -2.53
N ALA B 259 47.76 15.24 -2.98
CA ALA B 259 46.44 14.68 -3.25
C ALA B 259 46.50 13.62 -4.34
N ASP B 260 47.26 13.89 -5.41
CA ASP B 260 47.54 12.85 -6.40
C ASP B 260 48.32 11.70 -5.80
N CYS B 261 49.24 12.01 -4.88
CA CYS B 261 49.81 10.97 -4.05
C CYS B 261 48.72 10.27 -3.26
N LEU B 262 47.82 11.03 -2.63
CA LEU B 262 46.74 10.46 -1.85
C LEU B 262 45.80 9.61 -2.71
N LEU B 263 45.33 10.18 -3.83
CA LEU B 263 44.47 9.46 -4.76
C LEU B 263 45.23 8.35 -5.51
N ALA B 264 46.54 8.25 -5.29
CA ALA B 264 47.20 7.01 -5.68
C ALA B 264 46.93 5.88 -4.67
N TYR B 265 47.34 6.06 -3.40
CA TYR B 265 47.36 4.98 -2.42
C TYR B 265 45.97 4.53 -2.05
N SER B 266 45.18 5.47 -1.58
CA SER B 266 43.76 5.24 -1.38
C SER B 266 43.04 4.96 -2.69
N GLY B 267 43.64 5.29 -3.84
CA GLY B 267 43.12 4.77 -5.08
C GLY B 267 43.33 3.28 -5.19
N LEU B 268 44.49 2.78 -4.76
CA LEU B 268 44.82 1.36 -4.84
C LEU B 268 43.94 0.45 -3.99
N ILE B 269 43.11 1.01 -3.11
CA ILE B 269 42.24 0.18 -2.27
C ILE B 269 41.17 -0.45 -3.13
N GLY B 270 40.89 -1.73 -2.89
CA GLY B 270 39.70 -2.37 -3.37
C GLY B 270 39.91 -3.18 -4.61
N THR B 271 41.08 -3.10 -5.19
CA THR B 271 41.47 -4.01 -6.25
C THR B 271 42.37 -5.06 -5.65
N VAL B 272 42.85 -5.96 -6.51
CA VAL B 272 43.49 -7.16 -6.01
C VAL B 272 44.83 -6.86 -5.38
N MET B 273 45.47 -5.76 -5.78
CA MET B 273 46.66 -5.30 -5.11
C MET B 273 46.32 -4.41 -3.94
N THR B 274 46.08 -4.98 -2.80
CA THR B 274 45.67 -4.13 -1.70
C THR B 274 46.85 -3.84 -0.79
N PRO B 275 47.22 -2.61 -0.63
CA PRO B 275 48.21 -2.28 0.39
C PRO B 275 47.54 -2.19 1.74
N ASN B 276 48.28 -2.49 2.81
CA ASN B 276 47.81 -2.22 4.16
C ASN B 276 49.03 -2.14 5.06
N TYR B 277 48.81 -1.67 6.28
CA TYR B 277 49.90 -1.46 7.22
C TYR B 277 50.42 -2.80 7.73
N ILE B 278 51.68 -2.82 8.13
CA ILE B 278 52.21 -3.91 8.94
C ILE B 278 52.83 -3.37 10.23
N ASP B 279 53.86 -2.53 10.10
CA ASP B 279 54.53 -1.91 11.24
C ASP B 279 53.55 -0.91 11.83
N SER B 280 53.01 -1.25 13.00
CA SER B 280 52.12 -0.37 13.72
C SER B 280 52.91 0.84 14.22
N SER B 281 54.16 0.61 14.61
CA SER B 281 55.02 1.64 15.14
C SER B 281 55.57 2.58 14.08
N SER B 282 55.24 2.38 12.81
CA SER B 282 55.64 3.32 11.75
C SER B 282 54.57 3.36 10.68
N LEU B 283 54.95 3.84 9.50
CA LEU B 283 54.04 4.07 8.39
C LEU B 283 54.40 3.21 7.17
N SER B 284 55.01 2.06 7.39
CA SER B 284 55.45 1.19 6.30
C SER B 284 54.35 0.24 5.87
N VAL B 285 53.81 0.42 4.66
CA VAL B 285 52.72 -0.41 4.21
C VAL B 285 53.26 -1.45 3.25
N ALA B 286 52.46 -2.50 3.05
CA ALA B 286 52.86 -3.64 2.25
C ALA B 286 51.61 -4.35 1.77
N PRO B 287 51.69 -5.04 0.65
CA PRO B 287 50.59 -5.91 0.21
C PRO B 287 50.80 -7.31 0.76
N TRP B 288 50.01 -8.26 0.24
CA TRP B 288 50.00 -9.64 0.76
C TRP B 288 50.90 -10.53 -0.11
N CYS B 289 52.21 -10.32 0.04
CA CYS B 289 53.19 -11.15 -0.62
C CYS B 289 54.50 -10.97 0.13
N ASP B 290 55.50 -11.73 -0.28
CA ASP B 290 56.89 -11.44 0.06
C ASP B 290 57.76 -11.79 -1.13
N CYS B 291 59.06 -11.64 -0.96
CA CYS B 291 60.00 -11.93 -2.02
C CYS B 291 60.57 -13.34 -1.90
N SER B 292 59.84 -14.25 -1.26
CA SER B 292 60.15 -15.67 -1.33
C SER B 292 59.91 -16.18 -2.74
N ASN B 293 60.56 -17.30 -3.10
CA ASN B 293 60.39 -17.99 -4.37
C ASN B 293 60.70 -17.09 -5.56
N SER B 294 61.69 -16.21 -5.38
CA SER B 294 61.93 -15.17 -6.37
C SER B 294 63.14 -15.45 -7.26
N GLY B 295 64.24 -15.94 -6.70
CA GLY B 295 65.36 -16.31 -7.53
C GLY B 295 66.12 -15.09 -8.02
N ASN B 296 65.97 -14.80 -9.30
CA ASN B 296 66.78 -13.78 -9.95
C ASN B 296 66.21 -12.38 -9.81
N ASP B 297 64.91 -12.24 -9.59
CA ASP B 297 64.29 -10.92 -9.62
C ASP B 297 64.16 -10.31 -8.23
N LEU B 298 64.83 -10.92 -7.23
CA LEU B 298 64.63 -10.65 -5.80
C LEU B 298 64.78 -9.18 -5.44
N GLU B 299 65.93 -8.60 -5.78
CA GLU B 299 66.22 -7.21 -5.47
C GLU B 299 65.24 -6.28 -6.17
N GLU B 300 64.89 -6.62 -7.42
CA GLU B 300 63.86 -5.90 -8.14
C GLU B 300 62.55 -5.99 -7.41
N CYS B 301 62.27 -7.19 -6.87
CA CYS B 301 61.17 -7.39 -5.94
C CYS B 301 61.23 -6.42 -4.78
N LEU B 302 62.38 -6.33 -4.13
CA LEU B 302 62.53 -5.39 -3.01
C LEU B 302 62.45 -3.96 -3.51
N LYS B 303 62.94 -3.72 -4.74
CA LYS B 303 62.80 -2.42 -5.40
C LYS B 303 61.34 -2.05 -5.55
N PHE B 304 60.52 -3.06 -5.81
CA PHE B 304 59.09 -2.86 -5.79
C PHE B 304 58.61 -2.78 -4.34
N LEU B 305 59.02 -3.75 -3.52
CA LEU B 305 58.35 -4.02 -2.24
C LEU B 305 58.54 -2.90 -1.24
N ASN B 306 59.79 -2.50 -1.03
CA ASN B 306 60.08 -1.42 -0.11
C ASN B 306 59.62 -0.08 -0.65
N PHE B 307 59.28 -0.02 -1.95
CA PHE B 307 58.61 1.13 -2.51
C PHE B 307 57.27 1.37 -1.84
N PHE B 308 56.57 0.32 -1.42
CA PHE B 308 55.42 0.50 -0.54
C PHE B 308 55.86 0.70 0.89
N LYS B 309 57.00 0.10 1.25
CA LYS B 309 57.36 0.08 2.67
C LYS B 309 58.02 1.38 3.09
N ASP B 310 59.12 1.75 2.46
CA ASP B 310 59.85 2.95 2.87
C ASP B 310 59.83 3.97 1.73
N ASN B 311 58.79 4.80 1.71
CA ASN B 311 58.70 5.97 0.83
C ASN B 311 58.80 7.18 1.73
N THR B 312 59.76 8.04 1.43
CA THR B 312 59.83 9.31 2.13
C THR B 312 58.70 10.22 1.69
N CYS B 313 58.31 10.15 0.41
CA CYS B 313 57.30 11.06 -0.12
C CYS B 313 55.93 10.72 0.43
N LEU B 314 55.60 9.42 0.44
CA LEU B 314 54.31 9.03 0.98
C LEU B 314 54.24 9.25 2.48
N LYS B 315 55.37 9.07 3.18
CA LYS B 315 55.33 9.28 4.63
C LYS B 315 55.22 10.77 4.95
N ASN B 316 55.85 11.61 4.13
CA ASN B 316 55.66 13.05 4.26
C ASN B 316 54.22 13.45 3.96
N ALA B 317 53.60 12.77 2.99
CA ALA B 317 52.20 13.05 2.67
C ALA B 317 51.28 12.63 3.81
N ILE B 318 51.58 11.49 4.45
CA ILE B 318 50.77 11.01 5.58
C ILE B 318 50.91 11.96 6.76
N GLN B 319 52.13 12.39 7.06
CA GLN B 319 52.35 13.32 8.15
C GLN B 319 51.71 14.67 7.87
N ALA B 320 51.73 15.10 6.61
CA ALA B 320 51.13 16.38 6.26
C ALA B 320 49.61 16.32 6.33
N PHE B 321 49.02 15.21 5.91
CA PHE B 321 47.57 15.09 6.01
C PHE B 321 47.14 14.90 7.46
N GLY B 322 48.02 14.31 8.28
CA GLY B 322 47.73 14.10 9.68
C GLY B 322 48.04 15.29 10.57
N ASN B 323 48.69 16.32 10.03
CA ASN B 323 48.82 17.57 10.76
C ASN B 323 47.66 18.52 10.50
N GLY B 324 46.94 18.31 9.39
CA GLY B 324 45.75 19.08 9.10
C GLY B 324 45.77 19.85 7.80
N SER B 325 46.53 19.39 6.82
CA SER B 325 46.62 20.10 5.54
C SER B 325 45.38 19.90 4.69
N LEU C 1 78.84 -11.58 -20.61
CA LEU C 1 79.04 -10.18 -20.29
C LEU C 1 77.85 -9.55 -19.59
N TYR C 2 77.99 -9.31 -18.29
CA TYR C 2 76.93 -8.64 -17.55
C TYR C 2 77.55 -7.54 -16.71
N PHE C 3 76.70 -6.60 -16.31
CA PHE C 3 77.14 -5.46 -15.54
C PHE C 3 77.17 -5.80 -14.06
N SER C 4 78.24 -5.36 -13.40
CA SER C 4 78.41 -5.55 -11.96
C SER C 4 77.36 -4.79 -11.16
N ARG C 5 76.75 -3.78 -11.76
CA ARG C 5 75.74 -2.96 -11.10
C ARG C 5 74.64 -2.73 -12.12
N ASP C 6 73.76 -1.77 -11.83
CA ASP C 6 72.73 -1.37 -12.78
C ASP C 6 72.69 0.12 -13.07
N ALA C 7 72.89 0.97 -12.08
CA ALA C 7 72.64 2.40 -12.17
C ALA C 7 73.85 3.15 -11.64
N TYR C 8 74.24 4.19 -12.35
CA TYR C 8 75.47 4.92 -12.08
C TYR C 8 75.15 6.38 -11.82
N TRP C 9 75.88 6.98 -10.89
CA TRP C 9 75.61 8.34 -10.45
C TRP C 9 76.89 9.18 -10.55
N GLU C 10 76.75 10.38 -11.11
CA GLU C 10 77.84 11.33 -11.30
C GLU C 10 77.20 12.70 -11.42
N LYS C 11 77.94 13.75 -11.08
CA LYS C 11 77.39 15.10 -11.04
C LYS C 11 78.01 15.97 -12.13
N LEU C 12 77.20 16.90 -12.65
CA LEU C 12 77.65 17.86 -13.64
C LEU C 12 77.52 19.27 -13.09
N TYR C 13 78.28 20.19 -13.68
CA TYR C 13 78.22 21.59 -13.33
C TYR C 13 78.37 22.44 -14.60
N VAL C 14 78.40 23.76 -14.40
CA VAL C 14 78.48 24.69 -15.52
C VAL C 14 79.94 24.87 -15.91
N ASP C 15 80.19 24.94 -17.22
CA ASP C 15 81.47 25.35 -17.81
C ASP C 15 82.61 24.41 -17.46
N GLN C 16 82.33 23.12 -17.34
CA GLN C 16 83.41 22.17 -17.25
C GLN C 16 84.05 22.01 -18.63
N ALA C 17 85.31 21.60 -18.62
CA ALA C 17 86.10 21.55 -19.85
C ALA C 17 85.69 20.37 -20.71
N ALA C 18 86.07 20.45 -21.99
CA ALA C 18 85.99 19.29 -22.85
C ALA C 18 87.09 18.31 -22.48
N GLY C 19 86.84 17.02 -22.72
CA GLY C 19 87.78 16.01 -22.30
C GLY C 19 87.83 15.77 -20.82
N THR C 20 86.83 16.25 -20.08
CA THR C 20 86.77 16.07 -18.63
C THR C 20 86.12 14.74 -18.29
N PRO C 21 86.87 13.78 -17.72
CA PRO C 21 86.36 12.41 -17.54
C PRO C 21 85.27 12.35 -16.47
N LEU C 22 84.23 11.58 -16.76
CA LEU C 22 83.10 11.42 -15.85
C LEU C 22 83.21 10.14 -15.02
N LEU C 23 83.22 8.98 -15.68
CA LEU C 23 83.28 7.71 -14.97
C LEU C 23 83.75 6.60 -15.90
N TYR C 24 84.34 5.58 -15.29
CA TYR C 24 84.55 4.27 -15.89
C TYR C 24 83.31 3.40 -15.71
N VAL C 25 83.19 2.39 -16.56
CA VAL C 25 82.15 1.39 -16.42
C VAL C 25 82.83 0.03 -16.25
N HIS C 26 82.04 -0.96 -15.83
CA HIS C 26 82.55 -2.30 -15.60
C HIS C 26 81.55 -3.34 -16.10
N ALA C 27 82.08 -4.40 -16.69
CA ALA C 27 81.26 -5.50 -17.16
C ALA C 27 81.97 -6.80 -16.85
N LEU C 28 81.28 -7.71 -16.18
CA LEU C 28 81.89 -8.97 -15.79
C LEU C 28 81.88 -9.96 -16.96
N ARG C 29 82.47 -11.13 -16.73
CA ARG C 29 82.66 -12.14 -17.75
C ARG C 29 82.12 -13.48 -17.28
N ASP C 30 81.22 -14.08 -18.07
CA ASP C 30 80.80 -15.45 -17.83
C ASP C 30 81.71 -16.46 -18.53
N ALA C 31 82.59 -15.98 -19.40
CA ALA C 31 83.56 -16.77 -20.12
C ALA C 31 84.78 -15.89 -20.36
N PRO C 32 85.98 -16.48 -20.46
CA PRO C 32 87.17 -15.64 -20.60
C PRO C 32 87.27 -14.98 -21.98
N GLU C 33 86.50 -15.52 -22.94
CA GLU C 33 86.46 -14.99 -24.29
C GLU C 33 85.64 -13.72 -24.40
N GLU C 34 85.01 -13.28 -23.33
CA GLU C 34 83.97 -12.28 -23.41
C GLU C 34 84.57 -10.90 -23.30
N VAL C 35 84.61 -10.19 -24.44
CA VAL C 35 85.24 -8.89 -24.56
C VAL C 35 84.14 -7.85 -24.40
N PRO C 36 84.13 -7.08 -23.31
CA PRO C 36 83.08 -6.07 -23.13
C PRO C 36 83.29 -4.88 -24.05
N SER C 37 82.38 -4.71 -25.00
CA SER C 37 82.34 -3.53 -25.84
C SER C 37 81.35 -2.55 -25.24
N PHE C 38 81.58 -1.26 -25.49
CA PHE C 38 80.79 -0.22 -24.86
C PHE C 38 80.51 0.90 -25.85
N ARG C 39 79.27 1.38 -25.81
CA ARG C 39 78.81 2.49 -26.63
C ARG C 39 77.73 3.22 -25.84
N LEU C 40 77.46 4.47 -26.22
CA LEU C 40 76.53 5.28 -25.47
C LEU C 40 75.12 5.21 -26.07
N GLY C 41 74.19 5.89 -25.40
CA GLY C 41 72.87 6.16 -25.93
C GLY C 41 72.84 7.50 -26.65
N GLN C 42 71.63 7.97 -26.95
CA GLN C 42 71.49 9.19 -27.73
C GLN C 42 70.77 10.32 -27.02
N HIS C 43 69.61 10.06 -26.40
CA HIS C 43 68.81 11.15 -25.86
C HIS C 43 68.94 11.19 -24.35
N LEU C 44 69.16 12.40 -23.85
CA LEU C 44 69.11 12.67 -22.42
C LEU C 44 67.68 12.41 -21.96
N TYR C 45 67.48 11.33 -21.25
CA TYR C 45 66.14 11.04 -20.78
C TYR C 45 65.89 11.79 -19.48
N GLY C 46 64.72 12.40 -19.37
CA GLY C 46 64.47 13.27 -18.24
C GLY C 46 63.63 12.63 -17.17
N THR C 47 63.02 13.46 -16.34
CA THR C 47 62.15 12.97 -15.28
C THR C 47 60.89 12.35 -15.88
N TYR C 48 60.53 11.16 -15.39
CA TYR C 48 59.51 10.28 -15.97
C TYR C 48 59.83 9.99 -17.44
N ARG C 49 61.03 9.46 -17.65
CA ARG C 49 61.64 8.99 -18.90
C ARG C 49 61.35 9.84 -20.13
N THR C 50 61.45 11.14 -19.99
CA THR C 50 61.16 12.05 -21.09
C THR C 50 62.45 12.30 -21.88
N ARG C 51 62.42 11.94 -23.16
CA ARG C 51 63.49 12.33 -24.07
C ARG C 51 63.56 13.85 -24.15
N LEU C 52 64.75 14.41 -23.97
CA LEU C 52 64.90 15.87 -23.93
C LEU C 52 65.59 16.42 -25.18
N HIS C 53 66.82 15.98 -25.48
CA HIS C 53 67.56 16.47 -26.63
C HIS C 53 68.71 15.51 -26.93
N GLU C 54 69.20 15.57 -28.17
CA GLU C 54 70.40 14.84 -28.56
C GLU C 54 71.61 15.30 -27.77
N ASN C 55 72.21 14.37 -27.05
CA ASN C 55 73.45 14.61 -26.33
C ASN C 55 74.58 14.68 -27.35
N ASN C 56 75.11 15.88 -27.58
CA ASN C 56 76.27 16.06 -28.44
C ASN C 56 77.50 16.49 -27.66
N TRP C 57 77.36 16.66 -26.35
CA TRP C 57 78.42 17.16 -25.48
C TRP C 57 79.40 16.11 -25.03
N ILE C 58 79.10 14.83 -25.16
CA ILE C 58 79.76 13.76 -24.41
C ILE C 58 80.23 12.69 -25.39
N CYS C 59 81.47 12.22 -25.20
CA CYS C 59 81.98 11.04 -25.88
C CYS C 59 82.43 9.99 -24.87
N ILE C 60 82.72 8.79 -25.37
CA ILE C 60 83.06 7.64 -24.54
C ILE C 60 84.29 6.96 -25.12
N GLN C 61 85.08 6.35 -24.24
CA GLN C 61 86.07 5.34 -24.58
C GLN C 61 85.44 3.97 -24.34
N GLU C 62 85.25 3.22 -25.42
CA GLU C 62 84.82 1.83 -25.34
C GLU C 62 85.77 0.96 -24.55
N ASP C 63 87.08 1.23 -24.67
CA ASP C 63 88.11 0.33 -24.16
C ASP C 63 88.14 0.33 -22.64
N THR C 64 88.01 1.51 -22.04
CA THR C 64 87.85 1.64 -20.60
C THR C 64 86.41 1.89 -20.21
N GLY C 65 85.55 2.23 -21.17
CA GLY C 65 84.20 2.65 -20.88
C GLY C 65 84.17 3.94 -20.09
N LEU C 66 84.91 4.93 -20.60
CA LEU C 66 85.11 6.20 -19.94
C LEU C 66 84.21 7.25 -20.56
N LEU C 67 83.44 7.94 -19.73
CA LEU C 67 82.60 9.04 -20.19
C LEU C 67 83.37 10.34 -20.00
N TYR C 68 83.38 11.20 -21.02
CA TYR C 68 84.05 12.49 -20.91
C TYR C 68 83.39 13.49 -21.85
N LEU C 69 83.36 14.76 -21.42
CA LEU C 69 82.71 15.83 -22.17
C LEU C 69 83.48 16.13 -23.46
N ASN C 70 82.80 16.11 -24.59
CA ASN C 70 83.38 16.63 -25.84
C ASN C 70 83.08 18.12 -25.95
N ARG C 71 81.91 18.53 -25.46
CA ARG C 71 81.51 19.92 -25.45
C ARG C 71 81.16 20.37 -24.03
N SER C 72 81.17 21.67 -23.81
CA SER C 72 81.05 22.28 -22.48
C SER C 72 79.61 22.67 -22.18
N LEU C 73 79.32 22.87 -20.91
CA LEU C 73 77.96 23.06 -20.42
C LEU C 73 77.73 24.50 -19.97
N ASP C 74 76.63 25.08 -20.43
CA ASP C 74 76.37 26.51 -20.21
C ASP C 74 74.88 26.75 -20.06
N HIS C 75 74.54 27.95 -19.57
CA HIS C 75 73.16 28.28 -19.23
C HIS C 75 72.24 28.33 -20.44
N SER C 76 72.78 28.55 -21.63
CA SER C 76 71.99 28.41 -22.85
C SER C 76 71.55 26.97 -23.06
N SER C 77 72.38 26.01 -22.66
CA SER C 77 72.01 24.61 -22.78
C SER C 77 71.03 24.17 -21.70
N TRP C 78 71.19 24.68 -20.47
CA TRP C 78 70.44 24.17 -19.34
C TRP C 78 69.14 24.90 -19.10
N GLU C 79 68.89 26.01 -19.79
CA GLU C 79 67.56 26.56 -19.85
C GLU C 79 66.83 26.16 -21.12
N LYS C 80 67.55 25.67 -22.13
CA LYS C 80 66.93 25.02 -23.28
C LYS C 80 66.24 23.73 -22.86
N LEU C 81 66.77 23.06 -21.84
CA LEU C 81 66.28 21.76 -21.41
C LEU C 81 65.27 21.85 -20.27
N SER C 82 65.46 22.80 -19.35
CA SER C 82 64.58 22.91 -18.19
C SER C 82 63.19 23.38 -18.56
N VAL C 83 63.00 23.94 -19.75
CA VAL C 83 61.66 24.19 -20.26
C VAL C 83 61.02 22.88 -20.73
N ARG C 84 61.81 22.01 -21.37
CA ARG C 84 61.32 20.71 -21.81
C ARG C 84 60.99 19.78 -20.64
N ASN C 85 61.52 20.06 -19.44
CA ASN C 85 61.38 19.39 -18.15
C ASN C 85 59.92 19.42 -17.59
N HIS C 86 58.97 19.98 -18.35
CA HIS C 86 57.53 19.91 -18.09
C HIS C 86 57.14 20.61 -16.80
N GLY C 87 57.92 21.62 -16.41
CA GLY C 87 57.63 22.34 -15.19
C GLY C 87 57.89 21.51 -13.95
N PHE C 88 59.10 20.98 -13.85
CA PHE C 88 59.49 20.14 -12.73
C PHE C 88 60.92 20.50 -12.37
N PRO C 89 61.29 20.41 -11.08
CA PRO C 89 62.65 20.78 -10.68
C PRO C 89 63.69 19.79 -11.18
N LEU C 90 64.75 20.33 -11.77
CA LEU C 90 65.76 19.53 -12.45
C LEU C 90 66.89 19.17 -11.50
N LEU C 91 67.04 17.88 -11.20
CA LEU C 91 68.29 17.36 -10.65
C LEU C 91 68.67 15.97 -11.15
N THR C 92 67.97 15.41 -12.14
CA THR C 92 68.30 14.05 -12.59
C THR C 92 67.95 13.90 -14.06
N VAL C 93 68.96 13.62 -14.89
CA VAL C 93 68.73 13.05 -16.21
C VAL C 93 69.63 11.84 -16.33
N TYR C 94 69.46 11.07 -17.40
CA TYR C 94 70.21 9.82 -17.53
C TYR C 94 70.34 9.44 -18.99
N LEU C 95 71.08 8.34 -19.22
CA LEU C 95 71.29 7.80 -20.55
C LEU C 95 71.09 6.29 -20.51
N LYS C 96 71.48 5.61 -21.59
CA LYS C 96 71.55 4.17 -21.63
C LYS C 96 72.97 3.74 -21.96
N VAL C 97 73.35 2.56 -21.50
CA VAL C 97 74.59 1.90 -21.92
C VAL C 97 74.22 0.49 -22.31
N PHE C 98 74.18 0.22 -23.62
CA PHE C 98 74.16 -1.12 -24.15
C PHE C 98 75.61 -1.61 -24.21
N LEU C 99 75.78 -2.93 -24.30
CA LEU C 99 77.15 -3.44 -24.42
C LEU C 99 77.35 -4.43 -25.55
N SER C 100 76.30 -5.03 -26.11
CA SER C 100 76.40 -5.83 -27.32
C SER C 100 75.07 -5.79 -28.05
N GLY C 107 63.91 1.02 -26.74
CA GLY C 107 63.67 -0.07 -25.81
C GLY C 107 63.81 0.36 -24.37
N GLU C 108 63.71 -0.59 -23.44
CA GLU C 108 63.86 -0.30 -22.03
C GLU C 108 65.20 -0.83 -21.56
N CYS C 109 65.96 0.03 -20.89
CA CYS C 109 67.29 -0.32 -20.42
C CYS C 109 67.21 -1.14 -19.14
N GLN C 110 67.69 -2.38 -19.20
CA GLN C 110 67.86 -3.19 -18.00
C GLN C 110 69.14 -3.99 -18.07
N TRP C 111 69.64 -4.33 -16.88
CA TRP C 111 70.64 -5.37 -16.71
C TRP C 111 70.12 -6.68 -17.28
N PRO C 112 71.00 -7.50 -17.89
CA PRO C 112 72.42 -7.42 -18.21
C PRO C 112 72.72 -6.88 -19.60
N GLY C 113 71.67 -6.54 -20.34
CA GLY C 113 71.86 -5.98 -21.66
C GLY C 113 72.24 -4.51 -21.61
N CYS C 114 71.80 -3.82 -20.56
CA CYS C 114 71.95 -2.37 -20.48
C CYS C 114 72.21 -1.94 -19.04
N ALA C 115 72.68 -0.71 -18.91
CA ALA C 115 72.86 -0.05 -17.62
C ALA C 115 72.67 1.43 -17.84
N ARG C 116 71.76 2.03 -17.10
CA ARG C 116 71.51 3.46 -17.25
C ARG C 116 72.38 4.25 -16.30
N VAL C 117 72.92 5.35 -16.80
CA VAL C 117 73.88 6.16 -16.07
C VAL C 117 73.24 7.53 -15.86
N TYR C 118 73.24 7.99 -14.62
CA TYR C 118 72.61 9.26 -14.27
C TYR C 118 73.60 10.41 -14.32
N PHE C 119 73.04 11.62 -14.34
CA PHE C 119 73.78 12.85 -14.12
C PHE C 119 72.89 13.79 -13.33
N SER C 120 73.48 14.39 -12.28
CA SER C 120 72.80 15.34 -11.41
C SER C 120 73.48 16.70 -11.54
N PHE C 121 72.87 17.56 -12.35
CA PHE C 121 73.37 18.89 -12.63
C PHE C 121 73.03 19.83 -11.49
N PHE C 122 73.86 20.85 -11.28
CA PHE C 122 73.58 21.91 -10.32
C PHE C 122 73.74 23.28 -10.96
N ASN C 123 73.07 24.27 -10.37
CA ASN C 123 73.09 25.63 -10.86
C ASN C 123 74.47 26.27 -10.79
N THR C 124 75.25 25.90 -9.78
CA THR C 124 76.59 26.45 -9.66
C THR C 124 77.54 25.77 -10.64
N SER C 125 78.75 26.30 -10.72
CA SER C 125 79.81 25.70 -11.50
C SER C 125 80.62 24.75 -10.62
N PHE C 126 81.77 24.33 -11.13
CA PHE C 126 82.63 23.41 -10.41
C PHE C 126 83.20 24.08 -9.18
N PRO C 127 82.93 23.57 -7.97
CA PRO C 127 83.42 24.21 -6.75
C PRO C 127 84.92 23.98 -6.56
N ALA C 128 85.51 24.89 -5.79
CA ALA C 128 86.96 24.90 -5.58
C ALA C 128 87.38 23.76 -4.65
N CYS C 129 88.69 23.59 -4.52
CA CYS C 129 89.24 22.41 -3.84
C CYS C 129 89.05 22.46 -2.34
N SER C 130 88.94 23.66 -1.75
CA SER C 130 88.82 23.76 -0.31
C SER C 130 87.37 23.68 0.15
N SER C 131 86.41 23.83 -0.77
CA SER C 131 85.00 23.70 -0.47
C SER C 131 84.50 22.25 -0.55
N LEU C 132 85.41 21.30 -0.69
CA LEU C 132 85.06 19.89 -0.85
C LEU C 132 85.49 19.17 0.42
N LYS C 133 84.51 18.74 1.21
CA LYS C 133 84.78 17.99 2.42
C LYS C 133 85.29 16.60 2.03
N PRO C 134 86.19 16.00 2.84
CA PRO C 134 86.69 14.66 2.50
C PRO C 134 85.67 13.53 2.57
N ARG C 135 84.46 13.79 3.06
CA ARG C 135 83.40 12.78 2.97
C ARG C 135 82.96 12.53 1.53
N GLU C 136 82.93 13.58 0.70
CA GLU C 136 82.53 13.45 -0.70
C GLU C 136 83.69 13.42 -1.67
N LEU C 137 84.93 13.28 -1.17
CA LEU C 137 86.07 13.07 -2.05
C LEU C 137 86.34 11.62 -2.34
N CYS C 138 85.84 10.71 -1.50
CA CYS C 138 86.13 9.30 -1.64
C CYS C 138 85.14 8.61 -2.57
N PHE C 139 83.86 8.64 -2.22
CA PHE C 139 82.79 7.96 -2.93
C PHE C 139 81.61 8.91 -3.05
N PRO C 140 80.81 8.78 -4.11
CA PRO C 140 79.55 9.51 -4.19
C PRO C 140 78.55 9.03 -3.14
N GLU C 141 77.43 9.75 -3.05
CA GLU C 141 76.50 9.54 -1.95
C GLU C 141 75.67 8.28 -2.15
N THR C 142 75.07 8.11 -3.34
CA THR C 142 74.27 6.91 -3.64
C THR C 142 75.21 5.73 -3.80
N ARG C 143 75.11 4.77 -2.89
CA ARG C 143 76.05 3.66 -2.79
C ARG C 143 75.87 2.66 -3.93
N PRO C 144 76.97 2.07 -4.41
CA PRO C 144 76.88 1.04 -5.44
C PRO C 144 76.27 -0.26 -4.91
N SER C 145 75.95 -1.16 -5.85
CA SER C 145 75.35 -2.45 -5.52
C SER C 145 75.94 -3.51 -6.44
N PHE C 146 76.87 -4.30 -5.91
CA PHE C 146 77.65 -5.16 -6.78
C PHE C 146 77.03 -6.54 -6.91
N ARG C 147 77.04 -7.02 -8.15
CA ARG C 147 76.19 -8.14 -8.58
C ARG C 147 77.08 -9.11 -9.33
N ILE C 148 77.40 -10.25 -8.71
CA ILE C 148 78.35 -11.21 -9.28
C ILE C 148 77.71 -12.59 -9.35
N ARG C 149 77.77 -13.21 -10.52
CA ARG C 149 77.35 -14.60 -10.64
C ARG C 149 78.45 -15.52 -10.11
N GLU C 150 78.02 -16.64 -9.51
CA GLU C 150 78.98 -17.61 -9.02
C GLU C 150 79.63 -18.34 -10.18
N ASN C 151 80.81 -18.92 -9.92
CA ASN C 151 81.46 -19.91 -10.78
C ASN C 151 81.77 -19.34 -12.17
N ARG C 152 82.52 -18.25 -12.20
CA ARG C 152 82.79 -17.51 -13.42
C ARG C 152 84.29 -17.34 -13.58
N PRO C 153 84.77 -16.87 -14.74
CA PRO C 153 86.14 -16.37 -14.80
C PRO C 153 86.29 -15.14 -13.93
N PRO C 154 87.09 -15.22 -12.87
CA PRO C 154 87.14 -14.12 -11.89
C PRO C 154 87.93 -12.93 -12.43
N GLY C 155 87.44 -11.72 -12.13
CA GLY C 155 88.06 -10.53 -12.68
C GLY C 155 87.89 -9.25 -11.88
N THR C 156 87.64 -8.15 -12.60
CA THR C 156 87.61 -6.80 -12.04
C THR C 156 86.22 -6.23 -12.26
N PHE C 157 85.66 -5.59 -11.23
CA PHE C 157 84.31 -5.06 -11.32
C PHE C 157 84.14 -3.63 -10.81
N HIS C 158 85.20 -2.99 -10.33
CA HIS C 158 85.03 -1.67 -9.73
C HIS C 158 86.34 -0.90 -9.78
N GLN C 159 86.21 0.41 -9.96
CA GLN C 159 87.32 1.34 -9.98
C GLN C 159 86.97 2.52 -9.09
N PHE C 160 87.96 3.04 -8.35
CA PHE C 160 87.68 3.93 -7.24
C PHE C 160 87.56 5.41 -7.59
N ARG C 161 88.45 5.91 -8.45
CA ARG C 161 88.76 7.34 -8.44
C ARG C 161 87.65 8.21 -9.02
N LEU C 162 87.25 9.23 -8.27
CA LEU C 162 86.38 10.29 -8.76
C LEU C 162 87.15 11.13 -9.75
N LEU C 163 86.77 11.05 -11.00
CA LEU C 163 87.58 11.58 -12.09
C LEU C 163 87.53 13.11 -12.24
N PRO C 164 86.39 13.82 -12.06
CA PRO C 164 86.50 15.29 -12.00
C PRO C 164 87.27 15.80 -10.79
N VAL C 165 87.26 15.06 -9.67
CA VAL C 165 87.95 15.52 -8.46
C VAL C 165 89.46 15.56 -8.67
N GLN C 166 90.06 14.44 -9.05
CA GLN C 166 91.49 14.44 -9.30
C GLN C 166 91.86 15.13 -10.62
N PHE C 167 90.92 15.22 -11.55
CA PHE C 167 91.19 15.92 -12.80
C PHE C 167 91.29 17.42 -12.58
N LEU C 168 90.58 17.95 -11.59
CA LEU C 168 90.63 19.39 -11.35
C LEU C 168 91.03 19.78 -9.92
N CYS C 169 91.37 18.81 -9.05
CA CYS C 169 92.05 19.10 -7.78
C CYS C 169 93.11 18.03 -7.51
N PRO C 170 94.20 18.00 -8.30
CA PRO C 170 95.14 16.87 -8.18
C PRO C 170 96.14 16.98 -7.06
N ASN C 171 96.14 18.08 -6.28
CA ASN C 171 97.16 18.29 -5.26
C ASN C 171 96.76 17.77 -3.89
N ILE C 172 95.85 16.80 -3.83
CA ILE C 172 95.45 16.17 -2.58
C ILE C 172 95.76 14.69 -2.71
N SER C 173 96.58 14.17 -1.80
CA SER C 173 96.94 12.76 -1.83
C SER C 173 95.77 11.90 -1.35
N VAL C 174 95.21 11.10 -2.26
CA VAL C 174 94.02 10.30 -1.99
C VAL C 174 94.37 8.84 -2.18
N ALA C 175 94.03 8.00 -1.20
CA ALA C 175 94.35 6.58 -1.26
C ALA C 175 93.09 5.74 -1.07
N TYR C 176 93.08 4.57 -1.70
CA TYR C 176 91.96 3.64 -1.59
C TYR C 176 92.51 2.22 -1.44
N ARG C 177 91.94 1.46 -0.50
CA ARG C 177 92.23 0.04 -0.36
C ARG C 177 90.97 -0.69 0.07
N LEU C 178 91.12 -1.98 0.36
CA LEU C 178 90.06 -2.81 0.89
C LEU C 178 90.50 -3.46 2.19
N LEU C 179 89.54 -4.03 2.90
CA LEU C 179 89.84 -4.79 4.11
C LEU C 179 90.44 -6.13 3.71
N GLY C 183 90.28 -14.92 4.65
CA GLY C 183 90.57 -15.66 3.45
C GLY C 183 89.62 -15.30 2.32
N LEU C 184 89.61 -14.02 1.97
CA LEU C 184 88.63 -13.53 1.01
C LEU C 184 89.29 -13.32 -0.35
N PRO C 185 88.59 -13.66 -1.44
CA PRO C 185 89.17 -13.48 -2.77
C PRO C 185 89.20 -12.02 -3.22
N PHE C 186 88.57 -11.11 -2.50
CA PHE C 186 88.54 -9.70 -2.86
C PHE C 186 89.85 -9.05 -2.45
N ARG C 187 90.50 -8.39 -3.41
CA ARG C 187 91.74 -7.69 -3.13
C ARG C 187 91.79 -6.37 -3.90
N CYS C 188 92.51 -5.42 -3.30
CA CYS C 188 92.77 -4.12 -3.89
C CYS C 188 94.28 -3.99 -4.10
N ALA C 189 94.68 -3.77 -5.34
CA ALA C 189 96.09 -3.62 -5.65
C ALA C 189 96.58 -2.24 -5.21
N PRO C 190 97.81 -2.16 -4.68
CA PRO C 190 98.45 -0.86 -4.55
C PRO C 190 98.90 -0.35 -5.91
N ASP C 191 98.94 0.98 -6.04
CA ASP C 191 99.37 1.73 -7.23
C ASP C 191 98.47 1.49 -8.45
N SER C 192 97.33 0.82 -8.27
CA SER C 192 96.33 0.62 -9.30
C SER C 192 95.05 0.24 -8.59
N LEU C 193 94.03 1.10 -8.67
CA LEU C 193 92.87 1.02 -7.79
C LEU C 193 91.72 0.23 -8.39
N GLU C 194 92.02 -0.80 -9.18
CA GLU C 194 91.00 -1.74 -9.61
C GLU C 194 90.74 -2.78 -8.52
N VAL C 195 89.47 -3.10 -8.32
CA VAL C 195 89.06 -4.10 -7.33
C VAL C 195 88.94 -5.44 -8.04
N SER C 196 89.64 -6.46 -7.54
CA SER C 196 89.61 -7.74 -8.22
C SER C 196 89.21 -8.86 -7.26
N THR C 197 88.79 -9.96 -7.86
CA THR C 197 88.46 -11.20 -7.16
C THR C 197 89.37 -12.30 -7.65
N ARG C 198 90.00 -13.02 -6.70
CA ARG C 198 91.08 -13.94 -7.05
C ARG C 198 90.56 -15.19 -7.72
N TRP C 199 89.75 -15.97 -7.03
CA TRP C 199 89.16 -17.20 -7.55
C TRP C 199 87.67 -17.01 -7.70
N ALA C 200 87.01 -18.01 -8.27
CA ALA C 200 85.58 -17.92 -8.53
C ALA C 200 84.78 -18.24 -7.27
N LEU C 201 83.66 -17.54 -7.10
CA LEU C 201 82.79 -17.78 -5.95
C LEU C 201 81.76 -18.84 -6.26
N ASP C 202 81.21 -19.42 -5.19
CA ASP C 202 80.04 -20.30 -5.23
C ASP C 202 79.09 -19.83 -4.16
N ARG C 203 77.79 -19.85 -4.46
CA ARG C 203 76.79 -19.47 -3.47
C ARG C 203 76.73 -20.49 -2.34
N GLU C 204 76.94 -21.77 -2.67
CA GLU C 204 76.70 -22.89 -1.78
C GLU C 204 77.66 -22.91 -0.59
N GLN C 205 78.78 -22.19 -0.66
CA GLN C 205 79.60 -21.95 0.51
C GLN C 205 79.18 -20.67 1.23
N ARG C 206 79.33 -19.53 0.57
CA ARG C 206 78.90 -18.25 1.11
C ARG C 206 78.15 -17.49 0.05
N GLU C 207 77.32 -16.55 0.48
CA GLU C 207 76.40 -15.85 -0.40
C GLU C 207 76.25 -14.37 -0.11
N LYS C 208 76.71 -13.88 1.04
CA LYS C 208 76.65 -12.46 1.35
C LYS C 208 78.04 -11.96 1.71
N TYR C 209 78.48 -10.89 1.04
CA TYR C 209 79.74 -10.23 1.32
C TYR C 209 79.47 -8.72 1.39
N GLU C 210 79.26 -8.21 2.60
CA GLU C 210 79.16 -6.77 2.80
C GLU C 210 80.43 -6.30 3.49
N LEU C 211 81.44 -5.95 2.71
CA LEU C 211 82.75 -5.56 3.22
C LEU C 211 82.83 -4.04 3.31
N VAL C 212 84.05 -3.55 3.61
CA VAL C 212 84.31 -2.13 3.78
C VAL C 212 85.53 -1.74 2.93
N ALA C 213 85.39 -0.70 2.12
CA ALA C 213 86.50 -0.10 1.39
C ALA C 213 87.05 1.06 2.22
N VAL C 214 88.38 1.13 2.32
CA VAL C 214 89.04 2.12 3.16
C VAL C 214 89.53 3.25 2.26
N CYS C 215 89.14 4.48 2.59
CA CYS C 215 89.61 5.66 1.88
C CYS C 215 90.44 6.53 2.81
N THR C 216 91.49 7.14 2.28
CA THR C 216 92.38 8.00 3.05
C THR C 216 92.58 9.31 2.33
N VAL C 217 92.26 10.42 3.00
CA VAL C 217 92.37 11.74 2.41
C VAL C 217 93.53 12.47 3.07
N HIS C 218 94.34 13.15 2.23
CA HIS C 218 95.60 13.81 2.60
C HIS C 218 96.56 12.85 3.26
N GLU C 223 93.34 15.65 7.79
CA GLU C 223 93.47 14.23 7.48
C GLU C 223 92.26 13.45 7.98
N GLU C 224 91.69 12.60 7.13
CA GLU C 224 90.51 11.83 7.48
C GLU C 224 90.53 10.48 6.77
N VAL C 225 90.21 9.43 7.51
CA VAL C 225 90.04 8.09 6.94
C VAL C 225 88.57 7.72 7.00
N VAL C 226 88.03 7.27 5.87
CA VAL C 226 86.59 7.05 5.70
C VAL C 226 86.36 5.57 5.47
N MET C 227 85.29 5.04 6.08
CA MET C 227 84.84 3.66 5.90
C MET C 227 83.44 3.64 5.27
N VAL C 228 83.26 2.80 4.26
CA VAL C 228 82.07 2.81 3.42
C VAL C 228 81.54 1.39 3.25
N PRO C 229 80.24 1.22 2.94
CA PRO C 229 79.71 -0.13 2.69
C PRO C 229 80.16 -0.70 1.35
N PHE C 230 80.03 -2.03 1.24
CA PHE C 230 80.42 -2.75 0.03
C PHE C 230 79.62 -4.05 -0.12
N PRO C 231 78.42 -4.01 -0.70
CA PRO C 231 77.59 -5.24 -0.82
C PRO C 231 77.84 -5.99 -2.12
N VAL C 232 77.95 -7.31 -2.02
CA VAL C 232 78.14 -8.19 -3.17
C VAL C 232 77.08 -9.28 -3.07
N THR C 233 76.33 -9.50 -4.15
CA THR C 233 75.35 -10.58 -4.20
C THR C 233 75.83 -11.67 -5.14
N VAL C 234 75.86 -12.91 -4.65
CA VAL C 234 76.37 -14.05 -5.39
C VAL C 234 75.20 -14.86 -5.91
N TYR C 235 75.23 -15.21 -7.20
CA TYR C 235 74.13 -15.94 -7.83
C TYR C 235 74.32 -17.45 -7.81
N ASP C 236 73.47 -18.19 -8.54
CA ASP C 236 73.44 -19.64 -8.45
C ASP C 236 73.19 -20.27 -9.82
N GLU C 237 73.37 -21.59 -9.90
CA GLU C 237 73.25 -22.35 -11.14
C GLU C 237 72.56 -23.67 -10.85
N ASP C 238 72.11 -24.37 -11.91
CA ASP C 238 71.84 -25.80 -11.82
C ASP C 238 73.13 -26.61 -12.00
N ASP C 239 73.95 -26.51 -10.97
CA ASP C 239 75.02 -27.45 -10.71
C ASP C 239 74.59 -28.55 -9.76
N SER C 240 73.27 -28.81 -9.68
CA SER C 240 72.74 -29.83 -8.79
C SER C 240 71.59 -30.54 -9.47
N ALA C 241 71.57 -31.81 -9.32
CA ALA C 241 70.73 -32.98 -9.56
C ALA C 241 69.90 -33.27 -8.32
N PRO C 242 68.74 -33.91 -8.45
CA PRO C 242 67.93 -34.22 -7.25
C PRO C 242 68.61 -35.22 -6.32
N THR C 243 68.29 -35.08 -5.03
CA THR C 243 69.00 -35.77 -3.97
C THR C 243 68.01 -36.13 -2.87
N PHE C 244 68.16 -37.33 -2.31
CA PHE C 244 67.40 -37.81 -1.17
C PHE C 244 67.84 -37.12 0.12
N PRO C 245 66.94 -36.96 1.11
CA PRO C 245 67.33 -36.34 2.39
C PRO C 245 67.84 -37.33 3.42
N ALA C 246 69.08 -37.80 3.21
CA ALA C 246 69.83 -38.69 4.11
C ALA C 246 69.09 -40.00 4.37
N GLY C 247 68.94 -40.78 3.30
CA GLY C 247 68.40 -42.12 3.41
C GLY C 247 66.90 -42.22 3.57
N VAL C 248 66.15 -41.47 2.77
CA VAL C 248 64.68 -41.56 2.73
C VAL C 248 64.31 -41.68 1.26
N ASP C 249 63.91 -42.88 0.82
CA ASP C 249 63.72 -43.10 -0.60
C ASP C 249 62.25 -43.28 -0.98
N THR C 250 61.46 -43.99 -0.18
CA THR C 250 60.10 -44.36 -0.57
C THR C 250 59.29 -44.70 0.66
N ALA C 251 58.08 -44.12 0.78
CA ALA C 251 57.14 -44.46 1.82
C ALA C 251 56.01 -45.33 1.27
N SER C 252 55.18 -45.85 2.18
CA SER C 252 54.04 -46.67 1.80
C SER C 252 52.96 -46.57 2.86
N ALA C 253 51.73 -46.89 2.44
CA ALA C 253 50.58 -46.94 3.33
C ALA C 253 49.53 -47.83 2.68
N VAL C 254 48.51 -48.19 3.45
CA VAL C 254 47.45 -49.09 2.99
C VAL C 254 46.14 -48.32 2.94
N VAL C 255 45.54 -48.26 1.77
CA VAL C 255 44.28 -47.57 1.56
C VAL C 255 43.18 -48.31 2.32
N GLU C 256 42.70 -47.70 3.40
CA GLU C 256 41.94 -48.42 4.42
C GLU C 256 40.48 -48.00 4.51
N PHE C 257 40.21 -46.74 4.83
CA PHE C 257 38.87 -46.40 5.33
C PHE C 257 38.14 -45.29 4.61
N LYS C 258 38.85 -44.22 4.25
CA LYS C 258 38.21 -43.00 3.77
C LYS C 258 37.47 -43.21 2.45
N ARG C 259 38.24 -43.47 1.40
CA ARG C 259 37.80 -43.68 0.02
C ARG C 259 37.02 -42.50 -0.54
N LYS C 260 37.42 -41.29 -0.15
CA LYS C 260 36.92 -40.04 -0.71
C LYS C 260 37.39 -39.92 -2.17
N GLU C 261 36.91 -38.89 -2.87
CA GLU C 261 37.43 -38.57 -4.20
C GLU C 261 38.90 -38.22 -4.15
N ASP C 262 39.32 -37.51 -3.10
CA ASP C 262 40.73 -37.11 -2.96
C ASP C 262 41.15 -37.19 -1.50
N THR C 263 42.29 -37.84 -1.26
CA THR C 263 42.98 -37.82 0.01
C THR C 263 44.45 -38.10 -0.23
N VAL C 264 45.30 -37.25 0.35
CA VAL C 264 46.74 -37.47 0.32
C VAL C 264 47.08 -38.79 1.00
N VAL C 265 47.84 -39.63 0.32
CA VAL C 265 48.18 -40.97 0.81
C VAL C 265 49.62 -41.04 1.32
N ALA C 266 50.60 -40.80 0.43
CA ALA C 266 52.00 -40.89 0.79
C ALA C 266 52.72 -39.63 0.33
N THR C 267 53.82 -39.31 1.03
CA THR C 267 54.49 -38.03 0.84
C THR C 267 56.00 -38.23 0.93
N LEU C 268 56.72 -37.81 -0.09
CA LEU C 268 58.18 -37.91 -0.18
C LEU C 268 58.78 -36.52 -0.31
N ARG C 269 60.04 -36.40 0.10
CA ARG C 269 60.77 -35.14 0.03
C ARG C 269 62.00 -35.30 -0.83
N VAL C 270 62.24 -34.33 -1.70
CA VAL C 270 63.37 -34.33 -2.62
C VAL C 270 64.12 -33.02 -2.38
N PHE C 271 65.44 -33.12 -2.35
CA PHE C 271 66.29 -31.94 -2.14
C PHE C 271 67.12 -31.70 -3.40
N ASP C 272 66.68 -30.75 -4.22
CA ASP C 272 67.57 -30.18 -5.20
C ASP C 272 68.17 -28.89 -4.62
N ALA C 273 69.50 -28.82 -4.65
CA ALA C 273 70.22 -27.78 -3.91
C ALA C 273 70.25 -26.43 -4.63
N ASP C 274 69.46 -26.29 -5.69
CA ASP C 274 69.42 -25.03 -6.41
C ASP C 274 68.28 -24.18 -5.89
N VAL C 275 68.23 -22.94 -6.39
CA VAL C 275 67.02 -22.12 -6.34
C VAL C 275 66.50 -21.82 -7.73
N VAL C 276 67.40 -21.76 -8.70
CA VAL C 276 67.31 -21.09 -10.01
C VAL C 276 66.01 -21.33 -10.78
N PRO C 277 65.43 -22.56 -10.86
CA PRO C 277 64.11 -22.66 -11.51
C PRO C 277 63.01 -22.07 -10.65
N ALA C 278 62.75 -20.78 -10.80
CA ALA C 278 61.85 -20.03 -9.92
C ALA C 278 60.40 -20.46 -10.09
N SER C 279 59.52 -19.79 -9.35
CA SER C 279 58.13 -20.24 -9.21
C SER C 279 57.31 -20.04 -10.47
N GLY C 280 57.83 -19.29 -11.45
CA GLY C 280 57.12 -19.16 -12.71
C GLY C 280 57.33 -20.34 -13.64
N GLU C 281 58.60 -20.62 -13.99
CA GLU C 281 58.94 -21.71 -14.89
C GLU C 281 59.17 -23.02 -14.14
N LEU C 282 58.54 -23.17 -12.97
CA LEU C 282 58.64 -24.42 -12.24
C LEU C 282 57.72 -25.48 -12.83
N VAL C 283 56.72 -25.05 -13.61
CA VAL C 283 55.88 -25.98 -14.37
C VAL C 283 56.69 -26.69 -15.45
N ARG C 284 57.64 -26.00 -16.07
CA ARG C 284 58.29 -26.52 -17.27
C ARG C 284 59.39 -27.51 -16.94
N ARG C 285 59.92 -27.51 -15.72
CA ARG C 285 61.08 -28.34 -15.42
C ARG C 285 60.77 -29.41 -14.38
N TYR C 286 60.28 -29.04 -13.21
CA TYR C 286 59.98 -30.05 -12.20
C TYR C 286 58.69 -30.78 -12.48
N THR C 287 58.71 -31.66 -13.48
CA THR C 287 57.55 -32.42 -13.89
C THR C 287 57.54 -33.76 -13.18
N SER C 288 56.40 -34.12 -12.59
CA SER C 288 56.25 -35.40 -11.92
C SER C 288 55.81 -36.42 -12.97
N THR C 289 56.79 -37.05 -13.64
CA THR C 289 56.48 -38.00 -14.70
C THR C 289 56.00 -39.28 -14.04
N LEU C 290 54.72 -39.59 -14.18
CA LEU C 290 54.21 -40.84 -13.63
C LEU C 290 54.63 -42.00 -14.50
N LEU C 291 55.46 -42.90 -13.97
CA LEU C 291 55.85 -44.07 -14.73
C LEU C 291 54.70 -45.07 -14.74
N PRO C 292 54.38 -45.66 -15.91
CA PRO C 292 53.13 -46.40 -16.05
C PRO C 292 53.11 -47.76 -15.38
N GLY C 293 51.99 -48.47 -15.59
CA GLY C 293 51.67 -49.72 -14.93
C GLY C 293 50.27 -50.12 -15.34
N ASP C 294 49.40 -50.41 -14.37
CA ASP C 294 47.99 -50.55 -14.69
C ASP C 294 47.39 -49.18 -14.93
N THR C 295 46.41 -49.13 -15.83
CA THR C 295 45.76 -47.86 -16.12
C THR C 295 44.71 -47.50 -15.07
N TRP C 296 44.39 -48.43 -14.17
CA TRP C 296 43.48 -48.19 -13.05
C TRP C 296 43.99 -47.15 -12.07
N ALA C 297 45.31 -47.01 -11.95
CA ALA C 297 45.88 -45.98 -11.08
C ALA C 297 45.62 -44.59 -11.64
N GLN C 298 45.58 -44.46 -12.96
CA GLN C 298 45.23 -43.18 -13.58
C GLN C 298 43.76 -42.84 -13.36
N GLN C 299 42.93 -43.87 -13.18
CA GLN C 299 41.55 -43.65 -12.76
C GLN C 299 41.48 -43.26 -11.30
N THR C 300 42.38 -43.76 -10.47
CA THR C 300 42.19 -43.72 -9.03
C THR C 300 43.25 -42.97 -8.23
N PHE C 301 44.33 -42.48 -8.85
CA PHE C 301 45.41 -41.84 -8.11
C PHE C 301 46.09 -40.75 -8.94
N ARG C 302 46.77 -39.81 -8.26
CA ARG C 302 47.57 -38.80 -8.93
C ARG C 302 48.69 -38.31 -8.03
N VAL C 303 49.69 -37.66 -8.64
CA VAL C 303 50.90 -37.22 -7.97
C VAL C 303 50.93 -35.70 -8.01
N GLU C 304 50.83 -35.07 -6.83
CA GLU C 304 50.89 -33.62 -6.72
C GLU C 304 52.26 -33.20 -6.23
N HIS C 305 52.67 -32.00 -6.68
CA HIS C 305 54.04 -31.54 -6.51
C HIS C 305 54.06 -30.04 -6.30
N TRP C 306 54.34 -29.61 -5.07
CA TRP C 306 54.48 -28.19 -4.89
C TRP C 306 55.71 -27.93 -4.04
N PRO C 307 56.48 -26.90 -4.35
CA PRO C 307 57.72 -26.62 -3.61
C PRO C 307 57.48 -25.70 -2.44
N ASN C 308 58.50 -25.62 -1.58
CA ASN C 308 58.62 -24.51 -0.66
C ASN C 308 60.11 -24.35 -0.38
N GLU C 309 60.60 -23.12 -0.37
CA GLU C 309 62.04 -22.90 -0.30
C GLU C 309 62.48 -22.53 1.10
N THR C 310 63.58 -23.13 1.53
CA THR C 310 64.08 -23.05 2.91
C THR C 310 65.56 -22.67 2.91
N SER C 311 66.04 -22.25 4.08
CA SER C 311 67.41 -21.81 4.26
C SER C 311 68.12 -22.73 5.23
N VAL C 312 69.44 -22.80 5.12
CA VAL C 312 70.26 -23.75 5.88
C VAL C 312 71.67 -23.16 6.02
N GLN C 313 72.35 -23.52 7.11
CA GLN C 313 73.74 -23.13 7.28
C GLN C 313 74.66 -24.13 6.57
N ALA C 314 75.47 -23.62 5.64
CA ALA C 314 76.42 -24.46 4.92
C ALA C 314 77.87 -24.10 5.24
N ASN C 315 78.25 -22.83 5.12
CA ASN C 315 79.54 -22.38 5.62
C ASN C 315 79.41 -21.06 6.35
N GLY C 316 78.41 -20.96 7.22
CA GLY C 316 78.21 -19.80 8.06
C GLY C 316 77.17 -18.84 7.56
N SER C 317 76.80 -18.90 6.28
CA SER C 317 75.68 -18.14 5.75
C SER C 317 74.45 -19.05 5.67
N PHE C 318 73.29 -18.43 5.54
CA PHE C 318 72.03 -19.17 5.53
C PHE C 318 71.65 -19.33 4.07
N VAL C 319 72.29 -20.30 3.40
CA VAL C 319 72.07 -20.49 1.96
C VAL C 319 70.72 -21.15 1.77
N ARG C 320 69.99 -20.71 0.77
CA ARG C 320 68.66 -21.24 0.60
C ARG C 320 68.60 -22.11 -0.66
N ALA C 321 67.61 -22.98 -0.66
CA ALA C 321 67.32 -23.84 -1.80
C ALA C 321 65.87 -24.27 -1.70
N THR C 322 65.52 -25.23 -2.53
CA THR C 322 64.15 -25.69 -2.66
C THR C 322 63.94 -26.97 -1.88
N VAL C 323 62.69 -27.21 -1.50
CA VAL C 323 62.25 -28.51 -1.02
C VAL C 323 61.08 -28.91 -1.90
N HIS C 324 61.17 -30.07 -2.54
CA HIS C 324 60.16 -30.55 -3.45
C HIS C 324 59.46 -31.74 -2.83
N ASP C 325 58.20 -31.59 -2.46
CA ASP C 325 57.43 -32.69 -1.91
C ASP C 325 56.58 -33.31 -3.02
N TYR C 326 56.43 -34.63 -2.98
CA TYR C 326 55.58 -35.36 -3.90
C TYR C 326 54.54 -36.12 -3.09
N ARG C 327 53.28 -35.99 -3.48
CA ARG C 327 52.17 -36.56 -2.73
C ARG C 327 51.30 -37.42 -3.63
N LEU C 328 50.81 -38.53 -3.08
CA LEU C 328 49.80 -39.34 -3.74
C LEU C 328 48.42 -38.96 -3.22
N VAL C 329 47.59 -38.38 -4.08
CA VAL C 329 46.23 -38.02 -3.71
C VAL C 329 45.27 -38.85 -4.56
N LEU C 330 44.19 -39.32 -3.95
CA LEU C 330 43.16 -40.07 -4.65
C LEU C 330 42.55 -39.25 -5.77
N ASN C 331 41.98 -39.95 -6.75
CA ASN C 331 41.40 -39.31 -7.92
C ASN C 331 39.89 -39.51 -8.03
N ARG C 332 39.32 -40.52 -7.36
CA ARG C 332 37.89 -40.76 -7.46
C ARG C 332 37.39 -41.42 -6.17
N ASN C 333 36.07 -41.44 -6.03
CA ASN C 333 35.44 -42.15 -4.92
C ASN C 333 35.52 -43.64 -5.16
N LEU C 334 36.41 -44.32 -4.44
CA LEU C 334 36.58 -45.75 -4.61
C LEU C 334 35.38 -46.53 -4.07
N SER C 335 35.18 -47.71 -4.64
CA SER C 335 34.15 -48.63 -4.16
C SER C 335 34.66 -49.36 -2.93
N ILE C 336 33.81 -50.22 -2.37
CA ILE C 336 34.18 -50.89 -1.13
C ILE C 336 35.09 -52.07 -1.41
N SER C 337 34.72 -52.91 -2.35
CA SER C 337 35.25 -54.26 -2.45
C SER C 337 36.58 -54.35 -3.18
N GLU C 338 37.35 -53.27 -3.27
CA GLU C 338 38.60 -53.32 -4.02
C GLU C 338 39.68 -53.97 -3.18
N ASN C 339 40.37 -54.96 -3.76
CA ASN C 339 41.42 -55.72 -3.07
C ASN C 339 42.55 -55.96 -4.06
N ARG C 340 43.50 -55.03 -4.14
CA ARG C 340 44.59 -55.10 -5.12
C ARG C 340 45.85 -54.52 -4.50
N THR C 341 46.95 -54.59 -5.26
CA THR C 341 48.20 -53.96 -4.87
C THR C 341 49.04 -53.66 -6.11
N MET C 342 49.77 -52.55 -6.06
CA MET C 342 50.67 -52.15 -7.14
C MET C 342 51.91 -51.48 -6.56
N GLN C 343 52.86 -51.15 -7.43
CA GLN C 343 54.06 -50.39 -7.08
C GLN C 343 54.22 -49.28 -8.11
N LEU C 344 53.86 -48.06 -7.71
CA LEU C 344 53.73 -46.92 -8.63
C LEU C 344 55.03 -46.12 -8.64
N ALA C 345 55.63 -45.99 -9.82
CA ALA C 345 56.92 -45.33 -9.96
C ALA C 345 56.76 -43.94 -10.56
N VAL C 346 57.65 -43.02 -10.16
CA VAL C 346 57.62 -41.62 -10.54
C VAL C 346 59.03 -41.18 -10.90
N LEU C 347 59.21 -40.60 -12.09
CA LEU C 347 60.45 -39.98 -12.49
C LEU C 347 60.39 -38.48 -12.19
N VAL C 348 61.53 -37.93 -11.79
CA VAL C 348 61.62 -36.53 -11.35
C VAL C 348 62.64 -35.80 -12.22
N ASN C 349 62.21 -34.73 -12.88
CA ASN C 349 63.06 -33.95 -13.76
C ASN C 349 63.53 -32.69 -13.01
N ASP C 350 64.67 -32.15 -13.46
CA ASP C 350 65.28 -30.95 -12.88
C ASP C 350 66.19 -30.35 -13.94
N SER C 351 65.76 -29.26 -14.55
CA SER C 351 66.50 -28.69 -15.67
C SER C 351 66.51 -27.17 -15.67
N VAL C 360 67.61 -36.30 -12.35
CA VAL C 360 66.43 -37.03 -12.81
C VAL C 360 66.27 -38.26 -11.93
N LEU C 361 65.52 -38.13 -10.85
CA LEU C 361 65.53 -39.13 -9.80
C LEU C 361 64.40 -40.13 -10.00
N LEU C 362 64.54 -41.29 -9.37
CA LEU C 362 63.58 -42.38 -9.46
C LEU C 362 62.91 -42.59 -8.10
N LEU C 363 61.59 -42.65 -8.10
CA LEU C 363 60.80 -42.86 -6.90
C LEU C 363 59.75 -43.94 -7.20
N HIS C 364 59.17 -44.49 -6.14
CA HIS C 364 58.05 -45.42 -6.26
C HIS C 364 57.24 -45.35 -4.97
N PHE C 365 56.17 -46.14 -4.93
CA PHE C 365 55.19 -46.13 -3.84
C PHE C 365 54.54 -47.49 -3.77
N ASN C 366 54.52 -48.11 -2.58
CA ASN C 366 53.77 -49.34 -2.38
C ASN C 366 52.34 -48.98 -2.00
N VAL C 367 51.40 -49.28 -2.89
CA VAL C 367 50.01 -48.89 -2.73
C VAL C 367 49.14 -50.14 -2.80
N SER C 368 48.44 -50.44 -1.71
CA SER C 368 47.58 -51.60 -1.62
C SER C 368 46.20 -51.17 -1.16
N VAL C 369 45.18 -51.69 -1.84
CA VAL C 369 43.79 -51.40 -1.51
C VAL C 369 43.14 -52.63 -0.90
N LEU C 370 42.64 -52.48 0.33
CA LEU C 370 41.92 -53.49 1.07
C LEU C 370 40.43 -53.17 1.08
N PRO C 371 39.58 -54.17 0.97
CA PRO C 371 38.15 -53.94 1.08
C PRO C 371 37.71 -53.84 2.54
N VAL C 372 36.44 -53.45 2.70
CA VAL C 372 35.83 -53.24 4.00
C VAL C 372 34.69 -54.22 4.14
N SER C 373 34.60 -54.89 5.28
CA SER C 373 33.44 -55.72 5.58
C SER C 373 32.21 -54.85 5.83
N LEU C 374 31.04 -55.36 5.45
CA LEU C 374 29.81 -54.62 5.69
C LEU C 374 29.02 -55.23 6.83
N HIS C 375 29.71 -55.76 7.82
CA HIS C 375 29.07 -56.44 8.93
C HIS C 375 28.55 -55.42 9.94
N LEU C 376 27.29 -55.04 9.76
CA LEU C 376 26.57 -54.29 10.77
C LEU C 376 26.35 -55.17 11.99
N PRO C 377 26.41 -54.59 13.20
CA PRO C 377 26.00 -55.34 14.40
C PRO C 377 24.54 -55.75 14.33
N SER C 378 24.32 -57.06 14.43
CA SER C 378 23.04 -57.64 14.07
C SER C 378 21.99 -57.44 15.18
N THR C 379 22.32 -57.82 16.40
CA THR C 379 21.34 -57.83 17.49
C THR C 379 21.57 -56.62 18.40
N TYR C 380 20.57 -55.73 18.43
CA TYR C 380 20.61 -54.54 19.28
C TYR C 380 19.18 -54.09 19.53
N SER C 381 18.93 -53.65 20.76
CA SER C 381 17.59 -53.31 21.18
C SER C 381 17.60 -51.94 21.84
N LEU C 382 16.46 -51.26 21.77
CA LEU C 382 16.33 -49.94 22.36
C LEU C 382 14.88 -49.69 22.69
N SER C 383 14.67 -48.84 23.69
CA SER C 383 13.34 -48.49 24.15
C SER C 383 12.96 -47.10 23.68
N VAL C 384 11.69 -46.97 23.31
CA VAL C 384 11.14 -45.74 22.78
C VAL C 384 9.94 -45.34 23.64
N SER C 385 9.95 -44.12 24.16
CA SER C 385 8.76 -43.57 24.79
C SER C 385 7.70 -43.34 23.71
N ARG C 386 6.50 -43.87 23.93
CA ARG C 386 5.46 -43.81 22.91
C ARG C 386 4.86 -42.41 22.76
N ARG C 387 5.15 -41.49 23.66
CA ARG C 387 4.63 -40.13 23.61
C ARG C 387 5.39 -39.24 22.67
N ALA C 388 6.41 -39.75 21.99
CA ALA C 388 7.30 -38.93 21.17
C ALA C 388 6.60 -38.42 19.92
N ARG C 389 7.07 -37.29 19.43
CA ARG C 389 6.46 -36.66 18.29
C ARG C 389 7.21 -37.00 17.01
N ARG C 390 6.77 -36.43 15.89
CA ARG C 390 7.37 -36.76 14.61
C ARG C 390 8.75 -36.15 14.47
N PHE C 391 9.61 -36.83 13.71
CA PHE C 391 11.06 -36.54 13.61
C PHE C 391 11.71 -36.54 14.99
N ALA C 392 11.73 -37.71 15.63
CA ALA C 392 12.20 -37.87 17.00
C ALA C 392 13.51 -38.64 17.01
N GLN C 393 14.59 -37.97 17.41
CA GLN C 393 15.91 -38.61 17.44
C GLN C 393 15.99 -39.56 18.62
N ILE C 394 16.31 -40.82 18.34
CA ILE C 394 16.36 -41.81 19.41
C ILE C 394 17.73 -42.46 19.49
N GLY C 395 18.15 -43.15 18.43
CA GLY C 395 19.33 -43.98 18.52
C GLY C 395 20.23 -43.89 17.30
N LYS C 396 21.48 -44.27 17.53
CA LYS C 396 22.48 -44.28 16.48
C LYS C 396 22.69 -45.68 15.93
N VAL C 397 22.40 -45.83 14.65
CA VAL C 397 22.82 -46.97 13.87
C VAL C 397 24.23 -46.62 13.44
N CYS C 398 25.17 -47.54 13.61
CA CYS C 398 26.50 -47.29 13.07
C CYS C 398 27.07 -48.57 12.50
N VAL C 399 27.80 -48.43 11.39
CA VAL C 399 28.54 -49.54 10.82
C VAL C 399 29.77 -49.77 11.72
N GLU C 400 30.50 -50.86 11.45
CA GLU C 400 31.60 -51.29 12.29
C GLU C 400 32.77 -50.28 12.32
N ASN C 401 32.94 -49.48 11.27
CA ASN C 401 33.98 -48.44 11.23
C ASN C 401 33.31 -47.06 11.12
N CYS C 402 32.93 -46.51 12.28
CA CYS C 402 32.02 -45.36 12.36
C CYS C 402 32.56 -44.08 11.74
N GLN C 403 33.65 -43.56 12.28
CA GLN C 403 34.11 -42.22 11.93
C GLN C 403 35.13 -42.24 10.81
N ALA C 404 34.99 -43.17 9.86
CA ALA C 404 36.09 -43.50 8.97
C ALA C 404 35.74 -43.49 7.50
N PHE C 405 34.48 -43.55 7.13
CA PHE C 405 34.15 -43.56 5.71
C PHE C 405 34.05 -42.13 5.18
N SER C 406 34.49 -41.95 3.95
CA SER C 406 34.51 -40.61 3.39
C SER C 406 33.86 -40.50 2.03
N GLY C 407 34.05 -41.48 1.15
CA GLY C 407 33.48 -41.38 -0.17
C GLY C 407 32.66 -42.60 -0.58
N ILE C 408 31.91 -43.16 0.38
CA ILE C 408 31.05 -44.31 0.13
C ILE C 408 29.64 -43.97 0.62
N ASN C 409 28.65 -44.18 -0.25
CA ASN C 409 27.26 -43.82 0.02
C ASN C 409 26.51 -45.02 0.58
N VAL C 410 26.69 -45.28 1.87
CA VAL C 410 26.02 -46.40 2.54
C VAL C 410 24.67 -45.88 3.00
N GLN C 411 23.62 -46.28 2.30
CA GLN C 411 22.29 -45.77 2.54
C GLN C 411 21.54 -46.80 3.37
N TYR C 412 20.64 -46.33 4.24
CA TYR C 412 19.96 -47.24 5.16
C TYR C 412 18.54 -47.46 4.67
N LYS C 413 18.17 -48.72 4.50
CA LYS C 413 16.79 -49.08 4.20
C LYS C 413 16.16 -49.86 5.36
N LEU C 414 14.90 -49.54 5.65
CA LEU C 414 14.19 -50.11 6.78
C LEU C 414 13.05 -50.99 6.27
N HIS C 415 13.30 -52.28 6.16
CA HIS C 415 12.23 -53.23 5.90
C HIS C 415 11.60 -53.68 7.21
N SER C 416 10.27 -53.73 7.21
CA SER C 416 9.53 -53.93 8.44
C SER C 416 8.65 -55.16 8.40
N SER C 417 8.38 -55.73 9.57
CA SER C 417 7.55 -56.93 9.69
C SER C 417 7.03 -57.10 11.12
N CYS C 421 2.56 -51.81 11.60
CA CYS C 421 2.73 -50.78 12.62
C CYS C 421 3.89 -49.83 12.24
N SER C 422 3.54 -48.60 11.87
CA SER C 422 4.51 -47.61 11.38
C SER C 422 4.73 -46.52 12.42
N THR C 423 5.83 -46.62 13.16
CA THR C 423 6.26 -45.59 14.11
C THR C 423 7.63 -45.02 13.77
N LEU C 424 8.62 -45.86 13.49
CA LEU C 424 9.98 -45.36 13.32
C LEU C 424 10.38 -45.27 11.85
N GLY C 425 11.58 -44.73 11.60
CA GLY C 425 12.11 -44.50 10.28
C GLY C 425 13.54 -43.99 10.33
N VAL C 426 14.36 -44.39 9.36
CA VAL C 426 15.80 -44.12 9.35
C VAL C 426 16.17 -43.49 8.01
N VAL C 427 16.93 -42.39 8.05
CA VAL C 427 17.69 -41.95 6.89
C VAL C 427 19.14 -41.77 7.35
N THR C 428 20.07 -42.29 6.55
CA THR C 428 21.50 -42.08 6.78
C THR C 428 21.84 -40.60 6.67
N SER C 429 22.52 -40.07 7.69
CA SER C 429 23.07 -38.71 7.56
C SER C 429 24.34 -38.78 6.72
N ALA C 430 24.48 -37.86 5.76
CA ALA C 430 25.63 -37.91 4.85
C ALA C 430 26.92 -37.45 5.50
N GLU C 431 26.89 -37.03 6.77
CA GLU C 431 28.11 -36.62 7.45
C GLU C 431 28.90 -37.84 7.92
N ASP C 432 28.35 -38.60 8.87
CA ASP C 432 29.05 -39.74 9.45
C ASP C 432 28.81 -41.03 8.68
N THR C 433 27.89 -41.02 7.71
CA THR C 433 27.21 -42.21 7.18
C THR C 433 26.68 -43.09 8.31
N SER C 434 26.07 -42.43 9.30
CA SER C 434 25.48 -43.09 10.45
C SER C 434 23.99 -42.79 10.48
N GLY C 435 23.25 -43.62 11.22
CA GLY C 435 21.81 -43.53 11.22
C GLY C 435 21.21 -42.90 12.45
N ILE C 436 20.58 -41.77 12.23
CA ILE C 436 19.75 -41.12 13.23
C ILE C 436 18.29 -41.35 12.85
N LEU C 437 17.57 -42.08 13.71
CA LEU C 437 16.28 -42.63 13.36
C LEU C 437 15.18 -41.75 13.91
N PHE C 438 14.07 -41.64 13.18
CA PHE C 438 13.06 -40.64 13.45
C PHE C 438 11.67 -41.26 13.47
N VAL C 439 10.70 -40.46 13.92
CA VAL C 439 9.28 -40.87 13.93
C VAL C 439 8.65 -40.26 12.68
N ASN C 440 8.20 -41.13 11.78
CA ASN C 440 7.51 -40.68 10.59
C ASN C 440 6.02 -41.02 10.74
N PRO C 448 -1.82 -48.56 18.88
CA PRO C 448 -2.86 -49.56 18.65
C PRO C 448 -2.47 -50.96 19.16
N LYS C 449 -1.94 -51.02 20.38
CA LYS C 449 -1.55 -52.26 21.08
C LYS C 449 -0.53 -53.06 20.28
N CYS C 450 0.62 -52.45 20.03
CA CYS C 450 1.66 -53.00 19.16
C CYS C 450 3.05 -52.69 19.74
N ALA C 451 3.21 -52.89 21.06
CA ALA C 451 4.31 -52.32 21.82
C ALA C 451 5.62 -53.11 21.72
N GLU C 452 5.73 -54.02 20.76
CA GLU C 452 7.02 -54.59 20.39
C GLU C 452 6.96 -54.86 18.90
N LEU C 453 8.01 -54.47 18.18
CA LEU C 453 8.04 -54.67 16.74
C LEU C 453 9.35 -55.31 16.29
N HIS C 454 9.49 -55.41 14.97
CA HIS C 454 10.59 -56.11 14.32
C HIS C 454 10.94 -55.31 13.07
N TYR C 455 12.08 -54.63 13.10
CA TYR C 455 12.54 -53.83 11.97
C TYR C 455 13.86 -54.40 11.49
N MET C 456 13.82 -55.11 10.38
CA MET C 456 15.01 -55.71 9.81
C MET C 456 15.73 -54.60 9.07
N VAL C 457 16.73 -54.02 9.73
CA VAL C 457 17.44 -52.87 9.19
C VAL C 457 18.38 -53.33 8.09
N VAL C 458 18.16 -52.82 6.89
CA VAL C 458 18.90 -53.25 5.70
C VAL C 458 19.88 -52.15 5.33
N ALA C 459 21.16 -52.48 5.35
CA ALA C 459 22.23 -51.50 5.14
C ALA C 459 22.79 -51.68 3.74
N THR C 460 22.37 -50.82 2.82
CA THR C 460 22.74 -50.95 1.42
C THR C 460 23.79 -49.93 1.03
N ASP C 461 24.26 -50.06 -0.21
CA ASP C 461 25.20 -49.14 -0.83
C ASP C 461 24.65 -48.80 -2.20
N GLN C 462 25.20 -47.76 -2.82
CA GLN C 462 24.73 -47.36 -4.14
C GLN C 462 25.71 -47.76 -5.24
N GLN C 463 27.01 -47.57 -5.00
CA GLN C 463 28.01 -47.85 -6.02
C GLN C 463 28.37 -49.34 -6.09
N THR C 464 28.14 -50.10 -5.03
CA THR C 464 28.23 -51.56 -5.05
C THR C 464 26.91 -52.09 -4.54
N SER C 465 26.41 -53.14 -5.16
CA SER C 465 25.12 -53.69 -4.78
C SER C 465 25.13 -54.43 -3.44
N ARG C 466 26.29 -54.56 -2.80
CA ARG C 466 26.42 -55.22 -1.51
C ARG C 466 25.63 -54.54 -0.41
N GLN C 467 24.68 -55.26 0.15
CA GLN C 467 23.97 -54.80 1.32
C GLN C 467 24.27 -55.72 2.48
N ALA C 468 23.59 -55.50 3.59
CA ALA C 468 23.51 -56.44 4.69
C ALA C 468 22.17 -56.19 5.36
N GLN C 469 21.90 -56.95 6.41
CA GLN C 469 20.74 -56.63 7.23
C GLN C 469 21.02 -57.04 8.66
N ALA C 470 20.18 -56.54 9.56
CA ALA C 470 20.35 -56.69 11.00
C ALA C 470 18.99 -56.64 11.65
N GLN C 471 18.92 -57.06 12.90
CA GLN C 471 17.67 -57.16 13.63
C GLN C 471 17.53 -56.03 14.64
N LEU C 472 16.44 -55.28 14.52
CA LEU C 472 16.06 -54.38 15.59
C LEU C 472 14.96 -55.05 16.39
N LEU C 473 15.17 -55.07 17.71
CA LEU C 473 14.13 -55.50 18.63
C LEU C 473 13.74 -54.27 19.43
N VAL C 474 12.84 -53.48 18.86
CA VAL C 474 12.42 -52.20 19.46
C VAL C 474 11.38 -52.48 20.54
N THR C 475 11.59 -51.87 21.71
CA THR C 475 10.71 -52.07 22.86
C THR C 475 10.03 -50.74 23.14
N VAL C 476 8.70 -50.76 23.15
CA VAL C 476 7.92 -49.55 23.39
C VAL C 476 7.39 -49.58 24.83
N GLU C 477 7.35 -48.41 25.48
CA GLU C 477 7.06 -48.38 26.92
C GLU C 477 5.74 -47.70 27.26
N GLY C 478 4.68 -47.99 26.52
CA GLY C 478 3.35 -47.53 26.89
C GLY C 478 2.75 -46.45 26.00
N CYS C 487 -0.07 -24.32 23.47
CA CYS C 487 1.21 -24.85 22.98
C CYS C 487 1.43 -24.72 21.48
N PRO C 488 2.63 -24.26 21.11
CA PRO C 488 2.93 -23.98 19.70
C PRO C 488 3.27 -25.23 18.92
N LEU C 489 3.65 -25.00 17.69
CA LEU C 489 4.07 -26.04 16.76
C LEU C 489 5.55 -26.34 16.85
N SER C 490 6.41 -25.33 17.00
CA SER C 490 7.85 -25.51 17.09
C SER C 490 8.32 -25.17 18.50
N CYS C 491 9.55 -25.58 18.81
CA CYS C 491 10.06 -25.35 20.16
C CYS C 491 10.63 -23.95 20.32
N ALA C 492 11.15 -23.40 19.24
CA ALA C 492 11.84 -22.11 19.26
C ALA C 492 10.93 -20.93 19.52
N VAL C 493 9.61 -21.13 19.42
CA VAL C 493 8.70 -20.02 19.65
C VAL C 493 8.65 -19.71 21.15
N SER C 494 9.06 -20.67 21.98
CA SER C 494 9.09 -20.48 23.42
C SER C 494 10.11 -19.42 23.82
N LYS C 495 9.91 -18.87 25.02
CA LYS C 495 10.64 -17.70 25.46
C LYS C 495 11.29 -17.84 26.83
N ARG C 496 10.60 -18.47 27.79
CA ARG C 496 11.11 -18.57 29.15
C ARG C 496 11.56 -19.99 29.47
N ARG C 497 11.98 -20.21 30.72
CA ARG C 497 12.52 -21.50 31.08
C ARG C 497 11.41 -22.53 31.26
N LEU C 498 10.44 -22.25 32.14
CA LEU C 498 9.37 -23.23 32.35
C LEU C 498 8.40 -23.23 31.18
N GLU C 499 8.35 -22.16 30.40
CA GLU C 499 7.57 -22.14 29.17
C GLU C 499 8.05 -23.15 28.15
N CYS C 500 9.34 -23.47 28.15
CA CYS C 500 9.95 -24.47 27.29
C CYS C 500 9.83 -25.87 27.89
N GLU C 501 9.94 -25.96 29.21
CA GLU C 501 9.97 -27.24 29.90
C GLU C 501 8.58 -27.81 30.16
N GLU C 502 7.56 -26.96 30.20
CA GLU C 502 6.18 -27.41 30.41
C GLU C 502 5.40 -27.46 29.11
N CYS C 503 6.07 -27.40 27.96
CA CYS C 503 5.35 -27.46 26.69
C CYS C 503 6.24 -28.01 25.60
N GLY C 504 5.65 -28.84 24.75
CA GLY C 504 6.38 -29.53 23.72
C GLY C 504 6.08 -29.08 22.31
N GLY C 505 7.04 -29.28 21.41
CA GLY C 505 6.91 -28.84 20.03
C GLY C 505 6.69 -29.95 19.03
N LEU C 506 7.43 -29.92 17.92
CA LEU C 506 7.20 -30.82 16.80
C LEU C 506 8.14 -32.01 16.80
N GLY C 507 9.43 -31.81 17.08
CA GLY C 507 10.40 -32.87 16.88
C GLY C 507 10.77 -33.66 18.12
N SER C 508 9.85 -33.80 19.05
CA SER C 508 10.27 -34.24 20.37
C SER C 508 10.36 -35.77 20.46
N PRO C 509 11.49 -36.30 20.93
CA PRO C 509 11.56 -37.72 21.29
C PRO C 509 11.05 -37.97 22.70
N THR C 510 10.85 -36.90 23.46
CA THR C 510 10.40 -37.01 24.83
C THR C 510 9.01 -36.45 25.03
N GLY C 511 8.36 -35.96 23.97
CA GLY C 511 7.13 -35.24 24.10
C GLY C 511 7.30 -33.75 24.30
N ARG C 512 8.26 -33.34 25.12
CA ARG C 512 8.55 -31.94 25.37
C ARG C 512 9.86 -31.53 24.71
N CYS C 513 10.15 -30.23 24.77
CA CYS C 513 11.32 -29.61 24.19
C CYS C 513 12.39 -29.52 25.28
N GLU C 514 13.48 -28.81 25.02
CA GLU C 514 14.49 -28.69 26.07
C GLU C 514 15.19 -27.34 26.03
N TRP C 515 15.28 -26.69 27.17
CA TRP C 515 15.86 -25.35 27.26
C TRP C 515 17.37 -25.45 27.43
N ARG C 516 18.12 -24.94 26.46
CA ARG C 516 19.53 -24.72 26.71
C ARG C 516 19.75 -23.25 27.05
N GLN C 517 20.67 -23.03 27.99
CA GLN C 517 20.81 -21.75 28.66
C GLN C 517 22.29 -21.48 28.90
N GLY C 518 22.85 -20.58 28.11
CA GLY C 518 24.24 -20.21 28.28
C GLY C 518 24.57 -18.92 27.57
N LYS C 521 28.19 -15.29 26.85
CA LYS C 521 28.36 -13.92 27.31
C LYS C 521 27.56 -12.96 26.42
N GLY C 522 28.27 -12.21 25.58
CA GLY C 522 27.60 -11.25 24.70
C GLY C 522 27.30 -11.86 23.36
N ILE C 523 27.92 -11.36 22.30
CA ILE C 523 27.69 -11.89 20.97
C ILE C 523 28.55 -13.13 20.86
N THR C 524 28.06 -14.26 21.37
CA THR C 524 28.85 -15.47 21.56
C THR C 524 28.10 -16.67 21.03
N ARG C 525 28.85 -17.73 20.74
CA ARG C 525 28.24 -18.97 20.27
C ARG C 525 27.43 -19.68 21.34
N ASN C 526 27.75 -19.49 22.62
CA ASN C 526 26.88 -20.02 23.67
C ASN C 526 25.73 -19.03 23.83
N PHE C 527 24.64 -19.30 23.11
CA PHE C 527 23.41 -18.54 23.29
C PHE C 527 22.39 -19.47 23.92
N SER C 528 21.17 -19.00 24.11
CA SER C 528 20.14 -19.79 24.76
C SER C 528 18.93 -19.92 23.87
N THR C 529 18.32 -21.10 23.87
CA THR C 529 17.07 -21.29 23.15
C THR C 529 16.32 -22.51 23.70
N CYS C 530 15.02 -22.50 23.51
CA CYS C 530 14.21 -23.68 23.70
C CYS C 530 14.38 -24.57 22.48
N SER C 531 15.39 -25.42 22.50
CA SER C 531 15.69 -26.18 21.31
C SER C 531 15.16 -27.60 21.45
N PRO C 532 14.78 -28.21 20.35
CA PRO C 532 14.42 -29.64 20.39
C PRO C 532 15.56 -30.59 20.75
N SER C 533 16.61 -30.63 19.93
CA SER C 533 17.60 -31.70 19.97
C SER C 533 18.87 -31.14 20.59
N THR C 534 19.02 -31.30 21.91
CA THR C 534 20.02 -30.58 22.69
C THR C 534 21.46 -30.87 22.30
N LYS C 535 21.72 -31.94 21.55
CA LYS C 535 23.02 -32.16 20.94
C LYS C 535 23.00 -31.88 19.44
N THR C 536 21.82 -31.68 18.85
CA THR C 536 21.74 -31.47 17.41
C THR C 536 21.00 -30.20 17.03
N CYS C 537 20.03 -29.74 17.80
CA CYS C 537 19.43 -28.48 17.43
C CYS C 537 20.34 -27.29 17.75
N PRO C 538 20.66 -26.92 19.03
CA PRO C 538 21.32 -25.62 19.23
C PRO C 538 22.83 -25.70 19.00
N ASP C 539 23.22 -26.25 17.85
CA ASP C 539 24.47 -26.96 17.77
C ASP C 539 25.52 -26.28 16.92
N GLY C 540 25.16 -25.81 15.74
CA GLY C 540 26.13 -25.52 14.70
C GLY C 540 26.12 -26.48 13.54
N HIS C 541 25.23 -27.46 13.47
CA HIS C 541 25.10 -28.20 12.23
C HIS C 541 23.64 -28.47 11.91
N CYS C 542 23.33 -28.39 10.63
CA CYS C 542 21.97 -28.43 10.10
C CYS C 542 21.84 -29.70 9.27
N ASP C 543 21.45 -30.79 9.92
CA ASP C 543 21.41 -32.10 9.28
C ASP C 543 20.07 -32.33 8.57
N VAL C 544 19.87 -33.55 8.05
CA VAL C 544 18.67 -33.84 7.27
C VAL C 544 17.54 -34.28 8.22
N VAL C 545 17.86 -34.50 9.50
CA VAL C 545 16.83 -34.60 10.52
C VAL C 545 16.08 -33.28 10.65
N GLU C 546 16.79 -32.16 10.55
CA GLU C 546 16.21 -30.87 10.88
C GLU C 546 15.60 -30.14 9.67
N THR C 547 15.85 -30.58 8.43
CA THR C 547 15.55 -29.75 7.26
C THR C 547 14.44 -30.28 6.35
N GLN C 548 13.62 -31.25 6.79
CA GLN C 548 12.56 -31.76 5.91
C GLN C 548 11.43 -30.76 5.76
N ASP C 549 10.72 -30.44 6.85
CA ASP C 549 9.80 -29.31 6.88
C ASP C 549 10.32 -28.26 7.83
N ILE C 550 10.04 -27.00 7.50
CA ILE C 550 10.78 -25.89 8.08
C ILE C 550 10.02 -25.48 9.34
N ASN C 551 10.10 -26.34 10.36
CA ASN C 551 9.62 -26.07 11.71
C ASN C 551 10.45 -26.71 12.80
N ILE C 552 11.42 -27.55 12.45
CA ILE C 552 11.94 -28.54 13.39
C ILE C 552 12.93 -27.90 14.35
N CYS C 553 14.06 -27.48 13.82
CA CYS C 553 15.12 -26.83 14.60
C CYS C 553 15.61 -25.66 13.78
N PRO C 554 15.11 -24.46 14.03
CA PRO C 554 15.42 -23.35 13.13
C PRO C 554 16.70 -22.60 13.46
N GLN C 555 17.10 -22.55 14.76
CA GLN C 555 18.27 -21.82 15.23
C GLN C 555 19.52 -22.20 14.50
N ASP C 556 19.58 -23.44 14.13
CA ASP C 556 20.63 -23.96 13.29
C ASP C 556 20.18 -24.09 11.84
N CYS C 557 18.90 -23.86 11.51
CA CYS C 557 18.46 -24.12 10.15
C CYS C 557 17.46 -23.13 9.55
N LEU C 558 17.17 -22.00 10.19
CA LEU C 558 16.30 -21.08 9.48
C LEU C 558 17.09 -20.27 8.46
N ARG C 559 16.38 -19.68 7.51
CA ARG C 559 16.96 -18.68 6.62
C ARG C 559 16.09 -17.44 6.77
N GLY C 560 16.37 -16.63 7.78
CA GLY C 560 15.63 -15.41 8.01
C GLY C 560 16.58 -14.24 8.12
N SER C 561 16.28 -13.36 9.07
CA SER C 561 17.17 -12.23 9.38
C SER C 561 16.87 -11.82 10.82
N ILE C 562 17.73 -12.25 11.73
CA ILE C 562 17.51 -12.02 13.15
C ILE C 562 17.74 -10.55 13.47
N VAL C 563 16.78 -9.93 14.10
CA VAL C 563 16.99 -8.64 14.75
C VAL C 563 17.67 -8.89 16.08
N GLY C 564 18.69 -8.10 16.38
CA GLY C 564 19.39 -8.17 17.65
C GLY C 564 20.89 -8.12 17.45
N GLY C 565 21.58 -8.05 18.59
CA GLY C 565 23.02 -8.18 18.53
C GLY C 565 23.32 -9.60 18.14
N HIS C 566 23.68 -9.80 16.88
CA HIS C 566 23.77 -11.14 16.35
C HIS C 566 25.15 -11.29 15.71
N GLU C 567 25.39 -12.44 15.18
CA GLU C 567 26.52 -12.73 14.34
C GLU C 567 26.07 -13.93 13.53
N PRO C 568 25.96 -13.81 12.21
CA PRO C 568 25.24 -14.81 11.43
C PRO C 568 25.93 -16.16 11.41
N GLY C 569 25.12 -17.20 11.53
CA GLY C 569 25.62 -18.55 11.34
C GLY C 569 26.18 -18.72 9.94
N GLU C 570 27.36 -19.30 9.88
CA GLU C 570 28.14 -19.31 8.65
C GLU C 570 27.48 -20.13 7.54
N PRO C 571 26.76 -21.25 7.80
CA PRO C 571 25.85 -21.70 6.75
C PRO C 571 24.64 -20.78 6.69
N ARG C 572 24.04 -20.58 7.86
CA ARG C 572 22.77 -19.90 8.08
C ARG C 572 22.52 -19.94 9.57
N GLY C 573 21.46 -19.30 10.00
CA GLY C 573 21.06 -19.38 11.37
C GLY C 573 21.96 -18.57 12.27
N ILE C 574 22.10 -19.06 13.49
CA ILE C 574 22.80 -18.33 14.53
C ILE C 574 24.24 -18.77 14.51
N LYS C 575 25.16 -17.82 14.52
CA LYS C 575 26.46 -18.10 15.11
C LYS C 575 26.56 -17.46 16.48
N ALA C 576 25.88 -16.34 16.66
CA ALA C 576 25.81 -15.69 17.96
C ALA C 576 24.58 -14.79 18.03
N GLY C 577 24.02 -14.65 19.23
CA GLY C 577 22.85 -13.81 19.43
C GLY C 577 22.65 -13.31 20.85
N TYR C 578 22.16 -12.08 21.02
CA TYR C 578 22.15 -11.41 22.33
C TYR C 578 20.94 -11.84 23.15
N GLY C 579 21.18 -12.01 24.47
CA GLY C 579 20.12 -12.07 25.46
C GLY C 579 19.35 -13.37 25.41
N THR C 580 18.10 -13.27 24.99
CA THR C 580 17.26 -14.41 24.67
C THR C 580 16.96 -14.37 23.19
N CYS C 581 16.83 -15.52 22.54
CA CYS C 581 16.52 -15.59 21.12
C CYS C 581 15.37 -16.57 20.90
N ASN C 582 14.24 -16.06 20.43
CA ASN C 582 13.08 -16.90 20.10
C ASN C 582 12.63 -16.66 18.67
N CYS C 583 11.92 -17.62 18.09
CA CYS C 583 11.71 -17.65 16.66
C CYS C 583 10.26 -17.82 16.27
N PHE C 584 9.89 -17.24 15.13
CA PHE C 584 8.55 -17.32 14.57
C PHE C 584 8.77 -17.73 13.12
N PRO C 585 8.64 -19.02 12.82
CA PRO C 585 9.15 -19.52 11.54
C PRO C 585 8.21 -19.36 10.37
N GLU C 586 6.91 -19.20 10.62
CA GLU C 586 5.98 -18.99 9.51
C GLU C 586 6.18 -17.63 8.85
N GLU C 587 6.63 -16.62 9.60
CA GLU C 587 7.12 -15.39 9.03
C GLU C 587 8.57 -15.47 8.60
N GLU C 588 9.24 -16.59 8.92
CA GLU C 588 10.64 -16.88 8.62
C GLU C 588 11.56 -15.84 9.28
N LYS C 589 11.40 -15.71 10.60
CA LYS C 589 12.12 -14.65 11.29
C LYS C 589 12.35 -15.02 12.74
N CYS C 590 13.51 -14.68 13.27
CA CYS C 590 13.79 -14.87 14.67
C CYS C 590 14.16 -13.53 15.28
N PHE C 591 14.38 -13.52 16.59
CA PHE C 591 14.66 -12.30 17.31
C PHE C 591 15.62 -12.60 18.44
N CYS C 592 16.62 -11.76 18.59
CA CYS C 592 17.51 -11.82 19.74
C CYS C 592 17.35 -10.53 20.54
N GLU C 593 16.94 -10.68 21.77
CA GLU C 593 16.49 -9.60 22.63
C GLU C 593 16.45 -10.13 24.06
N PRO C 594 17.01 -9.41 25.04
CA PRO C 594 17.04 -9.90 26.42
C PRO C 594 15.66 -9.98 27.09
N GLY D 40 -1.73 -12.00 18.32
CA GLY D 40 -1.45 -10.58 18.41
C GLY D 40 -2.70 -9.76 18.21
N CYS D 41 -2.69 -8.90 17.20
CA CYS D 41 -3.84 -8.08 16.83
C CYS D 41 -4.80 -8.98 16.06
N VAL D 42 -5.89 -9.39 16.70
CA VAL D 42 -6.79 -10.40 16.14
C VAL D 42 -8.22 -9.89 16.10
N LEU D 43 -9.06 -10.64 15.38
CA LEU D 43 -10.45 -10.28 15.10
C LEU D 43 -11.39 -10.82 16.18
N THR D 44 -12.39 -10.02 16.54
CA THR D 44 -13.37 -10.41 17.54
C THR D 44 -14.71 -9.78 17.23
N ALA D 45 -15.74 -10.61 17.10
CA ALA D 45 -17.09 -10.13 16.82
C ALA D 45 -17.80 -9.87 18.14
N ILE D 46 -18.82 -9.02 18.10
CA ILE D 46 -19.57 -8.63 19.29
C ILE D 46 -20.98 -8.20 18.85
N HIS D 47 -21.91 -8.23 19.80
CA HIS D 47 -23.25 -7.70 19.62
C HIS D 47 -23.35 -6.40 20.41
N LEU D 48 -23.85 -5.34 19.77
CA LEU D 48 -24.15 -4.13 20.52
C LEU D 48 -25.38 -3.41 20.00
N ASN D 49 -25.81 -2.43 20.81
CA ASN D 49 -26.82 -1.44 20.43
C ASN D 49 -26.14 -0.25 19.79
N VAL D 50 -26.87 0.44 18.91
CA VAL D 50 -26.40 1.73 18.42
C VAL D 50 -26.50 2.77 19.53
N THR D 51 -27.42 2.55 20.50
CA THR D 51 -27.39 3.35 21.73
C THR D 51 -26.11 3.14 22.49
N ASP D 52 -25.52 1.95 22.38
CA ASP D 52 -24.25 1.71 23.02
C ASP D 52 -23.08 2.22 22.19
N LEU D 53 -23.32 2.64 20.94
CA LEU D 53 -22.32 3.46 20.27
C LEU D 53 -22.25 4.84 20.90
N GLY D 54 -23.40 5.38 21.31
CA GLY D 54 -23.49 6.64 22.03
C GLY D 54 -23.11 7.87 21.23
N LEU D 55 -23.46 7.92 19.94
CA LEU D 55 -23.23 9.10 19.11
C LEU D 55 -24.34 10.13 19.25
N GLY D 56 -25.35 9.83 20.05
CA GLY D 56 -26.45 10.74 20.24
C GLY D 56 -27.65 10.51 19.35
N TYR D 57 -27.64 9.47 18.52
CA TYR D 57 -28.79 9.15 17.69
C TYR D 57 -29.92 8.60 18.57
N GLU D 58 -31.15 9.01 18.27
CA GLU D 58 -32.30 8.70 19.13
C GLU D 58 -32.98 7.47 18.58
N THR D 59 -32.42 6.30 18.86
CA THR D 59 -33.03 5.05 18.48
C THR D 59 -32.79 4.00 19.57
N LYS D 60 -33.13 2.74 19.26
CA LYS D 60 -32.76 1.60 20.08
C LYS D 60 -32.17 0.47 19.25
N GLU D 61 -32.01 0.66 17.95
CA GLU D 61 -31.65 -0.41 17.03
C GLU D 61 -30.17 -0.77 17.20
N GLU D 62 -29.74 -1.85 16.55
CA GLU D 62 -28.54 -2.57 16.99
C GLU D 62 -27.56 -2.77 15.85
N LEU D 63 -26.53 -3.57 16.14
CA LEU D 63 -25.47 -3.87 15.18
C LEU D 63 -24.64 -5.06 15.67
N ILE D 64 -23.87 -5.60 14.73
CA ILE D 64 -22.86 -6.63 15.01
C ILE D 64 -21.51 -6.08 14.61
N PHE D 65 -20.61 -5.97 15.58
CA PHE D 65 -19.43 -5.13 15.49
C PHE D 65 -18.16 -5.96 15.66
N ARG D 66 -17.22 -5.80 14.74
CA ARG D 66 -16.07 -6.68 14.71
C ARG D 66 -14.76 -5.90 14.76
N TYR D 67 -14.05 -6.10 15.87
CA TYR D 67 -12.93 -5.25 16.25
C TYR D 67 -11.64 -6.04 16.29
N CYS D 68 -10.56 -5.32 16.55
CA CYS D 68 -9.21 -5.88 16.56
C CYS D 68 -8.56 -5.64 17.92
N SER D 69 -8.16 -6.72 18.60
CA SER D 69 -7.62 -6.64 19.96
C SER D 69 -6.36 -7.49 20.11
N GLY D 70 -5.52 -7.07 21.05
CA GLY D 70 -4.31 -7.79 21.39
C GLY D 70 -3.06 -7.05 20.90
N SER D 71 -2.12 -6.93 21.81
CA SER D 71 -0.88 -6.18 21.58
C SER D 71 0.10 -7.02 20.77
N CYS D 72 1.16 -6.35 20.30
CA CYS D 72 2.15 -6.96 19.43
C CYS D 72 3.42 -7.30 20.21
N ASP D 73 4.50 -7.61 19.48
CA ASP D 73 5.75 -8.12 20.04
C ASP D 73 6.62 -7.06 20.70
N ALA D 74 6.23 -5.79 20.61
CA ALA D 74 6.77 -4.64 21.34
C ALA D 74 8.20 -4.21 21.00
N ALA D 75 8.94 -4.95 20.16
CA ALA D 75 10.11 -4.30 19.55
C ALA D 75 10.14 -4.37 18.02
N GLU D 76 10.34 -5.56 17.46
CA GLU D 76 10.35 -5.92 16.04
C GLU D 76 11.17 -5.06 15.05
N THR D 77 12.02 -4.13 15.52
CA THR D 77 13.09 -3.53 14.72
C THR D 77 14.11 -2.85 15.63
N THR D 78 15.26 -2.52 15.03
CA THR D 78 16.32 -1.81 15.72
C THR D 78 15.87 -0.45 16.18
N TYR D 79 15.09 0.24 15.34
CA TYR D 79 14.62 1.57 15.63
C TYR D 79 13.79 1.62 16.90
N ASP D 80 12.96 0.60 17.12
CA ASP D 80 12.19 0.59 18.36
C ASP D 80 13.05 0.27 19.56
N LYS D 81 14.11 -0.52 19.36
CA LYS D 81 15.05 -0.73 20.44
C LYS D 81 15.75 0.57 20.81
N ILE D 82 16.02 1.42 19.83
CA ILE D 82 16.69 2.66 20.15
C ILE D 82 15.72 3.69 20.72
N LEU D 83 14.44 3.61 20.34
CA LEU D 83 13.42 4.39 21.01
C LEU D 83 13.28 4.00 22.47
N LYS D 84 13.36 2.70 22.75
CA LYS D 84 13.29 2.25 24.13
C LYS D 84 14.53 2.70 24.90
N ASN D 85 15.68 2.79 24.19
CA ASN D 85 16.89 3.31 24.83
C ASN D 85 16.80 4.79 25.13
N LEU D 86 16.17 5.58 24.25
CA LEU D 86 16.27 7.03 24.42
C LEU D 86 15.33 7.55 25.50
N SER D 87 14.09 7.07 25.53
CA SER D 87 13.12 7.56 26.51
C SER D 87 13.37 6.96 27.89
N LYS D 96 6.24 9.41 28.12
CA LYS D 96 5.54 8.16 28.42
C LYS D 96 4.76 7.68 27.21
N VAL D 97 5.25 8.02 26.02
CA VAL D 97 4.69 7.57 24.75
C VAL D 97 5.59 6.43 24.27
N GLY D 98 5.01 5.44 23.59
CA GLY D 98 5.82 4.27 23.29
C GLY D 98 5.39 3.34 22.18
N GLN D 99 5.49 2.04 22.45
CA GLN D 99 5.60 0.99 21.44
C GLN D 99 4.30 0.70 20.68
N ALA D 100 4.30 -0.38 19.90
CA ALA D 100 3.34 -0.63 18.83
C ALA D 100 1.90 -0.83 19.35
N CYS D 101 0.96 -0.86 18.40
CA CYS D 101 -0.46 -0.82 18.72
C CYS D 101 -1.18 -1.88 17.90
N CYS D 102 -2.48 -2.04 18.14
CA CYS D 102 -3.36 -2.87 17.30
C CYS D 102 -4.39 -2.00 16.56
N ARG D 103 -4.43 -2.13 15.23
CA ARG D 103 -5.21 -1.29 14.30
C ARG D 103 -5.88 -2.18 13.26
N PRO D 104 -6.80 -1.67 12.43
CA PRO D 104 -7.28 -2.49 11.32
C PRO D 104 -6.52 -2.22 10.05
N ILE D 105 -6.72 -3.04 9.03
CA ILE D 105 -6.03 -2.85 7.76
C ILE D 105 -6.99 -2.55 6.62
N ALA D 106 -8.29 -2.58 6.87
CA ALA D 106 -9.30 -2.21 5.90
C ALA D 106 -10.57 -1.87 6.67
N PHE D 107 -11.64 -1.58 5.94
CA PHE D 107 -12.95 -1.40 6.56
C PHE D 107 -14.05 -2.08 5.76
N ASP D 108 -15.18 -2.28 6.45
CA ASP D 108 -16.31 -3.06 5.97
C ASP D 108 -17.27 -2.20 5.14
N ASP D 109 -18.46 -2.75 4.87
CA ASP D 109 -19.52 -1.98 4.24
C ASP D 109 -20.36 -1.29 5.31
N ASP D 110 -21.22 -0.37 4.87
CA ASP D 110 -21.82 0.66 5.74
C ASP D 110 -22.76 0.06 6.78
N LEU D 111 -23.16 0.88 7.76
CA LEU D 111 -24.11 0.47 8.77
C LEU D 111 -25.08 1.60 9.06
N SER D 112 -26.37 1.37 8.91
CA SER D 112 -27.29 2.49 9.04
C SER D 112 -28.65 2.04 9.51
N PHE D 113 -29.49 3.03 9.84
CA PHE D 113 -30.67 2.74 10.64
C PHE D 113 -31.66 3.90 10.63
N LEU D 114 -32.66 3.78 11.49
CA LEU D 114 -33.70 4.78 11.69
C LEU D 114 -33.67 5.21 13.14
N ASP D 115 -33.98 6.47 13.40
CA ASP D 115 -34.10 6.90 14.76
C ASP D 115 -35.58 6.92 15.15
N ASP D 116 -35.88 7.48 16.32
CA ASP D 116 -37.30 7.71 16.61
C ASP D 116 -37.87 8.83 15.75
N ASN D 117 -37.15 9.93 15.58
CA ASN D 117 -37.75 11.14 15.05
C ASN D 117 -37.67 11.20 13.53
N LEU D 118 -38.34 10.28 12.82
CA LEU D 118 -38.76 10.46 11.43
C LEU D 118 -37.60 10.48 10.45
N VAL D 119 -36.43 10.09 10.92
CA VAL D 119 -35.17 10.40 10.25
C VAL D 119 -34.26 9.18 10.26
N TYR D 120 -33.73 8.88 9.09
CA TYR D 120 -32.67 7.89 8.93
C TYR D 120 -31.29 8.46 9.23
N HIS D 121 -30.39 7.58 9.65
CA HIS D 121 -29.02 7.95 9.95
C HIS D 121 -28.10 6.90 9.40
N ILE D 122 -26.99 7.37 8.85
CA ILE D 122 -26.06 6.59 8.07
C ILE D 122 -24.79 6.47 8.91
N LEU D 123 -23.99 5.43 8.66
CA LEU D 123 -22.64 5.35 9.18
C LEU D 123 -21.73 4.75 8.12
N ARG D 124 -20.63 5.46 7.82
CA ARG D 124 -19.51 4.92 7.04
C ARG D 124 -18.28 4.81 7.95
N LYS D 125 -17.42 3.82 7.67
CA LYS D 125 -16.13 3.61 8.38
C LYS D 125 -16.30 3.42 9.90
N HIS D 126 -16.87 2.28 10.28
CA HIS D 126 -17.34 2.03 11.64
C HIS D 126 -16.93 0.69 12.23
N SER D 127 -16.58 -0.32 11.42
CA SER D 127 -16.24 -1.64 11.93
C SER D 127 -15.34 -2.36 10.93
N ALA D 128 -14.65 -3.40 11.40
CA ALA D 128 -13.51 -3.92 10.67
C ALA D 128 -13.65 -5.38 10.29
N LYS D 129 -12.82 -5.79 9.33
CA LYS D 129 -12.70 -7.16 8.85
C LYS D 129 -11.37 -7.82 9.21
N ARG D 130 -10.25 -7.13 9.04
CA ARG D 130 -8.92 -7.71 9.22
C ARG D 130 -8.04 -6.78 10.03
N CYS D 131 -7.21 -7.39 10.88
CA CYS D 131 -6.53 -6.70 11.96
C CYS D 131 -5.02 -6.81 11.79
N GLY D 132 -4.29 -5.75 12.18
CA GLY D 132 -2.85 -5.75 12.05
C GLY D 132 -2.19 -4.81 13.05
N CYS D 133 -0.89 -5.02 13.23
CA CYS D 133 -0.07 -4.15 14.08
C CYS D 133 0.11 -2.77 13.45
N LYS E 126 -41.30 -3.91 26.95
CA LYS E 126 -41.14 -5.24 26.34
C LYS E 126 -40.67 -5.10 24.91
N GLY E 127 -40.69 -3.87 24.40
CA GLY E 127 -40.55 -3.67 22.98
C GLY E 127 -41.83 -4.03 22.27
N ASN E 128 -41.69 -4.37 21.00
CA ASN E 128 -42.80 -4.86 20.20
C ASN E 128 -42.25 -5.81 19.15
N ASN E 129 -43.09 -6.14 18.17
CA ASN E 129 -42.63 -7.03 17.11
C ASN E 129 -41.69 -6.34 16.14
N CYS E 130 -41.71 -5.00 16.11
CA CYS E 130 -40.95 -4.28 15.08
C CYS E 130 -39.48 -4.17 15.45
N LEU E 131 -39.18 -3.92 16.73
CA LEU E 131 -37.77 -3.83 17.15
C LEU E 131 -37.13 -5.21 17.14
N ASP E 132 -37.91 -6.25 17.43
CA ASP E 132 -37.39 -7.61 17.37
C ASP E 132 -37.20 -8.06 15.93
N ALA E 133 -38.06 -7.60 15.04
CA ALA E 133 -37.85 -7.84 13.62
C ALA E 133 -36.64 -7.06 13.10
N ALA E 134 -36.37 -5.90 13.69
CA ALA E 134 -35.15 -5.16 13.37
C ALA E 134 -33.91 -5.91 13.84
N LYS E 135 -33.97 -6.50 15.03
CA LYS E 135 -32.95 -7.42 15.49
C LYS E 135 -32.79 -8.59 14.55
N ALA E 136 -33.91 -9.06 13.98
CA ALA E 136 -33.85 -10.14 13.01
C ALA E 136 -33.14 -9.71 11.73
N CYS E 137 -33.38 -8.49 11.25
CA CYS E 137 -32.72 -8.08 10.01
C CYS E 137 -31.26 -7.69 10.23
N ASN E 138 -30.99 -6.77 11.16
CA ASN E 138 -29.64 -6.21 11.27
C ASN E 138 -28.58 -7.19 11.75
N LEU E 139 -28.98 -8.31 12.36
CA LEU E 139 -28.02 -9.34 12.73
C LEU E 139 -27.46 -10.07 11.52
N ASP E 140 -28.26 -10.32 10.49
CA ASP E 140 -27.69 -10.78 9.24
C ASP E 140 -27.03 -9.61 8.55
N ASP E 141 -25.78 -9.80 8.15
CA ASP E 141 -25.01 -8.67 7.67
C ASP E 141 -25.38 -8.35 6.23
N ILE E 142 -25.99 -9.30 5.53
CA ILE E 142 -26.39 -9.01 4.16
C ILE E 142 -27.63 -8.11 4.14
N CYS E 143 -28.56 -8.36 5.07
CA CYS E 143 -29.71 -7.48 5.25
C CYS E 143 -29.27 -6.11 5.69
N LYS E 144 -28.25 -6.05 6.54
CA LYS E 144 -27.74 -4.77 7.03
C LYS E 144 -27.04 -3.99 5.95
N LYS E 145 -26.25 -4.67 5.13
CA LYS E 145 -25.50 -3.99 4.08
C LYS E 145 -26.44 -3.43 3.01
N TYR E 146 -27.41 -4.23 2.59
CA TYR E 146 -28.28 -3.61 1.62
C TYR E 146 -29.36 -2.75 2.28
N ARG E 147 -29.44 -2.81 3.61
CA ARG E 147 -30.22 -1.82 4.32
C ARG E 147 -29.62 -0.45 4.13
N SER E 148 -28.32 -0.34 4.43
CA SER E 148 -27.56 0.89 4.23
C SER E 148 -27.60 1.37 2.79
N ALA E 149 -27.63 0.41 1.84
CA ALA E 149 -27.91 0.74 0.44
C ALA E 149 -29.21 1.52 0.28
N TYR E 150 -30.35 1.03 0.81
CA TYR E 150 -31.53 1.91 0.72
C TYR E 150 -31.51 3.07 1.70
N ILE E 151 -30.58 3.13 2.64
CA ILE E 151 -30.59 4.27 3.54
C ILE E 151 -30.01 5.49 2.85
N THR E 152 -28.82 5.33 2.26
CA THR E 152 -27.90 6.44 2.05
C THR E 152 -28.40 7.63 1.23
N PRO E 153 -28.96 7.49 0.01
CA PRO E 153 -29.37 8.70 -0.69
C PRO E 153 -30.68 9.26 -0.19
N CYS E 154 -31.39 8.53 0.68
CA CYS E 154 -32.65 9.04 1.18
C CYS E 154 -32.47 10.11 2.24
N THR E 155 -31.32 10.20 2.90
CA THR E 155 -31.12 11.20 3.92
C THR E 155 -29.78 11.90 3.90
N THR E 156 -29.23 12.20 2.72
CA THR E 156 -28.24 13.27 2.60
C THR E 156 -28.87 14.42 1.83
N SER E 157 -29.28 15.44 2.54
CA SER E 157 -29.99 16.58 1.96
C SER E 157 -29.04 17.43 1.12
N VAL E 158 -29.52 17.79 -0.07
CA VAL E 158 -28.72 18.46 -1.09
C VAL E 158 -29.30 19.87 -1.21
N SER E 159 -28.72 20.71 -2.06
CA SER E 159 -29.09 22.12 -2.15
C SER E 159 -30.42 22.29 -2.85
N ASN E 160 -31.37 22.92 -2.14
CA ASN E 160 -32.73 23.21 -2.55
C ASN E 160 -33.53 21.94 -2.82
N ASP E 161 -33.26 20.87 -2.11
CA ASP E 161 -34.18 19.73 -2.01
C ASP E 161 -34.31 19.36 -0.54
N VAL E 162 -34.78 18.15 -0.30
CA VAL E 162 -34.60 17.56 1.02
C VAL E 162 -33.88 16.22 0.90
N CYS E 163 -33.93 15.59 -0.27
CA CYS E 163 -33.18 14.38 -0.58
C CYS E 163 -33.17 14.22 -2.09
N ASN E 164 -32.74 13.05 -2.57
CA ASN E 164 -33.03 12.66 -3.95
C ASN E 164 -34.06 11.55 -3.88
N ARG E 165 -35.18 11.76 -4.56
CA ARG E 165 -36.23 10.75 -4.58
C ARG E 165 -35.84 9.58 -5.47
N ARG E 166 -35.13 9.85 -6.56
CA ARG E 166 -34.88 8.83 -7.56
C ARG E 166 -33.90 7.78 -7.06
N LYS E 167 -32.74 8.22 -6.54
CA LYS E 167 -31.75 7.29 -6.00
C LYS E 167 -32.29 6.51 -4.81
N CYS E 168 -33.04 7.17 -3.94
CA CYS E 168 -33.66 6.53 -2.78
C CYS E 168 -34.60 5.41 -3.19
N HIS E 169 -35.42 5.65 -4.22
CA HIS E 169 -36.37 4.61 -4.61
C HIS E 169 -35.69 3.46 -5.34
N LYS E 170 -34.66 3.77 -6.12
CA LYS E 170 -33.80 2.75 -6.72
C LYS E 170 -33.21 1.83 -5.65
N ALA E 171 -32.77 2.44 -4.56
CA ALA E 171 -32.10 1.67 -3.53
C ALA E 171 -33.08 0.87 -2.68
N LEU E 172 -34.30 1.38 -2.48
CA LEU E 172 -35.35 0.55 -1.88
C LEU E 172 -35.71 -0.65 -2.75
N ARG E 173 -35.74 -0.46 -4.07
CA ARG E 173 -36.09 -1.58 -4.94
C ARG E 173 -35.02 -2.67 -4.90
N GLN E 174 -33.74 -2.29 -4.86
CA GLN E 174 -32.71 -3.32 -4.77
C GLN E 174 -32.71 -4.00 -3.40
N PHE E 175 -33.12 -3.28 -2.35
CA PHE E 175 -33.30 -3.96 -1.07
C PHE E 175 -34.44 -4.98 -1.11
N PHE E 176 -35.60 -4.61 -1.64
CA PHE E 176 -36.71 -5.56 -1.66
C PHE E 176 -36.66 -6.51 -2.85
N ASP E 177 -35.58 -6.49 -3.62
CA ASP E 177 -35.34 -7.61 -4.50
C ASP E 177 -34.29 -8.58 -3.97
N LYS E 178 -33.20 -8.09 -3.37
CA LYS E 178 -32.10 -9.00 -3.08
C LYS E 178 -32.23 -9.78 -1.78
N VAL E 179 -32.62 -9.15 -0.69
CA VAL E 179 -32.54 -9.74 0.64
C VAL E 179 -33.79 -10.58 0.90
N PRO E 180 -33.67 -11.79 1.44
CA PRO E 180 -34.83 -12.68 1.57
C PRO E 180 -35.83 -12.25 2.63
N ALA E 181 -36.80 -13.13 2.87
CA ALA E 181 -38.13 -12.72 3.34
C ALA E 181 -38.17 -12.36 4.81
N LYS E 182 -37.64 -13.25 5.67
CA LYS E 182 -38.06 -13.26 7.07
C LYS E 182 -37.45 -12.10 7.87
N HIS E 183 -36.49 -11.39 7.28
CA HIS E 183 -36.01 -10.17 7.90
C HIS E 183 -36.96 -9.01 7.62
N SER E 184 -37.20 -8.77 6.33
CA SER E 184 -37.82 -7.53 5.88
C SER E 184 -39.31 -7.54 6.12
N TYR E 185 -39.97 -8.65 5.78
CA TYR E 185 -41.42 -8.68 5.94
C TYR E 185 -41.79 -8.72 7.41
N GLY E 186 -40.86 -9.11 8.27
CA GLY E 186 -41.07 -8.93 9.69
C GLY E 186 -41.20 -7.47 10.08
N MET E 187 -40.21 -6.66 9.70
CA MET E 187 -40.22 -5.25 10.06
C MET E 187 -41.34 -4.51 9.36
N LEU E 188 -41.69 -4.93 8.16
CA LEU E 188 -42.76 -4.29 7.42
C LEU E 188 -44.12 -4.75 7.92
N PHE E 189 -44.21 -5.97 8.39
CA PHE E 189 -45.48 -6.52 8.81
C PHE E 189 -45.44 -6.98 10.26
N CYS E 190 -44.69 -6.29 11.11
CA CYS E 190 -44.75 -6.54 12.54
C CYS E 190 -46.11 -6.17 13.12
N SER E 191 -46.80 -7.17 13.68
CA SER E 191 -48.15 -7.03 14.22
C SER E 191 -48.13 -6.15 15.46
N CYS E 192 -49.14 -5.28 15.57
CA CYS E 192 -49.07 -4.20 16.53
C CYS E 192 -50.16 -4.30 17.58
N ARG E 193 -49.79 -3.84 18.77
CA ARG E 193 -50.61 -3.88 19.98
C ARG E 193 -50.66 -2.55 20.70
N ASP E 194 -49.70 -1.66 20.45
CA ASP E 194 -49.71 -0.30 20.98
C ASP E 194 -49.44 0.68 19.84
N ILE E 195 -49.40 1.97 20.17
CA ILE E 195 -49.51 3.02 19.16
C ILE E 195 -48.18 3.35 18.48
N ALA E 196 -47.05 3.29 19.21
CA ALA E 196 -45.76 3.58 18.59
C ALA E 196 -45.35 2.46 17.63
N CYS E 197 -45.84 1.25 17.87
CA CYS E 197 -45.78 0.17 16.89
C CYS E 197 -46.45 0.57 15.59
N THR E 198 -47.64 1.17 15.67
CA THR E 198 -48.39 1.55 14.47
C THR E 198 -47.75 2.73 13.76
N GLU E 199 -47.17 3.64 14.55
CA GLU E 199 -46.29 4.67 14.03
C GLU E 199 -45.19 4.05 13.18
N ARG E 200 -44.38 3.20 13.79
CA ARG E 200 -43.24 2.59 13.09
C ARG E 200 -43.73 1.67 11.96
N ARG E 201 -44.95 1.17 12.08
CA ARG E 201 -45.60 0.44 11.01
C ARG E 201 -45.79 1.32 9.79
N ARG E 202 -46.28 2.54 9.99
CA ARG E 202 -46.37 3.49 8.89
C ARG E 202 -44.99 3.97 8.43
N GLN E 203 -44.02 4.03 9.34
CA GLN E 203 -42.69 4.60 9.11
C GLN E 203 -41.79 3.80 8.18
N THR E 204 -42.30 2.78 7.49
CA THR E 204 -41.45 1.68 7.11
C THR E 204 -40.64 2.00 5.87
N ILE E 205 -40.94 3.12 5.23
CA ILE E 205 -40.29 3.49 3.98
C ILE E 205 -40.02 4.98 3.89
N VAL E 206 -40.13 5.70 5.01
CA VAL E 206 -39.93 7.15 5.13
C VAL E 206 -40.85 7.95 4.19
N PRO E 207 -42.03 8.32 4.67
CA PRO E 207 -42.88 9.21 3.89
C PRO E 207 -42.23 10.52 3.52
N VAL E 208 -41.52 11.14 4.48
CA VAL E 208 -41.04 12.52 4.41
C VAL E 208 -40.10 12.73 3.23
N CYS E 209 -39.28 11.74 2.91
CA CYS E 209 -38.46 11.81 1.71
C CYS E 209 -39.02 11.01 0.55
N SER E 210 -39.55 9.81 0.80
CA SER E 210 -39.81 8.88 -0.29
C SER E 210 -41.27 8.78 -0.67
N TYR E 211 -42.20 8.97 0.27
CA TYR E 211 -43.61 8.83 -0.07
C TYR E 211 -44.31 10.18 -0.17
N GLU E 212 -44.21 11.00 0.87
CA GLU E 212 -44.85 12.32 0.85
C GLU E 212 -44.13 13.24 -0.13
N GLU E 213 -44.88 14.19 -0.66
CA GLU E 213 -44.31 15.29 -1.41
C GLU E 213 -45.03 16.55 -0.96
N ARG E 214 -44.90 17.61 -1.76
CA ARG E 214 -45.65 18.82 -1.47
C ARG E 214 -47.15 18.62 -1.70
N GLU E 215 -47.52 17.85 -2.72
CA GLU E 215 -48.93 17.72 -3.11
C GLU E 215 -49.33 16.26 -3.30
N LYS E 216 -50.61 15.97 -3.09
CA LYS E 216 -51.19 14.74 -3.61
C LYS E 216 -51.80 15.02 -4.97
N PRO E 217 -51.37 14.35 -6.02
CA PRO E 217 -52.08 14.43 -7.29
C PRO E 217 -53.34 13.58 -7.25
N ASN E 218 -53.98 13.46 -8.41
CA ASN E 218 -55.16 12.61 -8.51
C ASN E 218 -54.71 11.18 -8.70
N CYS E 219 -55.56 10.23 -8.32
CA CYS E 219 -55.13 8.83 -8.28
C CYS E 219 -54.98 8.21 -9.66
N LEU E 220 -55.80 8.61 -10.64
CA LEU E 220 -55.53 8.15 -12.01
C LEU E 220 -54.25 8.74 -12.57
N ASN E 221 -53.86 9.93 -12.12
CA ASN E 221 -52.58 10.47 -12.52
C ASN E 221 -51.44 9.63 -11.96
N LEU E 222 -51.59 9.18 -10.71
CA LEU E 222 -50.59 8.33 -10.09
C LEU E 222 -50.56 6.97 -10.78
N GLN E 223 -51.73 6.52 -11.26
CA GLN E 223 -51.83 5.25 -11.98
C GLN E 223 -51.14 5.31 -13.34
N ASP E 224 -51.36 6.36 -14.11
CA ASP E 224 -50.67 6.45 -15.40
C ASP E 224 -49.19 6.75 -15.23
N SER E 225 -48.81 7.45 -14.15
CA SER E 225 -47.39 7.68 -13.89
C SER E 225 -46.70 6.42 -13.42
N CYS E 226 -47.45 5.51 -12.81
CA CYS E 226 -46.95 4.16 -12.62
C CYS E 226 -46.92 3.41 -13.96
N LYS E 227 -47.87 3.68 -14.84
CA LYS E 227 -47.94 3.02 -16.14
C LYS E 227 -46.84 3.46 -17.10
N THR E 228 -46.20 4.60 -16.84
CA THR E 228 -44.99 4.95 -17.57
C THR E 228 -43.73 4.38 -16.91
N ASN E 229 -43.89 3.48 -15.95
CA ASN E 229 -42.77 2.86 -15.25
C ASN E 229 -42.92 1.34 -15.39
N TYR E 230 -41.82 0.67 -15.73
CA TYR E 230 -41.85 -0.76 -16.04
C TYR E 230 -42.08 -1.59 -14.79
N ILE E 231 -41.17 -1.44 -13.82
CA ILE E 231 -41.16 -2.24 -12.62
C ILE E 231 -42.39 -1.95 -11.77
N CYS E 232 -42.85 -0.70 -11.80
CA CYS E 232 -44.07 -0.31 -11.09
C CYS E 232 -45.28 -1.08 -11.61
N ARG E 233 -45.40 -1.17 -12.94
CA ARG E 233 -46.52 -1.86 -13.57
C ARG E 233 -46.44 -3.35 -13.31
N SER E 234 -45.21 -3.88 -13.21
CA SER E 234 -45.02 -5.25 -12.74
C SER E 234 -45.65 -5.45 -11.36
N ARG E 235 -45.31 -4.58 -10.41
CA ARG E 235 -45.81 -4.75 -9.05
C ARG E 235 -47.32 -4.50 -8.96
N LEU E 236 -47.84 -3.64 -9.83
CA LEU E 236 -49.26 -3.27 -9.76
C LEU E 236 -50.13 -4.37 -10.36
N ALA E 237 -49.68 -4.96 -11.47
CA ALA E 237 -50.37 -6.11 -12.03
C ALA E 237 -50.30 -7.30 -11.08
N ASP E 238 -49.18 -7.44 -10.36
CA ASP E 238 -49.09 -8.46 -9.32
C ASP E 238 -50.11 -8.22 -8.22
N PHE E 239 -50.31 -6.97 -7.83
CA PHE E 239 -51.21 -6.73 -6.71
C PHE E 239 -52.67 -6.86 -7.14
N PHE E 240 -52.96 -6.46 -8.39
CA PHE E 240 -54.24 -6.81 -9.02
C PHE E 240 -54.48 -8.31 -9.03
N THR E 241 -53.41 -9.09 -9.18
CA THR E 241 -53.57 -10.52 -9.26
C THR E 241 -53.78 -11.14 -7.88
N ASN E 242 -53.06 -10.62 -6.87
CA ASN E 242 -52.73 -11.47 -5.73
C ASN E 242 -53.66 -11.37 -4.54
N CYS E 243 -53.92 -10.17 -4.02
CA CYS E 243 -54.57 -10.08 -2.73
C CYS E 243 -56.07 -9.85 -2.87
N GLN E 244 -56.68 -10.54 -3.83
CA GLN E 244 -58.01 -10.22 -4.33
C GLN E 244 -59.09 -10.75 -3.38
N PRO E 245 -59.95 -9.90 -2.85
CA PRO E 245 -61.06 -10.39 -2.00
C PRO E 245 -62.31 -10.80 -2.77
N GLU E 246 -62.37 -12.04 -3.24
CA GLU E 246 -63.49 -12.56 -4.02
C GLU E 246 -64.56 -13.12 -3.10
N SER E 247 -65.44 -13.93 -3.67
CA SER E 247 -66.56 -14.60 -2.98
C SER E 247 -66.04 -15.65 -1.98
N ARG E 248 -66.94 -16.40 -1.33
CA ARG E 248 -66.68 -17.02 -0.03
C ARG E 248 -65.71 -18.20 -0.07
N SER E 249 -64.42 -17.91 -0.10
CA SER E 249 -63.49 -18.86 0.49
C SER E 249 -63.39 -18.60 2.00
N VAL E 250 -62.39 -19.18 2.63
CA VAL E 250 -62.44 -19.34 4.08
C VAL E 250 -62.03 -18.04 4.79
N SER E 251 -60.87 -17.49 4.48
CA SER E 251 -60.41 -16.25 5.11
C SER E 251 -60.27 -15.16 4.06
N SER E 252 -61.21 -15.14 3.10
CA SER E 252 -61.28 -14.24 1.94
C SER E 252 -60.07 -14.36 1.03
N CYS E 253 -59.33 -15.47 1.12
CA CYS E 253 -58.11 -15.66 0.36
C CYS E 253 -58.01 -17.09 -0.10
N LEU E 254 -56.82 -17.52 -0.52
CA LEU E 254 -56.54 -18.94 -0.65
C LEU E 254 -55.57 -19.46 0.40
N LYS E 255 -55.05 -18.59 1.27
CA LYS E 255 -54.24 -18.89 2.46
C LYS E 255 -52.85 -19.46 2.17
N GLU E 256 -52.59 -19.83 0.92
CA GLU E 256 -51.29 -20.28 0.49
C GLU E 256 -50.82 -19.49 -0.70
N ASN E 257 -51.64 -18.55 -1.16
CA ASN E 257 -51.21 -17.45 -2.00
C ASN E 257 -50.99 -16.19 -1.18
N TYR E 258 -50.81 -16.35 0.14
CA TYR E 258 -50.43 -15.26 1.02
C TYR E 258 -49.11 -14.64 0.61
N ALA E 259 -48.10 -15.50 0.39
CA ALA E 259 -46.77 -15.03 0.00
C ALA E 259 -46.81 -14.26 -1.31
N ASP E 260 -47.56 -14.78 -2.30
CA ASP E 260 -47.82 -14.02 -3.51
C ASP E 260 -48.60 -12.76 -3.21
N CYS E 261 -49.53 -12.82 -2.26
CA CYS E 261 -50.10 -11.60 -1.72
C CYS E 261 -49.01 -10.73 -1.11
N LEU E 262 -48.13 -11.34 -0.31
CA LEU E 262 -47.05 -10.58 0.34
C LEU E 262 -46.10 -9.99 -0.69
N LEU E 263 -45.62 -10.82 -1.63
CA LEU E 263 -44.73 -10.34 -2.70
C LEU E 263 -45.48 -9.45 -3.71
N ALA E 264 -46.79 -9.28 -3.54
CA ALA E 264 -47.44 -8.17 -4.22
C ALA E 264 -47.16 -6.84 -3.52
N TYR E 265 -47.59 -6.71 -2.25
CA TYR E 265 -47.62 -5.40 -1.55
C TYR E 265 -46.24 -4.89 -1.29
N SER E 266 -45.46 -5.69 -0.58
CA SER E 266 -44.05 -5.43 -0.44
C SER E 266 -43.29 -5.47 -1.76
N GLY E 267 -43.89 -6.08 -2.80
CA GLY E 267 -43.35 -5.87 -4.13
C GLY E 267 -43.54 -4.45 -4.60
N LEU E 268 -44.70 -3.86 -4.33
CA LEU E 268 -45.01 -2.50 -4.76
C LEU E 268 -44.13 -1.42 -4.13
N ILE E 269 -43.32 -1.74 -3.13
CA ILE E 269 -42.47 -0.75 -2.51
C ILE E 269 -41.36 -0.35 -3.48
N GLY E 270 -41.09 0.95 -3.55
CA GLY E 270 -39.88 1.44 -4.16
C GLY E 270 -40.07 1.93 -5.56
N THR E 271 -41.24 1.72 -6.13
CA THR E 271 -41.60 2.34 -7.37
C THR E 271 -42.51 3.52 -7.06
N VAL E 272 -42.96 4.18 -8.12
CA VAL E 272 -43.59 5.47 -7.94
C VAL E 272 -44.95 5.33 -7.28
N MET E 273 -45.60 4.18 -7.41
CA MET E 273 -46.80 3.90 -6.65
C MET E 273 -46.48 3.32 -5.30
N THR E 274 -46.25 4.15 -4.33
CA THR E 274 -45.86 3.59 -3.05
C THR E 274 -47.05 3.53 -2.11
N PRO E 275 -47.43 2.38 -1.67
CA PRO E 275 -48.43 2.32 -0.62
C PRO E 275 -47.80 2.55 0.74
N ASN E 276 -48.53 3.12 1.68
CA ASN E 276 -48.09 3.16 3.07
C ASN E 276 -49.32 3.32 3.94
N TYR E 277 -49.12 3.15 5.23
CA TYR E 277 -50.22 3.19 6.19
C TYR E 277 -50.74 4.61 6.35
N ILE E 278 -52.01 4.75 6.71
CA ILE E 278 -52.54 5.99 7.23
C ILE E 278 -53.18 5.79 8.60
N ASP E 279 -54.20 4.96 8.67
CA ASP E 279 -54.90 4.63 9.90
C ASP E 279 -53.94 3.79 10.75
N SER E 280 -53.40 4.41 11.80
CA SER E 280 -52.53 3.72 12.73
C SER E 280 -53.35 2.68 13.50
N SER E 281 -54.59 3.01 13.79
CA SER E 281 -55.48 2.14 14.55
C SER E 281 -56.01 0.97 13.74
N SER E 282 -55.67 0.84 12.46
CA SER E 282 -56.07 -0.31 11.67
C SER E 282 -54.98 -0.61 10.64
N LEU E 283 -55.36 -1.36 9.62
CA LEU E 283 -54.44 -1.86 8.61
C LEU E 283 -54.76 -1.32 7.21
N SER E 284 -55.37 -0.15 7.14
CA SER E 284 -55.79 0.43 5.87
C SER E 284 -54.67 1.25 5.22
N VAL E 285 -54.12 0.76 4.11
CA VAL E 285 -53.01 1.46 3.48
C VAL E 285 -53.53 2.23 2.28
N ALA E 286 -52.72 3.20 1.85
CA ALA E 286 -53.09 4.12 0.79
C ALA E 286 -51.84 4.68 0.17
N PRO E 287 -51.89 5.08 -1.09
CA PRO E 287 -50.79 5.81 -1.70
C PRO E 287 -50.99 7.31 -1.51
N TRP E 288 -50.19 8.09 -2.23
CA TRP E 288 -50.18 9.55 -2.08
C TRP E 288 -51.05 10.21 -3.14
N CYS E 289 -52.36 10.05 -2.96
CA CYS E 289 -53.34 10.71 -3.81
C CYS E 289 -54.65 10.72 -3.07
N ASP E 290 -55.64 11.37 -3.67
CA ASP E 290 -57.03 11.17 -3.27
C ASP E 290 -57.88 11.22 -4.53
N CYS E 291 -59.19 11.12 -4.34
CA CYS E 291 -60.12 11.16 -5.47
C CYS E 291 -60.68 12.56 -5.70
N SER E 292 -59.94 13.60 -5.29
CA SER E 292 -60.25 14.95 -5.71
C SER E 292 -59.97 15.10 -7.20
N ASN E 293 -60.61 16.11 -7.81
CA ASN E 293 -60.42 16.47 -9.23
C ASN E 293 -60.72 15.29 -10.16
N SER E 294 -61.72 14.50 -9.79
CA SER E 294 -61.97 13.25 -10.50
C SER E 294 -63.15 13.31 -11.44
N GLY E 295 -64.26 13.93 -11.04
CA GLY E 295 -65.36 14.09 -11.95
C GLY E 295 -66.13 12.81 -12.13
N ASN E 296 -65.97 12.20 -13.32
CA ASN E 296 -66.79 11.06 -13.70
C ASN E 296 -66.23 9.73 -13.22
N ASP E 297 -64.93 9.64 -12.96
CA ASP E 297 -64.32 8.36 -12.65
C ASP E 297 -64.22 8.09 -11.15
N LEU E 298 -64.88 8.94 -10.34
CA LEU E 298 -64.71 9.02 -8.89
C LEU E 298 -64.88 7.68 -8.18
N GLU E 299 -66.03 7.04 -8.39
CA GLU E 299 -66.33 5.77 -7.75
C GLU E 299 -65.35 4.70 -8.19
N GLU E 300 -64.99 4.72 -9.48
CA GLU E 300 -63.96 3.84 -10.00
C GLU E 300 -62.64 4.10 -9.29
N CYS E 301 -62.36 5.39 -9.05
CA CYS E 301 -61.27 5.81 -8.18
C CYS E 301 -61.36 5.14 -6.81
N LEU E 302 -62.53 5.22 -6.17
CA LEU E 302 -62.69 4.58 -4.87
C LEU E 302 -62.62 3.07 -5.01
N LYS E 303 -63.10 2.54 -6.14
CA LYS E 303 -62.95 1.12 -6.47
C LYS E 303 -61.50 0.72 -6.51
N PHE E 304 -60.66 1.63 -7.00
CA PHE E 304 -59.23 1.44 -6.90
C PHE E 304 -58.77 1.70 -5.47
N LEU E 305 -59.19 2.85 -4.91
CA LEU E 305 -58.53 3.42 -3.73
C LEU E 305 -58.74 2.57 -2.50
N ASN E 306 -60.00 2.26 -2.21
CA ASN E 306 -60.31 1.43 -1.06
C ASN E 306 -59.85 -0.01 -1.25
N PHE E 307 -59.51 -0.38 -2.49
CA PHE E 307 -58.83 -1.65 -2.75
C PHE E 307 -57.50 -1.72 -2.01
N PHE E 308 -56.80 -0.59 -1.86
CA PHE E 308 -55.66 -0.57 -0.94
C PHE E 308 -56.13 -0.40 0.49
N LYS E 309 -57.27 0.27 0.68
CA LYS E 309 -57.64 0.63 2.04
C LYS E 309 -58.33 -0.52 2.76
N ASP E 310 -59.42 -1.03 2.22
CA ASP E 310 -60.16 -2.09 2.90
C ASP E 310 -60.13 -3.35 2.04
N ASN E 311 -59.09 -4.18 2.24
CA ASN E 311 -59.02 -5.52 1.67
C ASN E 311 -59.14 -6.47 2.83
N THR E 312 -60.10 -7.39 2.73
CA THR E 312 -60.19 -8.44 3.72
C THR E 312 -59.06 -9.44 3.53
N CYS E 313 -58.65 -9.68 2.28
CA CYS E 313 -57.64 -10.70 2.01
C CYS E 313 -56.27 -10.23 2.47
N LEU E 314 -55.93 -8.98 2.18
CA LEU E 314 -54.64 -8.47 2.62
C LEU E 314 -54.59 -8.32 4.13
N LYS E 315 -55.73 -7.97 4.75
CA LYS E 315 -55.71 -7.82 6.20
C LYS E 315 -55.62 -9.19 6.88
N ASN E 316 -56.24 -10.22 6.28
CA ASN E 316 -56.07 -11.57 6.76
C ASN E 316 -54.63 -12.03 6.59
N ALA E 317 -53.99 -11.61 5.50
CA ALA E 317 -52.60 -11.97 5.27
C ALA E 317 -51.69 -11.30 6.29
N ILE E 318 -51.98 -10.03 6.63
CA ILE E 318 -51.19 -9.29 7.62
C ILE E 318 -51.34 -9.93 8.99
N GLN E 319 -52.57 -10.27 9.36
CA GLN E 319 -52.81 -10.91 10.65
C GLN E 319 -52.18 -12.29 10.71
N ALA E 320 -52.19 -13.01 9.60
CA ALA E 320 -51.60 -14.34 9.57
C ALA E 320 -50.08 -14.28 9.66
N PHE E 321 -49.48 -13.29 8.99
CA PHE E 321 -48.02 -13.16 9.07
C PHE E 321 -47.61 -12.63 10.44
N GLY E 322 -48.50 -11.86 11.07
CA GLY E 322 -48.22 -11.32 12.40
C GLY E 322 -48.55 -12.25 13.54
N ASN E 323 -49.20 -13.38 13.24
CA ASN E 323 -49.37 -14.41 14.27
C ASN E 323 -48.20 -15.40 14.25
N GLY E 324 -47.47 -15.47 13.15
CA GLY E 324 -46.28 -16.30 13.07
C GLY E 324 -46.29 -17.36 11.99
N SER E 325 -47.03 -17.15 10.91
CA SER E 325 -47.11 -18.15 9.85
C SER E 325 -45.86 -18.16 8.99
N LEU F 1 -78.67 6.15 -23.22
CA LEU F 1 -78.86 4.86 -22.57
C LEU F 1 -77.67 4.43 -21.73
N TYR F 2 -77.82 4.51 -20.41
CA TYR F 2 -76.77 4.04 -19.52
C TYR F 2 -77.39 3.17 -18.45
N PHE F 3 -76.54 2.36 -17.82
CA PHE F 3 -76.99 1.45 -16.80
C PHE F 3 -77.03 2.14 -15.45
N SER F 4 -78.11 1.87 -14.70
CA SER F 4 -78.27 2.40 -13.36
C SER F 4 -77.24 1.86 -12.39
N ARG F 5 -76.61 0.74 -12.71
CA ARG F 5 -75.62 0.10 -11.88
C ARG F 5 -74.51 -0.37 -12.79
N ASP F 6 -73.62 -1.22 -12.28
CA ASP F 6 -72.60 -1.84 -13.10
C ASP F 6 -72.56 -3.36 -13.01
N ALA F 7 -72.76 -3.94 -11.84
CA ALA F 7 -72.52 -5.35 -11.59
C ALA F 7 -73.72 -5.95 -10.89
N TYR F 8 -74.10 -7.14 -11.33
CA TYR F 8 -75.34 -7.77 -10.91
C TYR F 8 -75.03 -9.13 -10.30
N TRP F 9 -75.77 -9.49 -9.25
CA TRP F 9 -75.50 -10.70 -8.48
C TRP F 9 -76.77 -11.53 -8.38
N GLU F 10 -76.64 -12.84 -8.64
CA GLU F 10 -77.73 -13.80 -8.59
C GLU F 10 -77.08 -15.16 -8.37
N LYS F 11 -77.83 -16.10 -7.79
CA LYS F 11 -77.28 -17.39 -7.43
C LYS F 11 -77.89 -18.51 -8.27
N LEU F 12 -77.09 -19.53 -8.54
CA LEU F 12 -77.52 -20.71 -9.27
C LEU F 12 -77.40 -21.94 -8.39
N TYR F 13 -78.16 -22.98 -8.75
CA TYR F 13 -78.10 -24.25 -8.06
C TYR F 13 -78.24 -25.38 -9.08
N VAL F 14 -78.28 -26.60 -8.57
CA VAL F 14 -78.35 -27.78 -9.43
C VAL F 14 -79.80 -28.05 -9.77
N ASP F 15 -80.05 -28.45 -11.03
CA ASP F 15 -81.32 -28.99 -11.51
C ASP F 15 -82.47 -27.99 -11.40
N GLN F 16 -82.18 -26.72 -11.60
CA GLN F 16 -83.26 -25.77 -11.76
C GLN F 16 -83.90 -25.95 -13.13
N ALA F 17 -85.17 -25.55 -13.23
CA ALA F 17 -85.94 -25.80 -14.43
C ALA F 17 -85.53 -24.87 -15.56
N ALA F 18 -85.89 -25.26 -16.77
CA ALA F 18 -85.82 -24.34 -17.90
C ALA F 18 -86.91 -23.30 -17.78
N GLY F 19 -86.66 -22.12 -18.32
CA GLY F 19 -87.60 -21.03 -18.18
C GLY F 19 -87.66 -20.44 -16.79
N THR F 20 -86.67 -20.72 -15.96
CA THR F 20 -86.62 -20.20 -14.59
C THR F 20 -85.97 -18.82 -14.59
N PRO F 21 -86.71 -17.75 -14.26
CA PRO F 21 -86.20 -16.38 -14.42
C PRO F 21 -85.12 -16.06 -13.40
N LEU F 22 -84.08 -15.38 -13.86
CA LEU F 22 -82.96 -15.00 -13.01
C LEU F 22 -83.08 -13.56 -12.52
N LEU F 23 -83.08 -12.59 -13.44
CA LEU F 23 -83.13 -11.19 -13.07
C LEU F 23 -83.61 -10.34 -14.24
N TYR F 24 -84.20 -9.20 -13.90
CA TYR F 24 -84.41 -8.08 -14.81
C TYR F 24 -83.17 -7.19 -14.83
N VAL F 25 -83.04 -6.42 -15.91
CA VAL F 25 -82.01 -5.40 -16.01
C VAL F 25 -82.68 -4.05 -16.18
N HIS F 26 -81.90 -2.99 -16.01
CA HIS F 26 -82.41 -1.63 -16.11
C HIS F 26 -81.41 -0.75 -16.83
N ALA F 27 -81.93 0.13 -17.68
CA ALA F 27 -81.10 1.09 -18.40
C ALA F 27 -81.82 2.42 -18.43
N LEU F 28 -81.12 3.47 -17.99
CA LEU F 28 -81.73 4.79 -17.92
C LEU F 28 -81.72 5.46 -19.29
N ARG F 29 -82.31 6.65 -19.36
CA ARG F 29 -82.49 7.38 -20.60
C ARG F 29 -81.95 8.80 -20.46
N ASP F 30 -81.06 9.19 -21.38
CA ASP F 30 -80.63 10.58 -21.48
C ASP F 30 -81.53 11.38 -22.41
N ALA F 31 -82.42 10.70 -23.13
CA ALA F 31 -83.38 11.30 -24.04
C ALA F 31 -84.60 10.38 -24.05
N PRO F 32 -85.80 10.93 -24.31
CA PRO F 32 -87.00 10.08 -24.24
C PRO F 32 -87.07 9.11 -25.41
N GLU F 33 -86.31 9.40 -26.47
CA GLU F 33 -86.26 8.54 -27.66
C GLU F 33 -85.44 7.29 -27.45
N GLU F 34 -84.82 7.13 -26.30
CA GLU F 34 -83.77 6.13 -26.13
C GLU F 34 -84.38 4.82 -25.69
N VAL F 35 -84.41 3.86 -26.62
CA VAL F 35 -85.03 2.56 -26.43
C VAL F 35 -83.94 1.59 -26.01
N PRO F 36 -83.94 1.11 -24.77
CA PRO F 36 -82.88 0.18 -24.34
C PRO F 36 -83.10 -1.20 -24.94
N SER F 37 -82.18 -1.59 -25.82
CA SER F 37 -82.13 -2.94 -26.35
C SER F 37 -81.14 -3.74 -25.52
N PHE F 38 -81.38 -5.05 -25.45
CA PHE F 38 -80.60 -5.91 -24.58
C PHE F 38 -80.30 -7.23 -25.27
N ARG F 39 -79.07 -7.69 -25.11
CA ARG F 39 -78.60 -8.97 -25.62
C ARG F 39 -77.53 -9.49 -24.68
N LEU F 40 -77.26 -10.79 -24.74
CA LEU F 40 -76.33 -11.39 -23.81
C LEU F 40 -74.92 -11.48 -24.39
N GLY F 41 -73.99 -11.96 -23.57
CA GLY F 41 -72.67 -12.35 -24.01
C GLY F 41 -72.64 -13.82 -24.39
N GLN F 42 -71.43 -14.36 -24.56
CA GLN F 42 -71.28 -15.73 -25.01
C GLN F 42 -70.55 -16.66 -24.05
N HIS F 43 -69.41 -16.25 -23.50
CA HIS F 43 -68.61 -17.17 -22.71
C HIS F 43 -68.75 -16.84 -21.24
N LEU F 44 -68.97 -17.89 -20.46
CA LEU F 44 -68.93 -17.81 -19.00
C LEU F 44 -67.51 -17.45 -18.61
N TYR F 45 -67.31 -16.21 -18.19
CA TYR F 45 -65.97 -15.83 -17.79
C TYR F 45 -65.73 -16.22 -16.35
N GLY F 46 -64.56 -16.80 -16.10
CA GLY F 46 -64.31 -17.37 -14.78
C GLY F 46 -63.48 -16.49 -13.89
N THR F 47 -62.87 -17.09 -12.88
CA THR F 47 -62.00 -16.34 -11.97
C THR F 47 -60.75 -15.90 -12.70
N TYR F 48 -60.39 -14.63 -12.50
CA TYR F 48 -59.37 -13.91 -13.29
C TYR F 48 -59.67 -13.98 -14.78
N ARG F 49 -60.89 -13.53 -15.12
CA ARG F 49 -61.49 -13.37 -16.45
C ARG F 49 -61.19 -14.50 -17.44
N THR F 50 -61.28 -15.73 -16.98
CA THR F 50 -61.00 -16.87 -17.83
C THR F 50 -62.27 -17.31 -18.54
N ARG F 51 -62.24 -17.28 -19.87
CA ARG F 51 -63.31 -17.88 -20.66
C ARG F 51 -63.37 -19.37 -20.36
N LEU F 52 -64.57 -19.88 -20.06
CA LEU F 52 -64.72 -21.27 -19.67
C LEU F 52 -65.40 -22.11 -20.75
N HIS F 53 -66.63 -21.77 -21.15
CA HIS F 53 -67.36 -22.52 -22.16
C HIS F 53 -68.50 -21.67 -22.69
N GLU F 54 -69.00 -22.03 -23.87
CA GLU F 54 -70.19 -21.41 -24.44
C GLU F 54 -71.41 -21.66 -23.56
N ASN F 55 -72.01 -20.58 -23.09
CA ASN F 55 -73.26 -20.65 -22.34
C ASN F 55 -74.38 -20.96 -23.33
N ASN F 56 -74.91 -22.18 -23.25
CA ASN F 56 -76.07 -22.57 -24.06
C ASN F 56 -77.30 -22.80 -23.19
N TRP F 57 -77.17 -22.65 -21.88
CA TRP F 57 -78.23 -22.92 -20.93
C TRP F 57 -79.21 -21.79 -20.74
N ILE F 58 -78.91 -20.57 -21.19
CA ILE F 58 -79.57 -19.35 -20.72
C ILE F 58 -80.03 -18.55 -21.93
N CYS F 59 -81.28 -18.06 -21.89
CA CYS F 59 -81.79 -17.08 -22.84
C CYS F 59 -82.23 -15.82 -22.10
N ILE F 60 -82.52 -14.78 -22.89
CA ILE F 60 -82.87 -13.46 -22.36
C ILE F 60 -84.10 -12.94 -23.10
N GLN F 61 -84.89 -12.15 -22.39
CA GLN F 61 -85.87 -11.24 -22.98
C GLN F 61 -85.25 -9.85 -23.07
N GLU F 62 -85.05 -9.38 -24.30
CA GLU F 62 -84.62 -8.02 -24.57
C GLU F 62 -85.59 -6.98 -24.01
N ASP F 63 -86.89 -7.27 -24.07
CA ASP F 63 -87.92 -6.28 -23.80
C ASP F 63 -87.96 -5.90 -22.33
N THR F 64 -87.83 -6.90 -21.46
CA THR F 64 -87.68 -6.68 -20.04
C THR F 64 -86.23 -6.82 -19.58
N GLY F 65 -85.37 -7.39 -20.43
CA GLY F 65 -84.03 -7.72 -20.03
C GLY F 65 -84.01 -8.79 -18.96
N LEU F 66 -84.74 -9.87 -19.21
CA LEU F 66 -84.95 -10.94 -18.25
C LEU F 66 -84.04 -12.11 -18.60
N LEU F 67 -83.27 -12.58 -17.63
CA LEU F 67 -82.43 -13.76 -17.80
C LEU F 67 -83.21 -14.97 -17.31
N TYR F 68 -83.21 -16.04 -18.09
CA TYR F 68 -83.88 -17.27 -17.67
C TYR F 68 -83.22 -18.47 -18.32
N LEU F 69 -83.20 -19.60 -17.61
CA LEU F 69 -82.53 -20.82 -18.07
C LEU F 69 -83.30 -21.42 -19.24
N ASN F 70 -82.61 -21.68 -20.35
CA ASN F 70 -83.19 -22.49 -21.42
C ASN F 70 -82.88 -23.96 -21.18
N ARG F 71 -81.72 -24.24 -20.59
CA ARG F 71 -81.32 -25.59 -20.24
C ARG F 71 -80.99 -25.67 -18.75
N SER F 72 -80.99 -26.89 -18.21
CA SER F 72 -80.89 -27.14 -16.78
C SER F 72 -79.44 -27.45 -16.39
N LEU F 73 -79.17 -27.34 -15.09
CA LEU F 73 -77.81 -27.40 -14.58
C LEU F 73 -77.58 -28.69 -13.79
N ASP F 74 -76.47 -29.37 -14.09
CA ASP F 74 -76.22 -30.69 -13.53
C ASP F 74 -74.72 -30.89 -13.31
N HIS F 75 -74.38 -31.93 -12.55
CA HIS F 75 -73.00 -32.17 -12.13
C HIS F 75 -72.08 -32.52 -13.28
N SER F 76 -72.63 -33.02 -14.39
CA SER F 76 -71.81 -33.17 -15.59
C SER F 76 -71.39 -31.83 -16.16
N SER F 77 -72.21 -30.80 -15.99
CA SER F 77 -71.84 -29.48 -16.46
C SER F 77 -70.87 -28.79 -15.51
N TRP F 78 -71.03 -28.99 -14.20
CA TRP F 78 -70.29 -28.21 -13.22
C TRP F 78 -68.98 -28.85 -12.79
N GLU F 79 -68.75 -30.10 -13.20
CA GLU F 79 -67.41 -30.66 -13.12
C GLU F 79 -66.67 -30.57 -14.44
N LYS F 80 -67.39 -30.35 -15.55
CA LYS F 80 -66.77 -29.99 -16.81
C LYS F 80 -66.07 -28.64 -16.71
N LEU F 81 -66.60 -27.74 -15.90
CA LEU F 81 -66.12 -26.37 -15.80
C LEU F 81 -65.12 -26.18 -14.66
N SER F 82 -65.31 -26.88 -13.54
CA SER F 82 -64.43 -26.71 -12.38
C SER F 82 -63.03 -27.25 -12.61
N VAL F 83 -62.85 -28.09 -13.64
CA VAL F 83 -61.50 -28.45 -14.05
C VAL F 83 -60.87 -27.30 -14.83
N ARG F 84 -61.65 -26.60 -15.66
CA ARG F 84 -61.16 -25.45 -16.41
C ARG F 84 -60.84 -24.26 -15.51
N ASN F 85 -61.36 -24.24 -14.28
CA ASN F 85 -61.23 -23.28 -13.18
C ASN F 85 -59.77 -23.17 -12.61
N HIS F 86 -58.83 -23.89 -13.23
CA HIS F 86 -57.39 -23.75 -12.98
C HIS F 86 -57.00 -24.14 -11.56
N GLY F 87 -57.79 -25.01 -10.93
CA GLY F 87 -57.49 -25.42 -9.57
C GLY F 87 -57.76 -24.31 -8.58
N PHE F 88 -58.98 -23.77 -8.62
CA PHE F 88 -59.37 -22.69 -7.74
C PHE F 88 -60.80 -22.95 -7.29
N PRO F 89 -61.18 -22.54 -6.09
CA PRO F 89 -62.54 -22.81 -5.61
C PRO F 89 -63.58 -21.96 -6.35
N LEU F 90 -64.64 -22.63 -6.78
CA LEU F 90 -65.65 -22.03 -7.65
C LEU F 90 -66.78 -21.45 -6.81
N LEU F 91 -66.93 -20.11 -6.84
CA LEU F 91 -68.18 -19.48 -6.43
C LEU F 91 -68.56 -18.26 -7.27
N THR F 92 -67.86 -17.95 -8.35
CA THR F 92 -68.18 -16.75 -9.13
C THR F 92 -67.82 -16.96 -10.59
N VAL F 93 -68.82 -16.90 -11.47
CA VAL F 93 -68.59 -16.66 -12.89
C VAL F 93 -69.49 -15.51 -13.30
N TYR F 94 -69.31 -15.03 -14.53
CA TYR F 94 -70.05 -13.86 -14.96
C TYR F 94 -70.18 -13.84 -16.48
N LEU F 95 -70.91 -12.83 -16.97
CA LEU F 95 -71.12 -12.63 -18.40
C LEU F 95 -70.92 -11.15 -18.71
N LYS F 96 -71.30 -10.77 -19.93
CA LYS F 96 -71.37 -9.38 -20.34
C LYS F 96 -72.79 -9.04 -20.76
N VAL F 97 -73.17 -7.79 -20.61
CA VAL F 97 -74.40 -7.24 -21.17
C VAL F 97 -74.03 -5.97 -21.90
N PHE F 98 -73.98 -6.03 -23.23
CA PHE F 98 -73.97 -4.85 -24.07
C PHE F 98 -75.41 -4.40 -24.27
N LEU F 99 -75.59 -3.15 -24.67
CA LEU F 99 -76.95 -2.68 -24.92
C LEU F 99 -77.15 -2.00 -26.26
N SER F 100 -76.10 -1.54 -26.93
CA SER F 100 -76.19 -1.07 -28.31
C SER F 100 -74.84 -1.28 -29.00
N GLY F 107 -63.70 -7.56 -26.00
CA GLY F 107 -63.46 -6.28 -25.37
C GLY F 107 -63.62 -6.34 -23.87
N GLU F 108 -63.52 -5.19 -23.20
CA GLU F 108 -63.68 -5.13 -21.76
C GLU F 108 -65.02 -4.50 -21.44
N CYS F 109 -65.79 -5.18 -20.60
CA CYS F 109 -67.13 -4.72 -20.23
C CYS F 109 -67.04 -3.61 -19.19
N GLN F 110 -67.52 -2.42 -19.55
CA GLN F 110 -67.69 -1.35 -18.58
C GLN F 110 -68.99 -0.59 -18.85
N TRP F 111 -69.49 0.03 -17.79
CA TRP F 111 -70.49 1.08 -17.87
C TRP F 111 -69.97 2.21 -18.75
N PRO F 112 -70.83 2.85 -19.55
CA PRO F 112 -72.26 2.70 -19.84
C PRO F 112 -72.54 1.83 -21.05
N GLY F 113 -71.50 1.33 -21.69
CA GLY F 113 -71.68 0.46 -22.82
C GLY F 113 -72.05 -0.96 -22.43
N CYS F 114 -71.63 -1.37 -21.24
CA CYS F 114 -71.77 -2.75 -20.80
C CYS F 114 -72.04 -2.82 -19.30
N ALA F 115 -72.51 -3.98 -18.89
CA ALA F 115 -72.70 -4.30 -17.48
C ALA F 115 -72.52 -5.80 -17.33
N ARG F 116 -71.61 -6.20 -16.45
CA ARG F 116 -71.35 -7.61 -16.25
C ARG F 116 -72.24 -8.15 -15.14
N VAL F 117 -72.76 -9.34 -15.36
CA VAL F 117 -73.74 -9.95 -14.46
C VAL F 117 -73.09 -11.21 -13.92
N TYR F 118 -73.10 -11.37 -12.60
CA TYR F 118 -72.47 -12.52 -11.95
C TYR F 118 -73.47 -13.65 -11.73
N PHE F 119 -72.90 -14.82 -11.44
CA PHE F 119 -73.65 -15.96 -10.94
C PHE F 119 -72.76 -16.68 -9.93
N SER F 120 -73.36 -17.01 -8.78
CA SER F 120 -72.69 -17.71 -7.69
C SER F 120 -73.36 -19.07 -7.49
N PHE F 121 -72.74 -20.09 -8.07
CA PHE F 121 -73.26 -21.45 -8.01
C PHE F 121 -72.92 -22.09 -6.68
N PHE F 122 -73.75 -23.03 -6.23
CA PHE F 122 -73.46 -23.82 -5.04
C PHE F 122 -73.63 -25.30 -5.33
N ASN F 123 -72.97 -26.12 -4.50
CA ASN F 123 -72.97 -27.57 -4.66
C ASN F 123 -74.36 -28.15 -4.44
N THR F 124 -75.15 -27.56 -3.56
CA THR F 124 -76.49 -28.07 -3.31
C THR F 124 -77.44 -27.64 -4.43
N SER F 125 -78.64 -28.18 -4.38
CA SER F 125 -79.69 -27.79 -5.29
C SER F 125 -80.51 -26.66 -4.67
N PHE F 126 -81.66 -26.38 -5.28
CA PHE F 126 -82.53 -25.30 -4.81
C PHE F 126 -83.11 -25.65 -3.45
N PRO F 127 -82.84 -24.85 -2.42
CA PRO F 127 -83.34 -25.18 -1.07
C PRO F 127 -84.83 -24.92 -0.95
N ALA F 128 -85.44 -25.61 0.02
CA ALA F 128 -86.88 -25.57 0.22
C ALA F 128 -87.31 -24.24 0.84
N CYS F 129 -88.62 -24.04 0.91
CA CYS F 129 -89.17 -22.74 1.27
C CYS F 129 -89.00 -22.42 2.76
N SER F 130 -88.88 -23.43 3.61
CA SER F 130 -88.77 -23.19 5.05
C SER F 130 -87.31 -22.99 5.47
N SER F 131 -86.36 -23.36 4.61
CA SER F 131 -84.94 -23.15 4.89
C SER F 131 -84.45 -21.78 4.46
N LEU F 132 -85.35 -20.89 4.09
CA LEU F 132 -85.01 -19.56 3.59
C LEU F 132 -85.44 -18.55 4.64
N LYS F 133 -84.47 -17.95 5.32
CA LYS F 133 -84.74 -16.92 6.30
C LYS F 133 -85.25 -15.67 5.59
N PRO F 134 -86.14 -14.89 6.22
CA PRO F 134 -86.65 -13.67 5.55
C PRO F 134 -85.62 -12.56 5.34
N ARG F 135 -84.42 -12.68 5.90
CA ARG F 135 -83.35 -11.74 5.57
C ARG F 135 -82.91 -11.85 4.12
N GLU F 136 -82.88 -13.06 3.57
CA GLU F 136 -82.46 -13.27 2.18
C GLU F 136 -83.62 -13.48 1.23
N LEU F 137 -84.86 -13.22 1.66
CA LEU F 137 -86.00 -13.25 0.76
C LEU F 137 -86.27 -11.89 0.12
N CYS F 138 -85.77 -10.82 0.72
CA CYS F 138 -86.07 -9.47 0.24
C CYS F 138 -85.07 -9.05 -0.83
N PHE F 139 -83.79 -8.98 -0.46
CA PHE F 139 -82.72 -8.49 -1.32
C PHE F 139 -81.54 -9.45 -1.21
N PRO F 140 -80.73 -9.57 -2.26
CA PRO F 140 -79.47 -10.31 -2.14
C PRO F 140 -78.48 -9.59 -1.24
N GLU F 141 -77.36 -10.26 -0.98
CA GLU F 141 -76.42 -9.78 0.05
C GLU F 141 -75.60 -8.60 -0.46
N THR F 142 -75.01 -8.73 -1.64
CA THR F 142 -74.19 -7.65 -2.22
C THR F 142 -75.13 -6.54 -2.68
N ARG F 143 -75.03 -5.38 -2.03
CA ARG F 143 -75.97 -4.29 -2.21
C ARG F 143 -75.79 -3.59 -3.55
N PRO F 144 -76.89 -3.14 -4.16
CA PRO F 144 -76.78 -2.39 -5.42
C PRO F 144 -76.18 -1.01 -5.22
N SER F 145 -75.85 -0.36 -6.35
CA SER F 145 -75.25 0.98 -6.34
C SER F 145 -75.84 1.77 -7.49
N PHE F 146 -76.77 2.67 -7.18
CA PHE F 146 -77.55 3.29 -8.23
C PHE F 146 -76.93 4.60 -8.70
N ARG F 147 -76.93 4.77 -10.02
CA ARG F 147 -76.07 5.74 -10.70
C ARG F 147 -76.97 6.50 -11.66
N ILE F 148 -77.29 7.76 -11.35
CA ILE F 148 -78.23 8.55 -12.13
C ILE F 148 -77.58 9.87 -12.54
N ARG F 149 -77.63 10.18 -13.82
CA ARG F 149 -77.23 11.50 -14.28
C ARG F 149 -78.31 12.52 -13.99
N GLU F 150 -77.90 13.76 -13.68
CA GLU F 150 -78.86 14.82 -13.44
C GLU F 150 -79.50 15.24 -14.77
N ASN F 151 -80.67 15.87 -14.65
CA ASN F 151 -81.33 16.62 -15.73
C ASN F 151 -81.62 15.73 -16.94
N ARG F 152 -82.38 14.66 -16.71
CA ARG F 152 -82.64 13.65 -17.71
C ARG F 152 -84.15 13.45 -17.83
N PRO F 153 -84.61 12.72 -18.84
CA PRO F 153 -85.98 12.20 -18.79
C PRO F 153 -86.15 11.22 -17.65
N PRO F 154 -86.95 11.56 -16.64
CA PRO F 154 -87.01 10.73 -15.43
C PRO F 154 -87.78 9.44 -15.66
N GLY F 155 -87.31 8.36 -15.07
CA GLY F 155 -87.91 7.06 -15.32
C GLY F 155 -87.75 6.02 -14.23
N THR F 156 -87.51 4.78 -14.66
CA THR F 156 -87.48 3.60 -13.80
C THR F 156 -86.08 2.99 -13.85
N PHE F 157 -85.53 2.61 -12.70
CA PHE F 157 -84.17 2.09 -12.65
C PHE F 157 -84.02 0.82 -11.81
N HIS F 158 -85.07 0.32 -11.19
CA HIS F 158 -84.91 -0.81 -10.29
C HIS F 158 -86.23 -1.57 -10.14
N GLN F 159 -86.09 -2.89 -10.00
CA GLN F 159 -87.21 -3.80 -9.80
C GLN F 159 -86.86 -4.73 -8.65
N PHE F 160 -87.85 -5.05 -7.81
CA PHE F 160 -87.57 -5.64 -6.51
C PHE F 160 -87.46 -7.17 -6.49
N ARG F 161 -88.33 -7.86 -7.20
CA ARG F 161 -88.66 -9.25 -6.85
C ARG F 161 -87.54 -10.23 -7.20
N LEU F 162 -87.15 -11.04 -6.21
CA LEU F 162 -86.27 -12.17 -6.42
C LEU F 162 -87.04 -13.24 -7.19
N LEU F 163 -86.65 -13.47 -8.42
CA LEU F 163 -87.45 -14.25 -9.35
C LEU F 163 -87.41 -15.76 -9.13
N PRO F 164 -86.28 -16.41 -8.77
CA PRO F 164 -86.38 -17.82 -8.35
C PRO F 164 -87.15 -18.02 -7.05
N VAL F 165 -87.16 -17.03 -6.16
CA VAL F 165 -87.85 -17.17 -4.87
C VAL F 165 -89.36 -17.28 -5.08
N GLN F 166 -89.96 -16.28 -5.71
CA GLN F 166 -91.39 -16.34 -5.96
C GLN F 166 -91.74 -17.33 -7.07
N PHE F 167 -90.79 -17.65 -7.95
CA PHE F 167 -91.07 -18.63 -8.99
C PHE F 167 -91.17 -20.02 -8.43
N LEU F 168 -90.46 -20.31 -7.33
CA LEU F 168 -90.52 -21.63 -6.74
C LEU F 168 -90.93 -21.66 -5.27
N CYS F 169 -91.27 -20.52 -4.66
CA CYS F 169 -91.96 -20.49 -3.36
C CYS F 169 -93.02 -19.39 -3.37
N PRO F 170 -94.10 -19.55 -4.13
CA PRO F 170 -95.04 -18.43 -4.31
C PRO F 170 -96.05 -18.26 -3.19
N ASN F 171 -96.06 -19.13 -2.18
CA ASN F 171 -97.08 -19.10 -1.14
C ASN F 171 -96.68 -18.26 0.07
N ILE F 172 -95.78 -17.30 -0.11
CA ILE F 172 -95.38 -16.38 0.94
C ILE F 172 -95.69 -14.98 0.46
N SER F 173 -96.51 -14.24 1.21
CA SER F 173 -96.87 -12.89 0.84
C SER F 173 -95.70 -11.94 1.10
N VAL F 174 -95.14 -11.38 0.03
CA VAL F 174 -93.95 -10.54 0.10
C VAL F 174 -94.31 -9.16 -0.45
N ALA F 175 -93.96 -8.12 0.30
CA ALA F 175 -94.28 -6.76 -0.10
C ALA F 175 -93.02 -5.89 -0.11
N TYR F 176 -93.01 -4.91 -1.01
CA TYR F 176 -91.90 -3.97 -1.14
C TYR F 176 -92.44 -2.57 -1.33
N ARG F 177 -91.88 -1.60 -0.60
CA ARG F 177 -92.18 -0.19 -0.82
C ARG F 177 -90.91 0.62 -0.56
N LEU F 178 -91.06 1.94 -0.60
CA LEU F 178 -89.99 2.88 -0.30
C LEU F 178 -90.45 3.83 0.81
N LEU F 179 -89.48 4.55 1.36
CA LEU F 179 -89.79 5.57 2.35
C LEU F 179 -90.39 6.78 1.64
N GLY F 183 -90.24 15.53 0.42
CA GLY F 183 -90.51 15.96 -0.95
C GLY F 183 -89.56 15.33 -1.95
N LEU F 184 -89.54 14.01 -1.97
CA LEU F 184 -88.57 13.31 -2.78
C LEU F 184 -89.21 12.76 -4.06
N PRO F 185 -88.51 12.83 -5.19
CA PRO F 185 -89.09 12.32 -6.44
C PRO F 185 -89.12 10.81 -6.52
N PHE F 186 -88.48 10.10 -5.59
CA PHE F 186 -88.45 8.65 -5.59
C PHE F 186 -89.76 8.11 -5.04
N ARG F 187 -90.41 7.25 -5.82
CA ARG F 187 -91.65 6.63 -5.39
C ARG F 187 -91.69 5.16 -5.81
N CYS F 188 -92.42 4.39 -5.00
CA CYS F 188 -92.69 2.98 -5.25
C CYS F 188 -94.19 2.80 -5.44
N ALA F 189 -94.58 2.28 -6.59
CA ALA F 189 -95.99 2.06 -6.85
C ALA F 189 -96.49 0.83 -6.09
N PRO F 190 -97.72 0.88 -5.58
CA PRO F 190 -98.37 -0.35 -5.13
C PRO F 190 -98.81 -1.17 -6.33
N ASP F 191 -98.85 -2.49 -6.13
CA ASP F 191 -99.26 -3.52 -7.10
C ASP F 191 -98.36 -3.58 -8.33
N SER F 192 -97.23 -2.89 -8.32
CA SER F 192 -96.22 -2.94 -9.36
C SER F 192 -94.93 -2.40 -8.76
N LEU F 193 -93.92 -3.25 -8.63
CA LEU F 193 -92.77 -2.96 -7.78
C LEU F 193 -91.61 -2.32 -8.55
N GLU F 194 -91.91 -1.53 -9.57
CA GLU F 194 -90.89 -0.72 -10.21
C GLU F 194 -90.63 0.56 -9.41
N VAL F 195 -89.36 0.91 -9.28
CA VAL F 195 -88.96 2.13 -8.57
C VAL F 195 -88.83 3.24 -9.58
N SER F 196 -89.52 4.36 -9.34
CA SER F 196 -89.49 5.44 -10.32
C SER F 196 -89.10 6.76 -9.66
N THR F 197 -88.67 7.69 -10.51
CA THR F 197 -88.34 9.04 -10.12
C THR F 197 -89.26 10.00 -10.88
N ARG F 198 -89.88 10.92 -10.14
CA ARG F 198 -90.97 11.73 -10.70
C ARG F 198 -90.45 12.79 -11.67
N TRP F 199 -89.64 13.72 -11.17
CA TRP F 199 -89.05 14.77 -11.97
C TRP F 199 -87.55 14.55 -12.06
N ALA F 200 -86.89 15.38 -12.87
CA ALA F 200 -85.46 15.23 -13.08
C ALA F 200 -84.67 15.85 -11.93
N LEU F 201 -83.55 15.22 -11.59
CA LEU F 201 -82.68 15.72 -10.53
C LEU F 201 -81.65 16.69 -11.08
N ASP F 202 -81.11 17.51 -10.19
CA ASP F 202 -79.94 18.34 -10.45
C ASP F 202 -78.99 18.17 -9.27
N ARG F 203 -77.69 18.10 -9.57
CA ARG F 203 -76.69 17.99 -8.51
C ARG F 203 -76.64 19.25 -7.66
N GLU F 204 -76.84 20.40 -8.29
CA GLU F 204 -76.62 21.70 -7.70
C GLU F 204 -77.58 22.02 -6.56
N GLN F 205 -78.70 21.29 -6.45
CA GLN F 205 -79.52 21.35 -5.26
C GLN F 205 -79.11 20.29 -4.26
N ARG F 206 -79.26 19.01 -4.62
CA ARG F 206 -78.83 17.92 -3.78
C ARG F 206 -78.07 16.92 -4.63
N GLU F 207 -77.24 16.12 -3.97
CA GLU F 207 -76.33 15.22 -4.65
C GLU F 207 -76.18 13.84 -4.01
N LYS F 208 -76.64 13.65 -2.77
CA LYS F 208 -76.59 12.35 -2.12
C LYS F 208 -77.99 11.96 -1.65
N TYR F 209 -78.41 10.75 -2.05
CA TYR F 209 -79.68 10.18 -1.63
C TYR F 209 -79.41 8.75 -1.19
N GLU F 210 -79.20 8.55 0.11
CA GLU F 210 -79.10 7.19 0.66
C GLU F 210 -80.39 6.91 1.44
N LEU F 211 -81.39 6.37 0.75
CA LEU F 211 -82.70 6.11 1.34
C LEU F 211 -82.79 4.66 1.80
N VAL F 212 -84.00 4.26 2.20
CA VAL F 212 -84.27 2.92 2.72
C VAL F 212 -85.48 2.35 1.98
N ALA F 213 -85.33 1.13 1.44
CA ALA F 213 -86.44 0.37 0.88
C ALA F 213 -87.00 -0.54 1.96
N VAL F 214 -88.32 -0.60 2.07
CA VAL F 214 -89.00 -1.35 3.12
C VAL F 214 -89.48 -2.67 2.53
N CYS F 215 -89.09 -3.78 3.14
CA CYS F 215 -89.56 -5.10 2.74
C CYS F 215 -90.40 -5.71 3.85
N THR F 216 -91.45 -6.44 3.48
CA THR F 216 -92.34 -7.07 4.44
C THR F 216 -92.53 -8.53 4.05
N VAL F 217 -92.22 -9.45 4.97
CA VAL F 217 -92.32 -10.87 4.73
C VAL F 217 -93.50 -11.41 5.53
N HIS F 218 -94.29 -12.27 4.88
CA HIS F 218 -95.55 -12.83 5.39
C HIS F 218 -96.53 -11.74 5.80
N GLU F 223 -93.33 -13.34 10.89
CA GLU F 223 -93.46 -12.05 10.24
C GLU F 223 -92.25 -11.16 10.54
N GLU F 224 -91.67 -10.55 9.51
CA GLU F 224 -90.49 -9.72 9.68
C GLU F 224 -90.51 -8.58 8.66
N VAL F 225 -90.18 -7.38 9.12
CA VAL F 225 -90.03 -6.22 8.24
C VAL F 225 -88.54 -5.84 8.21
N VAL F 226 -87.99 -5.68 7.02
CA VAL F 226 -86.56 -5.52 6.80
C VAL F 226 -86.32 -4.12 6.21
N MET F 227 -85.25 -3.46 6.69
CA MET F 227 -84.80 -2.17 6.19
C MET F 227 -83.41 -2.31 5.57
N VAL F 228 -83.23 -1.73 4.38
CA VAL F 228 -82.02 -1.95 3.58
C VAL F 228 -81.49 -0.62 3.07
N PRO F 229 -80.19 -0.53 2.73
CA PRO F 229 -79.67 0.72 2.17
C PRO F 229 -80.10 0.95 0.73
N PHE F 230 -79.97 2.22 0.29
CA PHE F 230 -80.35 2.62 -1.06
C PHE F 230 -79.55 3.83 -1.52
N PRO F 231 -78.34 3.66 -2.07
CA PRO F 231 -77.53 4.82 -2.47
C PRO F 231 -77.76 5.24 -3.91
N VAL F 232 -77.87 6.54 -4.14
CA VAL F 232 -78.05 7.12 -5.48
C VAL F 232 -76.99 8.21 -5.64
N THR F 233 -76.24 8.14 -6.73
CA THR F 233 -75.25 9.17 -7.03
C THR F 233 -75.73 10.00 -8.22
N VAL F 234 -75.77 11.32 -8.05
CA VAL F 234 -76.27 12.25 -9.05
C VAL F 234 -75.09 12.92 -9.74
N TYR F 235 -75.12 12.94 -11.08
CA TYR F 235 -74.01 13.49 -11.86
C TYR F 235 -74.20 14.96 -12.21
N ASP F 236 -73.35 15.50 -13.10
CA ASP F 236 -73.32 16.93 -13.37
C ASP F 236 -73.06 17.20 -14.84
N GLU F 237 -73.24 18.47 -15.24
CA GLU F 237 -73.11 18.90 -16.63
C GLU F 237 -72.42 20.25 -16.67
N ASP F 238 -71.97 20.67 -17.86
CA ASP F 238 -71.70 22.09 -18.12
C ASP F 238 -72.99 22.82 -18.51
N ASP F 239 -73.82 22.98 -17.48
CA ASP F 239 -74.88 23.95 -17.46
C ASP F 239 -74.45 25.25 -16.82
N SER F 240 -73.14 25.52 -16.79
CA SER F 240 -72.60 26.72 -16.17
C SER F 240 -71.45 27.26 -17.01
N ALA F 241 -71.44 28.53 -17.17
CA ALA F 241 -70.60 29.59 -17.68
C ALA F 241 -69.77 30.18 -16.54
N PRO F 242 -68.61 30.78 -16.81
CA PRO F 242 -67.81 31.36 -15.73
C PRO F 242 -68.49 32.56 -15.07
N THR F 243 -68.18 32.74 -13.78
CA THR F 243 -68.89 33.66 -12.93
C THR F 243 -67.91 34.29 -11.94
N PHE F 244 -68.06 35.59 -11.69
CA PHE F 244 -67.30 36.33 -10.69
C PHE F 244 -67.75 35.97 -9.28
N PRO F 245 -66.86 36.07 -8.28
CA PRO F 245 -67.26 35.77 -6.89
C PRO F 245 -67.78 36.99 -6.13
N ALA F 246 -69.01 37.39 -6.47
CA ALA F 246 -69.76 38.46 -5.81
C ALA F 246 -69.02 39.81 -5.87
N GLY F 247 -68.86 40.31 -7.10
CA GLY F 247 -68.33 41.63 -7.32
C GLY F 247 -66.82 41.76 -7.17
N VAL F 248 -66.07 40.84 -7.77
CA VAL F 248 -64.61 40.93 -7.82
C VAL F 248 -64.23 40.68 -9.28
N ASP F 249 -63.82 41.73 -9.98
CA ASP F 249 -63.63 41.61 -11.43
C ASP F 249 -62.15 41.68 -11.83
N THR F 250 -61.37 42.57 -11.22
CA THR F 250 -60.01 42.83 -11.68
C THR F 250 -59.20 43.46 -10.56
N ALA F 251 -58.00 42.93 -10.30
CA ALA F 251 -57.05 43.52 -9.37
C ALA F 251 -55.92 44.22 -10.12
N SER F 252 -55.10 44.95 -9.35
CA SER F 252 -53.96 45.65 -9.91
C SER F 252 -52.87 45.82 -8.86
N ALA F 253 -51.65 46.02 -9.34
CA ALA F 253 -50.50 46.30 -8.48
C ALA F 253 -49.45 47.00 -9.32
N VAL F 254 -48.43 47.54 -8.66
CA VAL F 254 -47.37 48.29 -9.31
C VAL F 254 -46.06 47.53 -9.17
N VAL F 255 -45.45 47.21 -10.29
CA VAL F 255 -44.19 46.48 -10.31
C VAL F 255 -43.10 47.38 -9.75
N GLU F 256 -42.62 47.05 -8.55
CA GLU F 256 -41.87 48.00 -7.74
C GLU F 256 -40.42 47.61 -7.54
N PHE F 257 -40.14 46.47 -6.91
CA PHE F 257 -38.81 46.27 -6.34
C PHE F 257 -38.08 45.01 -6.76
N LYS F 258 -38.78 43.88 -6.86
CA LYS F 258 -38.14 42.59 -7.02
C LYS F 258 -37.40 42.47 -8.35
N ARG F 259 -38.16 42.46 -9.44
CA ARG F 259 -37.70 42.34 -10.82
C ARG F 259 -36.93 41.05 -11.07
N LYS F 260 -37.33 39.97 -10.42
CA LYS F 260 -36.83 38.63 -10.64
C LYS F 260 -37.29 38.15 -12.02
N GLU F 261 -36.81 36.99 -12.45
CA GLU F 261 -37.31 36.36 -13.67
C GLU F 261 -38.79 36.03 -13.54
N ASP F 262 -39.22 35.60 -12.36
CA ASP F 262 -40.62 35.25 -12.13
C ASP F 262 -41.06 35.67 -10.73
N THR F 263 -42.20 36.35 -10.66
CA THR F 263 -42.89 36.65 -9.42
C THR F 263 -44.36 36.85 -9.74
N VAL F 264 -45.21 36.18 -8.98
CA VAL F 264 -46.65 36.38 -9.07
C VAL F 264 -46.99 37.82 -8.72
N VAL F 265 -47.76 38.47 -9.60
CA VAL F 265 -48.10 39.89 -9.44
C VAL F 265 -49.54 40.08 -8.99
N ALA F 266 -50.51 39.64 -9.79
CA ALA F 266 -51.92 39.81 -9.47
C ALA F 266 -52.64 38.47 -9.60
N THR F 267 -53.73 38.33 -8.86
CA THR F 267 -54.41 37.04 -8.75
C THR F 267 -55.92 37.26 -8.70
N LEU F 268 -56.63 36.60 -9.60
CA LEU F 268 -58.09 36.68 -9.72
C LEU F 268 -58.69 35.30 -9.51
N ARG F 269 -59.96 35.28 -9.08
CA ARG F 269 -60.68 34.04 -8.85
C ARG F 269 -61.91 33.98 -9.74
N VAL F 270 -62.14 32.83 -10.34
CA VAL F 270 -63.27 32.60 -11.24
C VAL F 270 -64.02 31.39 -10.70
N PHE F 271 -65.34 31.49 -10.69
CA PHE F 271 -66.20 30.41 -10.20
C PHE F 271 -67.01 29.87 -11.38
N ASP F 272 -66.57 28.75 -11.93
CA ASP F 272 -67.46 27.94 -12.75
C ASP F 272 -68.07 26.84 -11.88
N ALA F 273 -69.39 26.76 -11.89
CA ALA F 273 -70.12 25.93 -10.93
C ALA F 273 -70.14 24.46 -11.30
N ASP F 274 -69.35 24.05 -12.28
CA ASP F 274 -69.30 22.66 -12.68
C ASP F 274 -68.17 21.96 -11.95
N VAL F 275 -68.12 20.64 -12.13
CA VAL F 275 -66.91 19.85 -11.89
C VAL F 275 -66.39 19.22 -13.16
N VAL F 276 -67.28 18.92 -14.09
CA VAL F 276 -67.17 17.96 -15.18
C VAL F 276 -65.88 18.01 -16.00
N PRO F 277 -65.29 19.19 -16.36
CA PRO F 277 -63.98 19.12 -17.01
C PRO F 277 -62.87 18.77 -16.03
N ALA F 278 -62.61 17.46 -15.86
CA ALA F 278 -61.72 16.96 -14.82
C ALA F 278 -60.26 17.34 -15.09
N SER F 279 -59.39 16.87 -14.19
CA SER F 279 -58.01 17.34 -14.16
C SER F 279 -57.17 16.84 -15.34
N GLY F 280 -57.69 15.88 -16.10
CA GLY F 280 -56.97 15.44 -17.29
C GLY F 280 -57.19 16.35 -18.49
N GLU F 281 -58.45 16.54 -18.89
CA GLU F 281 -58.78 17.38 -20.04
C GLU F 281 -59.01 18.82 -19.63
N LEU F 282 -58.40 19.26 -18.54
CA LEU F 282 -58.50 20.66 -18.13
C LEU F 282 -57.58 21.54 -18.96
N VAL F 283 -56.58 20.93 -19.60
CA VAL F 283 -55.73 21.65 -20.55
C VAL F 283 -56.52 22.07 -21.78
N ARG F 284 -57.47 21.25 -22.22
CA ARG F 284 -58.12 21.46 -23.50
C ARG F 284 -59.22 22.50 -23.44
N ARG F 285 -59.76 22.80 -22.26
CA ARG F 285 -60.91 23.67 -22.18
C ARG F 285 -60.62 24.97 -21.43
N TYR F 286 -60.13 24.89 -20.19
CA TYR F 286 -59.84 26.12 -19.47
C TYR F 286 -58.54 26.76 -19.91
N THR F 287 -58.56 27.38 -21.09
CA THR F 287 -57.38 28.01 -21.66
C THR F 287 -57.39 29.49 -21.31
N SER F 288 -56.25 29.97 -20.82
CA SER F 288 -56.09 31.38 -20.48
C SER F 288 -55.66 32.12 -21.75
N THR F 289 -56.63 32.56 -22.55
CA THR F 289 -56.31 33.22 -23.81
C THR F 289 -55.84 34.63 -23.48
N LEU F 290 -54.56 34.90 -23.69
CA LEU F 290 -54.05 36.24 -23.46
C LEU F 290 -54.47 37.16 -24.59
N LEU F 291 -55.29 38.15 -24.29
CA LEU F 291 -55.68 39.10 -25.32
C LEU F 291 -54.53 40.08 -25.57
N PRO F 292 -54.20 40.36 -26.84
CA PRO F 292 -52.94 41.04 -27.15
C PRO F 292 -52.93 42.53 -26.83
N GLY F 293 -51.82 43.16 -27.21
CA GLY F 293 -51.49 44.53 -26.86
C GLY F 293 -50.09 44.82 -27.35
N ASP F 294 -49.24 45.35 -26.49
CA ASP F 294 -47.82 45.40 -26.81
C ASP F 294 -47.21 44.01 -26.71
N THR F 295 -46.24 43.75 -27.57
CA THR F 295 -45.58 42.45 -27.53
C THR F 295 -44.53 42.35 -26.43
N TRP F 296 -44.22 43.48 -25.77
CA TRP F 296 -43.32 43.52 -24.63
C TRP F 296 -43.84 42.74 -23.43
N ALA F 297 -45.16 42.64 -23.29
CA ALA F 297 -45.73 41.85 -22.20
C ALA F 297 -45.46 40.37 -22.39
N GLN F 298 -45.42 39.91 -23.65
CA GLN F 298 -45.08 38.52 -23.93
C GLN F 298 -43.61 38.26 -23.62
N GLN F 299 -42.77 39.29 -23.71
CA GLN F 299 -41.40 39.19 -23.24
C GLN F 299 -41.32 39.16 -21.72
N THR F 300 -42.24 39.85 -21.04
CA THR F 300 -42.05 40.16 -19.63
C THR F 300 -43.11 39.63 -18.68
N PHE F 301 -44.20 39.01 -19.17
CA PHE F 301 -45.28 38.56 -18.29
C PHE F 301 -45.94 37.31 -18.83
N ARG F 302 -46.64 36.56 -17.97
CA ARG F 302 -47.44 35.41 -18.37
C ARG F 302 -48.56 35.16 -17.39
N VAL F 303 -49.55 34.38 -17.82
CA VAL F 303 -50.77 34.11 -17.07
C VAL F 303 -50.80 32.63 -16.72
N GLU F 304 -50.71 32.31 -15.45
CA GLU F 304 -50.76 30.93 -14.98
C GLU F 304 -52.14 30.63 -14.41
N HIS F 305 -52.55 29.38 -14.54
CA HIS F 305 -53.92 28.97 -14.27
C HIS F 305 -53.94 27.55 -13.72
N TRP F 306 -54.23 27.43 -12.42
CA TRP F 306 -54.38 26.10 -11.90
C TRP F 306 -55.61 26.06 -11.01
N PRO F 307 -56.38 24.98 -11.07
CA PRO F 307 -57.62 24.90 -10.29
C PRO F 307 -57.39 24.28 -8.92
N ASN F 308 -58.40 24.42 -8.08
CA ASN F 308 -58.54 23.56 -6.91
C ASN F 308 -60.03 23.48 -6.62
N GLU F 309 -60.52 22.29 -6.30
CA GLU F 309 -61.96 22.09 -6.20
C GLU F 309 -62.41 22.07 -4.75
N THR F 310 -63.51 22.76 -4.48
CA THR F 310 -64.02 23.02 -3.14
C THR F 310 -65.50 22.65 -3.04
N SER F 311 -65.98 22.53 -1.81
CA SER F 311 -67.35 22.13 -1.53
C SER F 311 -68.07 23.27 -0.82
N VAL F 312 -69.39 23.30 -0.95
CA VAL F 312 -70.22 24.41 -0.45
C VAL F 312 -71.62 23.88 -0.19
N GLN F 313 -72.31 24.49 0.78
CA GLN F 313 -73.69 24.14 1.03
C GLN F 313 -74.61 24.94 0.11
N ALA F 314 -75.43 24.22 -0.67
CA ALA F 314 -76.37 24.86 -1.59
C ALA F 314 -77.81 24.59 -1.20
N ASN F 315 -78.20 23.34 -1.00
CA ASN F 315 -79.49 23.01 -0.42
C ASN F 315 -79.36 21.92 0.62
N GLY F 316 -78.36 22.04 1.48
CA GLY F 316 -78.18 21.10 2.59
C GLY F 316 -77.13 20.06 2.34
N SER F 317 -76.75 19.81 1.09
CA SER F 317 -75.63 18.95 0.77
C SER F 317 -74.40 19.80 0.47
N PHE F 318 -73.25 19.18 0.50
CA PHE F 318 -71.99 19.88 0.32
C PHE F 318 -71.60 19.69 -1.14
N VAL F 319 -72.23 20.46 -2.03
CA VAL F 319 -72.00 20.29 -3.46
C VAL F 319 -70.66 20.89 -3.81
N ARG F 320 -69.92 20.22 -4.67
CA ARG F 320 -68.59 20.70 -4.96
C ARG F 320 -68.51 21.22 -6.38
N ALA F 321 -67.53 22.08 -6.59
CA ALA F 321 -67.23 22.63 -7.90
C ALA F 321 -65.79 23.08 -7.90
N THR F 322 -65.43 23.80 -8.95
CA THR F 322 -64.06 24.21 -9.18
C THR F 322 -63.85 25.64 -8.73
N VAL F 323 -62.60 25.98 -8.41
CA VAL F 323 -62.16 27.35 -8.26
C VAL F 323 -60.98 27.52 -9.21
N HIS F 324 -61.09 28.49 -10.11
CA HIS F 324 -60.05 28.73 -11.11
C HIS F 324 -59.35 30.06 -10.80
N ASP F 325 -58.10 29.99 -10.39
CA ASP F 325 -57.33 31.20 -10.13
C ASP F 325 -56.48 31.52 -11.34
N TYR F 326 -56.33 32.81 -11.61
CA TYR F 326 -55.48 33.30 -12.69
C TYR F 326 -54.44 34.23 -12.08
N ARG F 327 -53.17 34.01 -12.43
CA ARG F 327 -52.07 34.76 -11.83
C ARG F 327 -51.19 35.37 -12.91
N LEU F 328 -50.71 36.57 -12.64
CA LEU F 328 -49.69 37.20 -13.47
C LEU F 328 -48.32 36.96 -12.87
N VAL F 329 -47.48 36.19 -13.56
CA VAL F 329 -46.13 35.93 -13.10
C VAL F 329 -45.16 36.52 -14.12
N LEU F 330 -44.08 37.13 -13.64
CA LEU F 330 -43.05 37.70 -14.50
C LEU F 330 -42.43 36.63 -15.39
N ASN F 331 -41.85 37.07 -16.51
CA ASN F 331 -41.26 36.16 -17.47
C ASN F 331 -39.76 36.33 -17.62
N ARG F 332 -39.19 37.47 -17.22
CA ARG F 332 -37.76 37.69 -17.37
C ARG F 332 -37.27 38.63 -16.28
N ASN F 333 -35.95 38.69 -16.14
CA ASN F 333 -35.33 39.64 -15.23
C ASN F 333 -35.40 41.03 -15.82
N LEU F 334 -36.29 41.87 -15.29
CA LEU F 334 -36.47 43.22 -15.81
C LEU F 334 -35.27 44.10 -15.48
N SER F 335 -35.06 45.12 -16.31
CA SER F 335 -34.04 46.11 -16.06
C SER F 335 -34.55 47.14 -15.05
N ILE F 336 -33.70 48.11 -14.72
CA ILE F 336 -34.08 49.06 -13.68
C ILE F 336 -34.98 50.14 -14.24
N SER F 337 -34.61 50.71 -15.37
CA SER F 337 -35.13 52.00 -15.79
C SER F 337 -36.47 51.91 -16.51
N GLU F 338 -37.24 50.84 -16.35
CA GLU F 338 -38.48 50.71 -17.11
C GLU F 338 -39.57 51.53 -16.45
N ASN F 339 -40.26 52.35 -17.25
CA ASN F 339 -41.30 53.25 -16.77
C ASN F 339 -42.44 53.25 -17.80
N ARG F 340 -43.37 52.32 -17.66
CA ARG F 340 -44.46 52.15 -18.63
C ARG F 340 -45.73 51.73 -17.90
N THR F 341 -46.83 51.62 -18.65
CA THR F 341 -48.08 51.10 -18.13
C THR F 341 -48.91 50.51 -19.26
N MET F 342 -49.65 49.45 -18.94
CA MET F 342 -50.54 48.80 -19.90
C MET F 342 -51.78 48.28 -19.18
N GLN F 343 -52.71 47.74 -19.95
CA GLN F 343 -53.93 47.10 -19.43
C GLN F 343 -54.08 45.77 -20.16
N LEU F 344 -53.73 44.68 -19.47
CA LEU F 344 -53.59 43.36 -20.09
C LEU F 344 -54.88 42.57 -19.91
N ALA F 345 -55.48 42.16 -21.02
CA ALA F 345 -56.77 41.49 -21.00
C ALA F 345 -56.61 39.99 -21.25
N VAL F 346 -57.50 39.20 -20.64
CA VAL F 346 -57.47 37.74 -20.67
C VAL F 346 -58.89 37.23 -20.91
N LEU F 347 -59.05 36.39 -21.93
CA LEU F 347 -60.30 35.68 -22.18
C LEU F 347 -60.25 34.30 -21.53
N VAL F 348 -61.38 33.86 -20.99
CA VAL F 348 -61.46 32.60 -20.24
C VAL F 348 -62.49 31.69 -20.90
N ASN F 349 -62.05 30.49 -21.29
CA ASN F 349 -62.90 29.52 -21.93
C ASN F 349 -63.38 28.48 -20.92
N ASP F 350 -64.51 27.84 -21.23
CA ASP F 350 -65.13 26.83 -20.38
C ASP F 350 -66.04 25.99 -21.26
N SER F 351 -65.60 24.78 -21.58
CA SER F 351 -66.34 23.96 -22.53
C SER F 351 -66.34 22.48 -22.17
N VAL F 360 -67.45 32.14 -21.18
CA VAL F 360 -66.27 32.74 -21.80
C VAL F 360 -66.13 34.15 -21.24
N LEU F 361 -65.37 34.29 -20.16
CA LEU F 361 -65.39 35.51 -19.38
C LEU F 361 -64.26 36.42 -19.83
N LEU F 362 -64.40 37.71 -19.49
CA LEU F 362 -63.44 38.74 -19.83
C LEU F 362 -62.78 39.28 -18.57
N LEU F 363 -61.45 39.34 -18.57
CA LEU F 363 -60.67 39.85 -17.46
C LEU F 363 -59.62 40.82 -18.00
N HIS F 364 -59.05 41.60 -17.11
CA HIS F 364 -57.93 42.47 -17.45
C HIS F 364 -57.12 42.72 -16.18
N PHE F 365 -56.04 43.50 -16.32
CA PHE F 365 -55.08 43.75 -15.26
C PHE F 365 -54.43 45.10 -15.52
N ASN F 366 -54.42 45.98 -14.52
CA ASN F 366 -53.66 47.23 -14.62
C ASN F 366 -52.24 46.97 -14.15
N VAL F 367 -51.29 47.04 -15.08
CA VAL F 367 -49.90 46.71 -14.83
C VAL F 367 -49.03 47.90 -15.19
N SER F 368 -48.34 48.46 -14.20
CA SER F 368 -47.48 49.61 -14.40
C SER F 368 -46.10 49.32 -13.84
N VAL F 369 -45.07 49.64 -14.61
CA VAL F 369 -43.68 49.44 -14.22
C VAL F 369 -43.04 50.79 -13.92
N LEU F 370 -42.55 50.93 -12.70
CA LEU F 370 -41.83 52.09 -12.22
C LEU F 370 -40.34 51.79 -12.12
N PRO F 371 -39.49 52.75 -12.47
CA PRO F 371 -38.06 52.54 -12.31
C PRO F 371 -37.62 52.80 -10.86
N VAL F 372 -36.36 52.47 -10.61
CA VAL F 372 -35.76 52.58 -9.28
C VAL F 372 -34.61 53.57 -9.39
N SER F 373 -34.53 54.49 -8.44
CA SER F 373 -33.38 55.37 -8.34
C SER F 373 -32.15 54.59 -7.88
N LEU F 374 -30.98 55.00 -8.38
CA LEU F 374 -29.74 54.34 -7.96
C LEU F 374 -28.95 55.21 -6.99
N HIS F 375 -29.65 55.95 -6.16
CA HIS F 375 -29.02 56.90 -5.24
C HIS F 375 -28.51 56.15 -4.02
N LEU F 376 -27.25 55.74 -4.09
CA LEU F 376 -26.54 55.26 -2.93
C LEU F 376 -26.32 56.41 -1.95
N PRO F 377 -26.38 56.14 -0.64
CA PRO F 377 -25.98 57.15 0.34
C PRO F 377 -24.52 57.54 0.18
N SER F 378 -24.30 58.83 -0.04
CA SER F 378 -23.01 59.30 -0.52
C SER F 378 -21.98 59.38 0.60
N THR F 379 -22.32 60.05 1.70
CA THR F 379 -21.34 60.33 2.75
C THR F 379 -21.57 59.38 3.93
N TYR F 380 -20.57 58.52 4.18
CA TYR F 380 -20.61 57.58 5.29
C TYR F 380 -19.19 57.21 5.66
N SER F 381 -18.94 57.08 6.95
CA SER F 381 -17.60 56.85 7.46
C SER F 381 -17.62 55.69 8.44
N LEU F 382 -16.48 55.01 8.53
CA LEU F 382 -16.36 53.87 9.43
C LEU F 382 -14.91 53.71 9.82
N SER F 383 -14.70 53.13 11.00
CA SER F 383 -13.37 52.91 11.53
C SER F 383 -12.99 51.45 11.42
N VAL F 384 -11.73 51.23 11.10
CA VAL F 384 -11.17 49.89 10.88
C VAL F 384 -9.98 49.73 11.82
N SER F 385 -9.99 48.68 12.63
CA SER F 385 -8.81 48.29 13.38
C SER F 385 -7.74 47.81 12.40
N ARG F 386 -6.54 48.38 12.48
CA ARG F 386 -5.49 48.07 11.52
C ARG F 386 -4.89 46.68 11.71
N ARG F 387 -5.18 46.00 12.81
CA ARG F 387 -4.66 44.67 13.10
C ARG F 387 -5.42 43.58 12.39
N ALA F 388 -6.44 43.91 11.60
CA ALA F 388 -7.33 42.92 11.01
C ALA F 388 -6.62 42.12 9.92
N ARG F 389 -7.09 40.90 9.72
CA ARG F 389 -6.47 39.99 8.77
C ARG F 389 -7.21 40.03 7.45
N ARG F 390 -6.77 39.21 6.50
CA ARG F 390 -7.36 39.20 5.17
C ARG F 390 -8.74 38.58 5.18
N PHE F 391 -9.60 39.06 4.28
CA PHE F 391 -11.05 38.74 4.24
C PHE F 391 -11.71 39.09 5.58
N ALA F 392 -11.73 40.37 5.91
CA ALA F 392 -12.21 40.85 7.19
C ALA F 392 -13.52 41.61 7.00
N GLN F 393 -14.60 41.06 7.55
CA GLN F 393 -15.92 41.69 7.42
C GLN F 393 -16.00 42.90 8.33
N ILE F 394 -16.32 44.05 7.75
CA ILE F 394 -16.38 45.27 8.54
C ILE F 394 -17.75 45.92 8.46
N GLY F 395 -18.15 46.32 7.26
CA GLY F 395 -19.34 47.16 7.14
C GLY F 395 -20.23 46.77 5.99
N LYS F 396 -21.48 47.20 6.10
CA LYS F 396 -22.47 46.94 5.07
C LYS F 396 -22.68 48.17 4.20
N VAL F 397 -22.38 48.00 2.92
CA VAL F 397 -22.81 48.92 1.89
C VAL F 397 -24.21 48.47 1.54
N CYS F 398 -25.15 49.40 1.48
CA CYS F 398 -26.48 49.03 1.02
C CYS F 398 -27.05 50.14 0.14
N VAL F 399 -27.77 49.72 -0.91
CA VAL F 399 -28.51 50.67 -1.73
C VAL F 399 -29.74 51.11 -0.93
N GLU F 400 -30.47 52.10 -1.45
CA GLU F 400 -31.58 52.71 -0.74
C GLU F 400 -32.74 51.74 -0.48
N ASN F 401 -32.91 50.71 -1.30
CA ASN F 401 -33.94 49.68 -1.09
C ASN F 401 -33.27 48.33 -0.86
N CYS F 402 -32.90 48.08 0.39
CA CYS F 402 -32.00 46.98 0.76
C CYS F 402 -32.53 45.59 0.47
N GLN F 403 -33.63 45.20 1.12
CA GLN F 403 -34.08 43.83 1.11
C GLN F 403 -35.09 43.57 0.00
N ALA F 404 -34.94 44.23 -1.14
CA ALA F 404 -36.05 44.35 -2.09
C ALA F 404 -35.70 43.98 -3.51
N PHE F 405 -34.42 43.94 -3.88
CA PHE F 405 -34.09 43.61 -5.25
C PHE F 405 -33.98 42.10 -5.42
N SER F 406 -34.42 41.62 -6.57
CA SER F 406 -34.44 40.18 -6.79
C SER F 406 -33.79 39.74 -8.08
N GLY F 407 -33.96 40.49 -9.17
CA GLY F 407 -33.38 40.07 -10.43
C GLY F 407 -32.58 41.15 -11.11
N ILE F 408 -31.83 41.92 -10.32
CA ILE F 408 -30.96 42.97 -10.83
C ILE F 408 -29.56 42.76 -10.27
N ASN F 409 -28.56 42.77 -11.16
CA ASN F 409 -27.17 42.47 -10.80
C ASN F 409 -26.42 43.77 -10.55
N VAL F 410 -26.60 44.35 -9.36
CA VAL F 410 -25.94 45.59 -8.99
C VAL F 410 -24.60 45.21 -8.40
N GLN F 411 -23.55 45.43 -9.17
CA GLN F 411 -22.22 44.99 -8.81
C GLN F 411 -21.46 46.18 -8.25
N TYR F 412 -20.57 45.94 -7.29
CA TYR F 412 -19.89 47.05 -6.61
C TYR F 412 -18.47 47.15 -7.13
N LYS F 413 -18.09 48.34 -7.60
CA LYS F 413 -16.71 48.61 -7.98
C LYS F 413 -16.09 49.64 -7.04
N LEU F 414 -14.83 49.40 -6.68
CA LEU F 414 -14.12 50.24 -5.70
C LEU F 414 -12.99 50.96 -6.41
N HIS F 415 -13.23 52.19 -6.83
CA HIS F 415 -12.17 53.05 -7.32
C HIS F 415 -11.55 53.80 -6.15
N SER F 416 -10.22 53.86 -6.16
CA SER F 416 -9.47 54.35 -5.00
C SER F 416 -8.60 55.54 -5.35
N SER F 417 -8.32 56.38 -4.34
CA SER F 417 -7.49 57.56 -4.53
C SER F 417 -7.00 58.08 -3.18
N CYS F 421 -2.52 53.07 -1.39
CA CYS F 421 -2.70 52.33 -0.16
C CYS F 421 -3.86 51.31 -0.29
N SER F 422 -3.51 50.02 -0.35
CA SER F 422 -4.47 48.95 -0.59
C SER F 422 -4.69 48.14 0.69
N THR F 423 -5.80 48.42 1.38
CA THR F 423 -6.24 47.65 2.55
C THR F 423 -7.61 47.01 2.35
N LEU F 424 -8.60 47.75 1.86
CA LEU F 424 -9.96 47.23 1.81
C LEU F 424 -10.35 46.79 0.41
N GLY F 425 -11.55 46.20 0.29
CA GLY F 425 -12.08 45.65 -0.94
C GLY F 425 -13.51 45.17 -0.78
N VAL F 426 -14.33 45.32 -1.82
CA VAL F 426 -15.76 45.04 -1.76
C VAL F 426 -16.12 44.12 -2.91
N VAL F 427 -16.88 43.06 -2.62
CA VAL F 427 -17.65 42.34 -3.63
C VAL F 427 -19.09 42.28 -3.16
N THR F 428 -20.02 42.59 -4.07
CA THR F 428 -21.44 42.45 -3.80
C THR F 428 -21.78 40.99 -3.53
N SER F 429 -22.47 40.71 -2.43
CA SER F 429 -23.03 39.38 -2.22
C SER F 429 -24.29 39.23 -3.07
N ALA F 430 -24.43 38.11 -3.77
CA ALA F 430 -25.56 37.93 -4.66
C ALA F 430 -26.86 37.63 -3.92
N GLU F 431 -26.84 37.53 -2.59
CA GLU F 431 -28.07 37.32 -1.85
C GLU F 431 -28.85 38.61 -1.69
N ASP F 432 -28.31 39.58 -0.95
CA ASP F 432 -29.01 40.81 -0.67
C ASP F 432 -28.78 41.88 -1.73
N THR F 433 -27.84 41.63 -2.67
CA THR F 433 -27.15 42.66 -3.47
C THR F 433 -26.64 43.80 -2.58
N SER F 434 -26.03 43.40 -1.46
CA SER F 434 -25.44 44.32 -0.50
C SER F 434 -23.96 44.04 -0.39
N GLY F 435 -23.22 45.01 0.13
CA GLY F 435 -21.78 44.94 0.15
C GLY F 435 -21.19 44.62 1.50
N ILE F 436 -20.55 43.47 1.58
CA ILE F 436 -19.73 43.09 2.71
C ILE F 436 -18.27 43.22 2.30
N LEU F 437 -17.56 44.13 2.94
CA LEU F 437 -16.26 44.59 2.49
C LEU F 437 -15.16 43.86 3.25
N PHE F 438 -14.06 43.59 2.57
CA PHE F 438 -13.04 42.68 3.06
C PHE F 438 -11.64 43.29 2.95
N VAL F 439 -10.69 42.62 3.59
CA VAL F 439 -9.27 43.02 3.50
C VAL F 439 -8.63 42.13 2.44
N ASN F 440 -8.17 42.75 1.36
CA ASN F 440 -7.47 42.03 0.31
C ASN F 440 -5.99 42.39 0.39
N PRO F 448 1.81 51.70 6.50
CA PRO F 448 2.85 52.62 6.04
C PRO F 448 2.46 54.09 6.18
N LYS F 449 1.92 54.45 7.34
CA LYS F 449 1.53 55.82 7.71
C LYS F 449 0.52 56.41 6.74
N CYS F 450 -0.63 55.74 6.64
CA CYS F 450 -1.66 56.06 5.66
C CYS F 450 -3.05 55.91 6.29
N ALA F 451 -3.23 56.43 7.51
CA ALA F 451 -4.34 56.07 8.39
C ALA F 451 -5.63 56.80 8.10
N GLU F 452 -5.75 57.44 6.94
CA GLU F 452 -7.03 57.91 6.42
C GLU F 452 -6.96 57.80 4.92
N LEU F 453 -8.01 57.25 4.31
CA LEU F 453 -8.03 57.09 2.87
C LEU F 453 -9.34 57.61 2.27
N HIS F 454 -9.48 57.39 0.96
CA HIS F 454 -10.57 57.90 0.15
C HIS F 454 -10.92 56.82 -0.87
N TYR F 455 -12.05 56.17 -0.68
CA TYR F 455 -12.51 55.11 -1.58
C TYR F 455 -13.82 55.55 -2.18
N MET F 456 -13.77 55.97 -3.44
CA MET F 456 -14.97 56.41 -4.14
C MET F 456 -15.69 55.15 -4.59
N VAL F 457 -16.69 54.75 -3.82
CA VAL F 457 -17.40 53.50 -4.06
C VAL F 457 -18.33 53.67 -5.25
N VAL F 458 -18.11 52.89 -6.29
CA VAL F 458 -18.83 53.02 -7.55
C VAL F 458 -19.80 51.86 -7.65
N ALA F 459 -21.09 52.18 -7.71
CA ALA F 459 -22.16 51.19 -7.68
C ALA F 459 -22.71 51.02 -9.09
N THR F 460 -22.29 49.95 -9.77
CA THR F 460 -22.64 49.75 -11.16
C THR F 460 -23.70 48.66 -11.29
N ASP F 461 -24.16 48.47 -12.53
CA ASP F 461 -25.11 47.42 -12.91
C ASP F 461 -24.54 46.77 -14.16
N GLN F 462 -25.09 45.61 -14.51
CA GLN F 462 -24.61 44.90 -15.69
C GLN F 462 -25.59 45.03 -16.86
N GLN F 463 -26.90 44.89 -16.58
CA GLN F 463 -27.88 44.92 -17.64
C GLN F 463 -28.25 46.33 -18.09
N THR F 464 -28.02 47.34 -17.24
CA THR F 464 -28.11 48.74 -17.61
C THR F 464 -26.79 49.38 -17.24
N SER F 465 -26.28 50.26 -18.10
CA SER F 465 -24.99 50.89 -17.85
C SER F 465 -25.01 51.92 -16.73
N ARG F 466 -26.18 52.21 -16.15
CA ARG F 466 -26.32 53.16 -15.06
C ARG F 466 -25.53 52.77 -13.83
N GLN F 467 -24.58 53.60 -13.45
CA GLN F 467 -23.88 53.44 -12.21
C GLN F 467 -24.19 54.63 -11.30
N ALA F 468 -23.51 54.67 -10.16
CA ALA F 468 -23.43 55.85 -9.33
C ALA F 468 -22.10 55.79 -8.62
N GLN F 469 -21.83 56.78 -7.78
CA GLN F 469 -20.68 56.66 -6.90
C GLN F 469 -20.98 57.41 -5.61
N ALA F 470 -20.13 57.15 -4.62
CA ALA F 470 -20.32 57.65 -3.26
C ALA F 470 -18.95 57.75 -2.60
N GLN F 471 -18.90 58.47 -1.48
CA GLN F 471 -17.64 58.75 -0.81
C GLN F 471 -17.51 57.90 0.45
N LEU F 472 -16.43 57.13 0.52
CA LEU F 472 -16.04 56.53 1.79
C LEU F 472 -14.95 57.37 2.40
N LEU F 473 -15.17 57.71 3.67
CA LEU F 473 -14.13 58.35 4.47
C LEU F 473 -13.75 57.36 5.55
N VAL F 474 -12.85 56.44 5.20
CA VAL F 474 -12.43 55.36 6.08
C VAL F 474 -11.40 55.88 7.07
N THR F 475 -11.61 55.59 8.35
CA THR F 475 -10.74 56.06 9.43
C THR F 475 -10.06 54.83 10.03
N VAL F 476 -8.73 54.87 10.03
CA VAL F 476 -7.95 53.75 10.57
C VAL F 476 -7.43 54.13 11.95
N GLU F 477 -7.39 53.16 12.88
CA GLU F 477 -7.11 53.48 14.27
C GLU F 477 -5.79 52.90 14.79
N GLY F 478 -4.72 53.01 14.00
CA GLY F 478 -3.40 52.65 14.48
C GLY F 478 -2.81 51.39 13.88
N CYS F 487 0.02 29.31 16.83
CA CYS F 487 -1.25 29.69 16.24
C CYS F 487 -1.47 29.21 14.81
N PRO F 488 -2.66 28.67 14.56
CA PRO F 488 -2.96 28.06 13.26
C PRO F 488 -3.29 29.08 12.20
N LEU F 489 -3.67 28.55 11.04
CA LEU F 489 -4.07 29.32 9.89
C LEU F 489 -5.56 29.65 9.90
N SER F 490 -6.43 28.70 10.28
CA SER F 490 -7.86 28.90 10.32
C SER F 490 -8.34 28.91 11.77
N CYS F 491 -9.58 29.38 11.96
CA CYS F 491 -10.09 29.49 13.33
C CYS F 491 -10.66 28.17 13.82
N ALA F 492 -11.18 27.37 12.91
CA ALA F 492 -11.86 26.13 13.25
C ALA F 492 -10.95 25.05 13.78
N VAL F 493 -9.64 25.22 13.64
CA VAL F 493 -8.73 24.20 14.15
C VAL F 493 -8.69 24.27 15.67
N SER F 494 -9.10 25.40 16.24
CA SER F 494 -9.14 25.57 17.69
C SER F 494 -10.16 24.63 18.33
N LYS F 495 -9.96 24.40 19.61
CA LYS F 495 -10.70 23.36 20.32
C LYS F 495 -11.35 23.83 21.62
N ARG F 496 -10.67 24.68 22.40
CA ARG F 496 -11.19 25.11 23.69
C ARG F 496 -11.65 26.57 23.65
N ARG F 497 -12.06 27.07 24.81
CA ARG F 497 -12.60 28.43 24.84
C ARG F 497 -11.49 29.46 24.77
N LEU F 498 -10.53 29.41 25.69
CA LEU F 498 -9.47 30.41 25.67
C LEU F 498 -8.48 30.13 24.55
N GLU F 499 -8.44 28.89 24.05
CA GLU F 499 -7.64 28.58 22.86
C GLU F 499 -8.13 29.31 21.62
N CYS F 500 -9.42 29.62 21.55
CA CYS F 500 -10.01 30.38 20.45
C CYS F 500 -9.90 31.88 20.69
N GLU F 501 -10.01 32.29 21.95
CA GLU F 501 -10.05 33.70 22.31
C GLU F 501 -8.67 34.32 22.43
N GLU F 502 -7.63 33.51 22.69
CA GLU F 502 -6.27 33.99 22.79
C GLU F 502 -5.47 33.73 21.51
N CYS F 503 -6.13 33.39 20.41
CA CYS F 503 -5.41 33.15 19.18
C CYS F 503 -6.31 33.41 17.97
N GLY F 504 -5.69 33.99 16.94
CA GLY F 504 -6.42 34.42 15.77
C GLY F 504 -6.11 33.63 14.52
N GLY F 505 -7.07 33.61 13.59
CA GLY F 505 -6.93 32.84 12.37
C GLY F 505 -6.70 33.68 11.13
N LEU F 506 -7.44 33.38 10.05
CA LEU F 506 -7.21 33.99 8.75
C LEU F 506 -8.15 35.14 8.45
N GLY F 507 -9.43 35.00 8.77
CA GLY F 507 -10.40 35.99 8.31
C GLY F 507 -10.78 37.06 9.32
N SER F 508 -9.87 37.42 10.19
CA SER F 508 -10.30 38.17 11.36
C SER F 508 -10.38 39.66 11.07
N PRO F 509 -11.53 40.30 11.39
CA PRO F 509 -11.59 41.76 11.40
C PRO F 509 -11.09 42.35 12.70
N THR F 510 -10.89 41.49 13.70
CA THR F 510 -10.46 41.94 15.01
C THR F 510 -9.05 41.45 15.35
N GLY F 511 -8.41 40.72 14.44
CA GLY F 511 -7.17 40.05 14.75
C GLY F 511 -7.34 38.65 15.31
N ARG F 512 -8.31 38.45 16.20
CA ARG F 512 -8.60 37.16 16.78
C ARG F 512 -9.90 36.59 16.23
N CYS F 513 -10.20 35.35 16.60
CA CYS F 513 -11.37 34.61 16.19
C CYS F 513 -12.44 34.79 17.26
N GLU F 514 -13.53 34.02 17.17
CA GLU F 514 -14.54 34.17 18.22
C GLU F 514 -15.25 32.85 18.50
N TRP F 515 -15.35 32.50 19.78
CA TRP F 515 -15.92 31.22 20.18
C TRP F 515 -17.43 31.36 20.31
N ARG F 516 -18.18 30.63 19.50
CA ARG F 516 -19.59 30.47 19.78
C ARG F 516 -19.83 29.13 20.47
N GLN F 517 -20.75 29.15 21.43
CA GLN F 517 -20.89 28.07 22.40
C GLN F 517 -22.36 27.86 22.68
N GLY F 518 -22.93 26.80 22.12
CA GLY F 518 -24.31 26.48 22.38
C GLY F 518 -24.64 25.05 22.00
N LYS F 521 -28.26 21.36 22.18
CA LYS F 521 -28.43 20.13 22.94
C LYS F 521 -27.63 18.99 22.33
N GLY F 522 -28.33 18.06 21.69
CA GLY F 522 -27.67 16.92 21.08
C GLY F 522 -27.35 17.18 19.62
N ILE F 523 -27.97 16.43 18.72
CA ILE F 523 -27.73 16.62 17.31
C ILE F 523 -28.59 17.80 16.88
N THR F 524 -28.10 19.02 17.11
CA THR F 524 -28.89 20.24 17.00
C THR F 524 -28.13 21.27 16.18
N ARG F 525 -28.88 22.23 15.64
CA ARG F 525 -28.27 23.32 14.89
C ARG F 525 -27.46 24.27 15.77
N ASN F 526 -27.79 24.40 17.05
CA ASN F 526 -26.93 25.17 17.94
C ASN F 526 -25.78 24.25 18.34
N PHE F 527 -24.69 24.33 17.59
CA PHE F 527 -23.47 23.64 17.95
C PHE F 527 -22.44 24.70 18.33
N SER F 528 -21.22 24.29 18.65
CA SER F 528 -20.20 25.22 19.09
C SER F 528 -18.98 25.12 18.20
N THR F 529 -18.37 26.27 17.92
CA THR F 529 -17.11 26.28 17.17
C THR F 529 -16.37 27.59 17.42
N CYS F 530 -15.06 27.53 17.25
CA CYS F 530 -14.26 28.73 17.14
C CYS F 530 -14.43 29.30 15.74
N SER F 531 -15.43 30.13 15.55
CA SER F 531 -15.73 30.57 14.21
C SER F 531 -15.20 31.99 14.00
N PRO F 532 -14.80 32.31 12.79
CA PRO F 532 -14.45 33.69 12.49
C PRO F 532 -15.58 34.71 12.58
N SER F 533 -16.64 34.54 11.78
CA SER F 533 -17.62 35.60 11.56
C SER F 533 -18.91 35.21 12.29
N THR F 534 -19.05 35.68 13.52
CA THR F 534 -20.06 35.16 14.46
C THR F 534 -21.50 35.36 14.00
N LYS F 535 -21.75 36.21 13.01
CA LYS F 535 -23.05 36.28 12.35
C LYS F 535 -23.02 35.64 10.96
N THR F 536 -21.85 35.30 10.45
CA THR F 536 -21.75 34.75 9.11
C THR F 536 -21.01 33.42 9.06
N CYS F 537 -20.04 33.17 9.92
CA CYS F 537 -19.43 31.84 9.86
C CYS F 537 -20.35 30.78 10.45
N PRO F 538 -20.68 30.73 11.79
CA PRO F 538 -21.34 29.52 12.30
C PRO F 538 -22.85 29.53 12.04
N ASP F 539 -23.23 29.80 10.80
CA ASP F 539 -24.48 30.46 10.54
C ASP F 539 -25.53 29.60 9.88
N GLY F 540 -25.17 28.86 8.85
CA GLY F 540 -26.13 28.32 7.91
C GLY F 540 -26.11 28.96 6.54
N HIS F 541 -25.22 29.90 6.25
CA HIS F 541 -25.09 30.31 4.86
C HIS F 541 -23.63 30.50 4.49
N CYS F 542 -23.30 30.11 3.26
CA CYS F 542 -21.95 30.01 2.76
C CYS F 542 -21.80 31.04 1.64
N ASP F 543 -21.41 32.27 2.00
CA ASP F 543 -21.38 33.37 1.06
C ASP F 543 -20.03 33.43 0.33
N VAL F 544 -19.83 34.47 -0.47
CA VAL F 544 -18.63 34.58 -1.29
C VAL F 544 -17.50 35.22 -0.48
N VAL F 545 -17.83 35.76 0.70
CA VAL F 545 -16.81 36.10 1.69
C VAL F 545 -16.05 34.86 2.14
N GLU F 546 -16.77 33.75 2.32
CA GLU F 546 -16.18 32.57 2.95
C GLU F 546 -15.57 31.58 1.95
N THR F 547 -15.82 31.70 0.65
CA THR F 547 -15.50 30.61 -0.29
C THR F 547 -14.38 30.90 -1.30
N GLN F 548 -13.58 31.95 -1.10
CA GLN F 548 -12.51 32.23 -2.07
C GLN F 548 -11.37 31.21 -1.96
N ASP F 549 -10.67 31.19 -0.82
CA ASP F 549 -9.76 30.10 -0.52
C ASP F 549 -10.28 29.30 0.67
N ILE F 550 -10.00 28.01 0.65
CA ILE F 550 -10.74 27.07 1.48
C ILE F 550 -9.98 26.98 2.80
N ASN F 551 -10.09 28.05 3.58
CA ASN F 551 -9.60 28.13 4.95
C ASN F 551 -10.45 29.01 5.85
N ILE F 552 -11.41 29.75 5.30
CA ILE F 552 -11.93 30.94 5.97
C ILE F 552 -12.93 30.54 7.06
N CYS F 553 -14.06 30.00 6.64
CA CYS F 553 -15.12 29.57 7.54
C CYS F 553 -15.61 28.23 7.03
N PRO F 554 -15.11 27.13 7.57
CA PRO F 554 -15.42 25.83 6.97
C PRO F 554 -16.69 25.19 7.47
N GLN F 555 -17.10 25.45 8.73
CA GLN F 555 -18.28 24.86 9.37
C GLN F 555 -19.52 25.06 8.55
N ASP F 556 -19.58 26.17 7.89
CA ASP F 556 -20.62 26.45 6.95
C ASP F 556 -20.16 26.23 5.52
N CYS F 557 -18.87 25.92 5.25
CA CYS F 557 -18.44 25.86 3.87
C CYS F 557 -17.43 24.75 3.54
N LEU F 558 -17.15 23.81 4.43
CA LEU F 558 -16.27 22.74 3.98
C LEU F 558 -17.06 21.71 3.18
N ARG F 559 -16.34 20.90 2.40
CA ARG F 559 -16.92 19.72 1.79
C ARG F 559 -16.04 18.55 2.23
N GLY F 560 -16.34 18.01 3.41
CA GLY F 560 -15.59 16.88 3.93
C GLY F 560 -16.55 15.76 4.33
N SER F 561 -16.25 15.14 5.48
CA SER F 561 -17.15 14.13 6.03
C SER F 561 -16.86 14.09 7.54
N ILE F 562 -17.72 14.73 8.30
CA ILE F 562 -17.51 14.85 9.74
C ILE F 562 -17.75 13.51 10.40
N VAL F 563 -16.78 13.05 11.18
CA VAL F 563 -17.00 11.97 12.11
C VAL F 563 -17.69 12.53 13.35
N GLY F 564 -18.71 11.84 13.83
CA GLY F 564 -19.42 12.22 15.03
C GLY F 564 -20.91 12.12 14.86
N GLY F 565 -21.61 12.32 15.97
CA GLY F 565 -23.05 12.44 15.87
C GLY F 565 -23.34 13.72 15.14
N HIS F 566 -23.70 13.61 13.87
CA HIS F 566 -23.78 14.77 13.02
C HIS F 566 -25.16 14.76 12.36
N GLU F 567 -25.40 15.75 11.57
CA GLU F 567 -26.52 15.82 10.68
C GLU F 567 -26.07 16.78 9.60
N PRO F 568 -25.95 16.35 8.35
CA PRO F 568 -25.23 17.13 7.35
C PRO F 568 -25.91 18.43 7.00
N GLY F 569 -25.10 19.47 6.86
CA GLY F 569 -25.61 20.73 6.35
C GLY F 569 -26.15 20.56 4.95
N GLU F 570 -27.33 21.11 4.74
CA GLU F 570 -28.10 20.81 3.55
C GLU F 570 -27.44 21.34 2.27
N PRO F 571 -26.74 22.48 2.25
CA PRO F 571 -25.80 22.67 1.13
C PRO F 571 -24.60 21.76 1.30
N ARG F 572 -24.01 21.84 2.49
CA ARG F 572 -22.74 21.26 2.87
C ARG F 572 -22.49 21.66 4.31
N GLY F 573 -21.43 21.14 4.89
CA GLY F 573 -21.04 21.55 6.20
C GLY F 573 -21.95 20.99 7.27
N ILE F 574 -22.09 21.76 8.33
CA ILE F 574 -22.79 21.30 9.51
C ILE F 574 -24.24 21.72 9.38
N LYS F 575 -25.16 20.80 9.62
CA LYS F 575 -26.47 21.22 10.11
C LYS F 575 -26.57 20.93 11.60
N ALA F 576 -25.89 19.89 12.05
CA ALA F 576 -25.84 19.57 13.47
C ALA F 576 -24.61 18.73 13.76
N GLY F 577 -24.05 18.88 14.96
CA GLY F 577 -22.88 18.12 15.37
C GLY F 577 -22.69 17.98 16.87
N TYR F 578 -22.20 16.83 17.33
CA TYR F 578 -22.19 16.49 18.77
C TYR F 578 -20.99 17.11 19.48
N GLY F 579 -21.23 17.60 20.70
CA GLY F 579 -20.19 17.90 21.65
C GLY F 579 -19.42 19.15 21.29
N THR F 580 -18.16 18.95 20.92
CA THR F 580 -17.33 19.98 20.33
C THR F 580 -17.01 19.57 18.90
N CYS F 581 -16.89 20.54 18.01
CA CYS F 581 -16.56 20.26 16.60
C CYS F 581 -15.40 21.14 16.17
N ASN F 582 -14.27 20.54 15.83
CA ASN F 582 -13.11 21.28 15.31
C ASN F 582 -12.66 20.69 13.99
N CYS F 583 -11.94 21.49 13.20
CA CYS F 583 -11.73 21.17 11.79
C CYS F 583 -10.27 21.24 11.40
N PHE F 584 -9.90 20.40 10.43
CA PHE F 584 -8.56 20.34 9.87
C PHE F 584 -8.77 20.39 8.36
N PRO F 585 -8.63 21.56 7.75
CA PRO F 585 -9.14 21.74 6.39
C PRO F 585 -8.19 21.30 5.31
N GLU F 586 -6.89 21.20 5.59
CA GLU F 586 -5.95 20.72 4.57
C GLU F 586 -6.14 19.25 4.26
N GLU F 587 -6.61 18.45 5.23
CA GLU F 587 -7.09 17.11 4.97
C GLU F 587 -8.54 17.10 4.54
N GLU F 588 -9.21 18.25 4.57
CA GLU F 588 -10.61 18.45 4.19
C GLU F 588 -11.54 17.62 5.09
N LYS F 589 -11.37 17.81 6.40
CA LYS F 589 -12.11 16.95 7.32
C LYS F 589 -12.33 17.66 8.64
N CYS F 590 -13.50 17.46 9.23
CA CYS F 590 -13.80 17.99 10.54
C CYS F 590 -14.16 16.83 11.46
N PHE F 591 -14.40 17.15 12.72
CA PHE F 591 -14.68 16.14 13.73
C PHE F 591 -15.65 16.71 14.75
N CYS F 592 -16.65 15.92 15.09
CA CYS F 592 -17.54 16.25 16.19
C CYS F 592 -17.39 15.21 17.26
N GLU F 593 -16.98 15.66 18.43
CA GLU F 593 -16.54 14.82 19.52
C GLU F 593 -16.51 15.68 20.79
N PRO F 594 -17.08 15.22 21.91
CA PRO F 594 -17.11 16.03 23.14
C PRO F 594 -15.74 16.28 23.77
#